data_9EC2
#
_entry.id   9EC2
#
_cell.length_a   81.347
_cell.length_b   94.274
_cell.length_c   96.579
_cell.angle_alpha   73.047
_cell.angle_beta   71.481
_cell.angle_gamma   65.203
#
_symmetry.space_group_name_H-M   'P 1'
#
loop_
_entity.id
_entity.type
_entity.pdbx_description
1 polymer 'Deoxynucleoside triphosphate triphosphohydrolase SAMHD1'
2 non-polymer N-[5-({2-[(2-amino-6-oxo-1,6-dihydro-9H-purin-9-yl)methoxy]ethyl}amino)-5-oxopentyl]-4,7-dibromo-3-hydroxynaphthalene-2-carboxamide
3 non-polymer 'FE (III) ION'
4 water water
#
_entity_poly.entity_id   1
_entity_poly.type   'polypeptide(L)'
_entity_poly.pdbx_seq_one_letter_code
;SMDTMKVINDPIHGHIELHPLLVRIIDTPQFQRLRYIKQLGGGYYVFPGASHNRFEHSLGVGYLAGCLVHALGEKQPELQ
ISERDVLCVQIAGLCHDLGHGPFSHMFDGRFIPLARPEVKWTHEQGSVMMFEHLINSNGIKPVMEQYGLIPEEDICFIKE
QIVGPLESPVEDSLWPYKGRPENKSFLYEIVSNKRNGIDVDKWDYFARDCHHLGIQNNFDYKRFIKFARVCEVDNELRIC
ARDKEVGNLYDMFHTRNSLHRRAYQHKVGNIIDTMITDAFLKADDYIEITGAGGKKYRISTAIDDMEAYTKLTDNIFLEI
LYSTDPKLKDAREILKQIEYRNLFKYVGETQPTGQIKIKREDYESLPKEVASAKPKVLLDVKLKAEDFIVDVINMDYGMQ
EKNPIDHVSFYCKTAPNRAIRITKNQVSQLLPEKFAEQLIRVYCKKVDRKSLYAARQYFVQWCADRNFTKPQDGDVIAPL
ITPQKKEWNDSTSVQNPTRLREASKSRVQLFKDDPM
;
_entity_poly.pdbx_strand_id   A,B,C,D
#
# COMPACT_ATOMS: atom_id res chain seq x y z
N SER A 1 33.10 11.24 3.52
CA SER A 1 32.94 10.16 4.52
C SER A 1 32.96 10.77 5.94
N MET A 2 34.09 10.60 6.65
CA MET A 2 34.19 11.01 8.05
C MET A 2 33.01 10.48 8.87
N ASP A 3 31.80 10.99 8.62
CA ASP A 3 30.58 10.50 9.24
C ASP A 3 29.61 10.01 8.18
N THR A 4 28.45 9.56 8.62
CA THR A 4 27.51 8.92 7.70
C THR A 4 26.08 9.16 8.15
N MET A 5 25.16 9.13 7.17
CA MET A 5 23.74 9.23 7.49
C MET A 5 23.31 7.93 8.16
N LYS A 6 22.27 8.02 8.99
CA LYS A 6 21.76 6.85 9.71
C LYS A 6 20.29 6.66 9.39
N VAL A 7 19.84 5.41 9.41
CA VAL A 7 18.45 5.07 9.12
C VAL A 7 17.69 4.84 10.42
N ILE A 8 16.57 5.54 10.58
CA ILE A 8 15.66 5.32 11.68
C ILE A 8 14.36 4.77 11.10
N ASN A 9 13.85 3.73 11.70
CA ASN A 9 12.65 3.06 11.20
C ASN A 9 11.47 3.57 12.02
N ASP A 10 10.69 4.48 11.42
CA ASP A 10 9.53 5.10 12.04
C ASP A 10 8.25 4.49 11.49
N PRO A 11 7.21 4.30 12.31
CA PRO A 11 6.00 3.62 11.80
C PRO A 11 5.15 4.47 10.87
N ILE A 12 5.34 5.77 10.84
CA ILE A 12 4.59 6.65 9.97
C ILE A 12 5.34 6.91 8.67
N HIS A 13 6.65 7.19 8.74
CA HIS A 13 7.43 7.58 7.57
C HIS A 13 8.31 6.48 7.01
N GLY A 14 8.41 5.34 7.68
CA GLY A 14 9.26 4.26 7.18
C GLY A 14 10.73 4.54 7.45
N HIS A 15 11.56 4.37 6.41
CA HIS A 15 13.00 4.59 6.55
C HIS A 15 13.31 6.09 6.48
N ILE A 16 13.91 6.59 7.55
CA ILE A 16 14.28 7.98 7.68
C ILE A 16 15.79 8.03 7.58
N GLU A 17 16.31 8.64 6.52
CA GLU A 17 17.72 8.97 6.45
C GLU A 17 17.99 10.26 7.21
N LEU A 18 19.12 10.30 7.89
CA LEU A 18 19.52 11.46 8.67
C LEU A 18 20.96 11.83 8.41
N HIS A 19 21.18 13.06 7.92
CA HIS A 19 22.51 13.63 7.80
C HIS A 19 23.22 13.60 9.15
N PRO A 20 24.51 13.27 9.17
CA PRO A 20 25.21 13.14 10.47
C PRO A 20 25.11 14.37 11.35
N LEU A 21 24.99 15.58 10.80
CA LEU A 21 24.79 16.76 11.64
C LEU A 21 23.52 16.64 12.45
N LEU A 22 22.43 16.21 11.79
CA LEU A 22 21.17 15.97 12.51
C LEU A 22 21.37 14.93 13.60
N VAL A 23 22.19 13.91 13.36
CA VAL A 23 22.41 12.88 14.37
C VAL A 23 23.17 13.46 15.55
N ARG A 24 24.18 14.28 15.29
CA ARG A 24 24.91 14.91 16.38
C ARG A 24 23.99 15.80 17.20
N ILE A 25 22.99 16.40 16.57
CA ILE A 25 22.03 17.21 17.33
C ILE A 25 21.09 16.32 18.11
N ILE A 26 20.78 15.12 17.61
CA ILE A 26 19.86 14.21 18.32
C ILE A 26 20.53 13.57 19.53
N ASP A 27 21.78 13.18 19.43
CA ASP A 27 22.44 12.42 20.49
C ASP A 27 23.03 13.38 21.53
N THR A 28 22.11 14.10 22.19
CA THR A 28 22.44 15.13 23.14
C THR A 28 21.38 15.02 24.21
N PRO A 29 21.73 15.26 25.49
CA PRO A 29 20.71 15.15 26.55
C PRO A 29 19.58 16.13 26.33
N GLN A 30 19.88 17.28 25.74
CA GLN A 30 18.87 18.29 25.50
C GLN A 30 17.82 17.82 24.51
N PHE A 31 18.18 16.95 23.56
CA PHE A 31 17.21 16.45 22.59
C PHE A 31 16.55 15.17 23.09
N GLN A 32 17.36 14.24 23.58
CA GLN A 32 16.85 12.97 24.10
C GLN A 32 15.83 13.19 25.22
N ARG A 33 15.88 14.37 25.84
CA ARG A 33 14.87 14.76 26.81
C ARG A 33 13.46 14.53 26.29
N LEU A 34 13.26 14.68 24.99
CA LEU A 34 11.90 14.60 24.45
C LEU A 34 11.34 13.17 24.45
N ARG A 35 12.15 12.15 24.76
CA ARG A 35 11.62 10.81 24.92
C ARG A 35 10.77 10.70 26.16
N TYR A 36 10.78 11.74 27.01
CA TYR A 36 10.12 11.68 28.32
C TYR A 36 9.05 12.76 28.49
N ILE A 37 8.49 13.24 27.39
CA ILE A 37 7.42 14.23 27.39
C ILE A 37 6.36 13.69 26.43
N LYS A 38 5.27 13.15 26.99
CA LYS A 38 4.23 12.57 26.15
C LYS A 38 3.62 13.65 25.26
N GLN A 39 3.48 13.34 23.96
CA GLN A 39 2.92 14.28 22.99
C GLN A 39 1.61 14.89 23.46
N LEU A 40 0.63 14.06 23.77
CA LEU A 40 -0.73 14.53 24.04
C LEU A 40 -0.99 14.77 25.51
N GLY A 41 0.08 14.81 26.33
CA GLY A 41 -0.03 15.08 27.76
C GLY A 41 -0.94 14.05 28.43
N GLY A 42 -1.98 14.54 29.08
CA GLY A 42 -2.90 13.66 29.78
C GLY A 42 -3.85 12.89 28.90
N GLY A 43 -3.81 13.10 27.58
CA GLY A 43 -4.62 12.30 26.69
C GLY A 43 -4.37 10.82 26.87
N TYR A 44 -3.13 10.46 27.21
CA TYR A 44 -2.78 9.07 27.45
C TYR A 44 -3.71 8.45 28.49
N TYR A 45 -4.09 9.23 29.51
CA TYR A 45 -4.98 8.70 30.56
C TYR A 45 -6.40 8.55 30.07
N VAL A 46 -6.66 8.85 28.80
CA VAL A 46 -7.97 8.65 28.17
C VAL A 46 -7.86 7.74 26.94
N PHE A 47 -6.84 7.90 26.14
CA PHE A 47 -6.60 7.06 24.97
C PHE A 47 -5.41 6.15 25.24
N PRO A 48 -5.60 4.84 25.42
CA PRO A 48 -4.46 4.00 25.81
C PRO A 48 -3.36 3.99 24.80
N GLY A 49 -3.64 4.29 23.55
CA GLY A 49 -2.60 4.28 22.56
C GLY A 49 -1.72 5.51 22.53
N ALA A 50 -2.04 6.55 23.30
CA ALA A 50 -1.32 7.83 23.21
C ALA A 50 -0.13 7.84 24.14
N SER A 51 0.69 6.81 23.95
CA SER A 51 1.94 6.64 24.69
C SER A 51 3.09 7.44 24.10
N HIS A 52 2.88 8.14 22.98
CA HIS A 52 3.99 8.64 22.19
C HIS A 52 4.45 9.97 22.76
N ASN A 53 5.70 10.30 22.44
CA ASN A 53 6.40 11.43 23.03
C ASN A 53 6.90 12.35 21.94
N ARG A 54 7.22 13.59 22.36
CA ARG A 54 7.70 14.63 21.45
C ARG A 54 8.92 14.22 20.63
N PHE A 55 9.71 13.24 21.10
CA PHE A 55 10.92 12.83 20.39
C PHE A 55 10.58 12.24 19.01
N GLU A 56 9.71 11.24 18.98
CA GLU A 56 9.30 10.68 17.70
C GLU A 56 8.76 11.77 16.76
N HIS A 57 7.79 12.55 17.23
CA HIS A 57 7.21 13.59 16.41
C HIS A 57 8.28 14.55 15.89
N SER A 58 9.26 14.89 16.73
CA SER A 58 10.29 15.82 16.28
C SER A 58 11.08 15.23 15.13
N LEU A 59 11.47 13.96 15.25
CA LEU A 59 12.18 13.32 14.13
C LEU A 59 11.32 13.38 12.87
N GLY A 60 10.02 13.13 13.01
CA GLY A 60 9.17 13.14 11.83
C GLY A 60 9.11 14.50 11.18
N VAL A 61 9.02 15.55 11.99
CA VAL A 61 8.99 16.92 11.47
C VAL A 61 10.27 17.23 10.73
N GLY A 62 11.41 16.83 11.30
CA GLY A 62 12.66 17.05 10.58
C GLY A 62 12.69 16.36 9.24
N TYR A 63 12.25 15.11 9.22
CA TYR A 63 12.26 14.35 7.97
C TYR A 63 11.35 14.99 6.93
N LEU A 64 10.15 15.41 7.36
CA LEU A 64 9.21 16.00 6.42
C LEU A 64 9.70 17.34 5.89
N ALA A 65 10.29 18.15 6.78
CA ALA A 65 10.90 19.41 6.37
C ALA A 65 11.92 19.18 5.27
N GLY A 66 12.79 18.18 5.47
CA GLY A 66 13.78 17.90 4.44
C GLY A 66 13.15 17.47 3.13
N CYS A 67 12.20 16.52 3.20
CA CYS A 67 11.54 16.06 1.98
C CYS A 67 10.97 17.24 1.19
N LEU A 68 10.27 18.15 1.87
CA LEU A 68 9.56 19.20 1.15
C LEU A 68 10.53 20.21 0.54
N VAL A 69 11.50 20.70 1.33
CA VAL A 69 12.43 21.66 0.76
C VAL A 69 13.22 21.05 -0.39
N HIS A 70 13.54 19.75 -0.31
CA HIS A 70 14.26 19.07 -1.37
C HIS A 70 13.41 18.95 -2.62
N ALA A 71 12.12 18.66 -2.46
CA ALA A 71 11.24 18.57 -3.61
C ALA A 71 11.10 19.90 -4.32
N LEU A 72 10.99 20.99 -3.55
CA LEU A 72 10.88 22.31 -4.18
C LEU A 72 12.16 22.69 -4.91
N GLY A 73 13.32 22.31 -4.37
CA GLY A 73 14.56 22.57 -5.09
C GLY A 73 14.71 21.74 -6.34
N GLU A 74 14.25 20.48 -6.30
CA GLU A 74 14.35 19.61 -7.47
C GLU A 74 13.45 20.11 -8.57
N LYS A 75 12.20 20.43 -8.24
CA LYS A 75 11.23 20.89 -9.23
C LYS A 75 11.55 22.30 -9.72
N GLN A 76 11.89 23.21 -8.80
CA GLN A 76 12.12 24.62 -9.13
C GLN A 76 13.54 25.00 -8.75
N PRO A 77 14.52 24.72 -9.61
CA PRO A 77 15.90 25.13 -9.30
C PRO A 77 16.09 26.63 -9.23
N GLU A 78 15.20 27.43 -9.81
CA GLU A 78 15.40 28.88 -9.86
C GLU A 78 15.37 29.51 -8.47
N LEU A 79 14.79 28.81 -7.49
CA LEU A 79 14.73 29.30 -6.12
C LEU A 79 16.09 29.39 -5.44
N GLN A 80 17.13 28.84 -6.06
CA GLN A 80 18.48 28.84 -5.48
C GLN A 80 18.51 28.13 -4.13
N ILE A 81 17.74 27.04 -3.99
CA ILE A 81 17.79 26.26 -2.76
C ILE A 81 19.09 25.48 -2.71
N SER A 82 19.83 25.62 -1.61
CA SER A 82 21.11 24.96 -1.41
C SER A 82 20.94 23.81 -0.44
N GLU A 83 21.92 22.90 -0.43
CA GLU A 83 21.92 21.83 0.57
C GLU A 83 22.06 22.41 1.98
N ARG A 84 22.69 23.58 2.10
CA ARG A 84 22.77 24.29 3.38
C ARG A 84 21.38 24.73 3.85
N ASP A 85 20.59 25.33 2.95
CA ASP A 85 19.23 25.68 3.28
C ASP A 85 18.43 24.46 3.72
N VAL A 86 18.61 23.34 3.00
CA VAL A 86 17.93 22.10 3.37
C VAL A 86 18.28 21.71 4.80
N LEU A 87 19.57 21.71 5.12
CA LEU A 87 19.97 21.31 6.47
C LEU A 87 19.37 22.22 7.53
N CYS A 88 19.40 23.54 7.28
CA CYS A 88 18.83 24.45 8.27
C CYS A 88 17.34 24.19 8.48
N VAL A 89 16.59 23.93 7.39
CA VAL A 89 15.17 23.65 7.53
C VAL A 89 14.95 22.35 8.32
N GLN A 90 15.77 21.33 8.05
CA GLN A 90 15.67 20.09 8.82
C GLN A 90 15.98 20.31 10.29
N ILE A 91 17.01 21.11 10.60
CA ILE A 91 17.33 21.35 12.00
C ILE A 91 16.19 22.08 12.69
N ALA A 92 15.59 23.06 12.00
CA ALA A 92 14.43 23.76 12.55
C ALA A 92 13.28 22.81 12.81
N GLY A 93 12.99 21.92 11.86
CA GLY A 93 11.92 20.95 12.06
C GLY A 93 12.20 20.01 13.22
N LEU A 94 13.44 19.54 13.32
CA LEU A 94 13.82 18.65 14.42
C LEU A 94 13.61 19.31 15.78
N CYS A 95 13.95 20.60 15.90
CA CYS A 95 14.01 21.26 17.20
C CYS A 95 12.80 22.16 17.50
N HIS A 96 11.80 22.21 16.63
CA HIS A 96 10.67 23.10 16.84
C HIS A 96 9.98 22.85 18.18
N ASP A 97 10.13 21.64 18.74
CA ASP A 97 9.46 21.30 19.98
C ASP A 97 10.43 21.07 21.14
N LEU A 98 11.67 21.52 21.04
CA LEU A 98 12.65 21.25 22.08
C LEU A 98 12.22 21.87 23.41
N GLY A 99 11.45 22.94 23.36
CA GLY A 99 11.06 23.71 24.52
C GLY A 99 9.84 23.27 25.28
N HIS A 100 9.16 22.20 24.87
CA HIS A 100 7.98 21.76 25.58
C HIS A 100 8.33 21.31 26.98
N GLY A 101 7.34 21.39 27.85
CA GLY A 101 7.52 21.02 29.23
C GLY A 101 6.72 19.78 29.55
N PRO A 102 6.72 19.34 30.82
CA PRO A 102 5.99 18.12 31.17
C PRO A 102 4.58 18.19 30.62
N PHE A 103 4.17 17.15 29.90
CA PHE A 103 2.83 17.01 29.36
C PHE A 103 2.50 18.06 28.30
N SER A 104 3.52 18.55 27.60
CA SER A 104 3.37 19.34 26.37
C SER A 104 2.49 20.56 26.64
N HIS A 105 1.40 20.77 25.89
CA HIS A 105 0.69 22.04 25.92
C HIS A 105 0.11 22.31 27.30
N MET A 106 0.06 21.33 28.17
CA MET A 106 -0.37 21.58 29.53
C MET A 106 0.54 22.59 30.24
N PHE A 107 1.84 22.54 29.95
CA PHE A 107 2.81 23.28 30.75
C PHE A 107 2.76 24.76 30.43
N ASP A 108 3.03 25.11 29.17
CA ASP A 108 3.08 26.52 28.79
C ASP A 108 1.70 27.13 28.62
N GLY A 109 0.67 26.31 28.46
CA GLY A 109 -0.68 26.82 28.24
C GLY A 109 -1.61 26.82 29.42
N ARG A 110 -1.22 26.20 30.52
CA ARG A 110 -2.04 26.26 31.73
C ARG A 110 -1.21 26.39 33.01
N PHE A 111 -0.14 25.60 33.15
CA PHE A 111 0.60 25.60 34.41
C PHE A 111 1.35 26.91 34.63
N ILE A 112 2.25 27.30 33.73
CA ILE A 112 2.99 28.54 33.89
C ILE A 112 2.03 29.73 34.05
N PRO A 113 0.96 29.83 33.26
CA PRO A 113 0.01 30.94 33.50
C PRO A 113 -0.54 30.94 34.92
N LEU A 114 -0.87 29.76 35.47
CA LEU A 114 -1.41 29.70 36.83
C LEU A 114 -0.35 29.89 37.91
N ALA A 115 0.89 29.52 37.62
CA ALA A 115 2.00 29.62 38.57
C ALA A 115 2.67 30.98 38.52
N ARG A 116 2.80 31.56 37.32
CA ARG A 116 3.48 32.84 37.13
C ARG A 116 2.67 33.70 36.16
N PRO A 117 1.59 34.31 36.63
CA PRO A 117 0.72 35.07 35.71
C PRO A 117 1.43 36.25 35.09
N GLU A 118 2.46 36.79 35.75
CA GLU A 118 3.18 37.94 35.25
C GLU A 118 4.17 37.55 34.14
N VAL A 119 4.54 36.25 34.07
CA VAL A 119 5.47 35.79 33.03
C VAL A 119 4.69 35.50 31.74
N LYS A 120 5.34 35.80 30.59
CA LYS A 120 4.86 35.47 29.26
C LYS A 120 5.84 34.45 28.69
N TRP A 121 5.48 33.18 28.76
CA TRP A 121 6.33 32.07 28.33
C TRP A 121 5.53 31.21 27.37
N THR A 122 6.18 30.83 26.26
CA THR A 122 5.58 29.87 25.34
C THR A 122 6.60 28.79 24.98
N HIS A 123 6.11 27.62 24.55
CA HIS A 123 7.02 26.52 24.23
C HIS A 123 7.96 26.90 23.10
N GLU A 124 7.55 27.81 22.24
CA GLU A 124 8.42 28.20 21.14
C GLU A 124 9.65 28.95 21.65
N GLN A 125 9.46 29.95 22.52
CA GLN A 125 10.65 30.59 23.10
C GLN A 125 11.53 29.55 23.79
N GLY A 126 10.90 28.63 24.51
CA GLY A 126 11.64 27.55 25.13
C GLY A 126 12.46 26.76 24.12
N SER A 127 11.89 26.51 22.95
CA SER A 127 12.61 25.79 21.92
C SER A 127 13.84 26.54 21.47
N VAL A 128 13.71 27.86 21.27
CA VAL A 128 14.88 28.62 20.86
C VAL A 128 15.96 28.62 21.95
N MET A 129 15.56 28.80 23.22
CA MET A 129 16.52 28.79 24.33
C MET A 129 17.20 27.42 24.44
N MET A 130 16.40 26.34 24.44
CA MET A 130 16.95 25.00 24.47
C MET A 130 17.88 24.74 23.29
N PHE A 131 17.52 25.21 22.10
CA PHE A 131 18.39 24.97 20.96
C PHE A 131 19.75 25.62 21.19
N GLU A 132 19.75 26.87 21.65
CA GLU A 132 21.02 27.52 21.97
C GLU A 132 21.79 26.70 22.98
N HIS A 133 21.09 26.23 24.02
CA HIS A 133 21.76 25.48 25.08
C HIS A 133 22.34 24.19 24.55
N LEU A 134 21.63 23.52 23.63
CA LEU A 134 22.11 22.29 23.02
C LEU A 134 23.32 22.54 22.14
N ILE A 135 23.30 23.66 21.39
CA ILE A 135 24.47 24.01 20.60
C ILE A 135 25.69 24.17 21.48
N ASN A 136 25.54 24.84 22.62
CA ASN A 136 26.71 25.21 23.41
C ASN A 136 27.16 24.14 24.41
N SER A 137 26.22 23.37 24.98
CA SER A 137 26.60 22.31 25.91
C SER A 137 27.27 21.14 25.22
N ASN A 138 27.05 21.02 23.91
CA ASN A 138 27.76 20.10 23.02
C ASN A 138 28.55 20.94 22.02
N GLY A 139 29.17 20.29 21.06
CA GLY A 139 30.08 21.00 20.18
C GLY A 139 29.55 21.22 18.78
N ILE A 140 28.35 21.79 18.66
CA ILE A 140 27.63 21.71 17.40
C ILE A 140 28.01 22.79 16.40
N LYS A 141 28.51 23.93 16.84
CA LYS A 141 28.91 24.98 15.91
C LYS A 141 30.02 24.50 14.98
N PRO A 142 31.11 23.93 15.48
CA PRO A 142 32.14 23.43 14.56
C PRO A 142 31.64 22.35 13.61
N VAL A 143 30.64 21.56 14.00
CA VAL A 143 30.12 20.54 13.09
C VAL A 143 29.32 21.20 11.98
N MET A 144 28.55 22.25 12.35
CA MET A 144 27.87 23.06 11.34
C MET A 144 28.87 23.57 10.32
N GLU A 145 29.97 24.13 10.80
CA GLU A 145 30.98 24.60 9.86
C GLU A 145 31.54 23.44 9.04
N GLN A 146 31.69 22.28 9.66
CA GLN A 146 32.23 21.13 8.94
C GLN A 146 31.33 20.72 7.79
N TYR A 147 30.02 21.03 7.87
CA TYR A 147 29.09 20.65 6.81
C TYR A 147 28.54 21.86 6.06
N GLY A 148 29.28 22.95 6.04
CA GLY A 148 28.93 24.05 5.15
C GLY A 148 28.08 25.13 5.77
N LEU A 149 27.48 24.88 6.93
CA LEU A 149 26.64 25.88 7.54
C LEU A 149 27.48 27.05 8.06
N ILE A 150 26.88 28.24 8.02
CA ILE A 150 27.47 29.44 8.60
C ILE A 150 26.75 29.65 9.93
N PRO A 151 27.35 29.30 11.07
CA PRO A 151 26.57 29.28 12.31
C PRO A 151 25.85 30.58 12.61
N GLU A 152 26.46 31.76 12.40
CA GLU A 152 25.75 32.99 12.76
C GLU A 152 24.43 33.10 12.00
N GLU A 153 24.49 33.18 10.67
CA GLU A 153 23.27 33.32 9.89
C GLU A 153 22.32 32.15 10.10
N ASP A 154 22.87 30.92 10.08
CA ASP A 154 22.02 29.73 10.03
C ASP A 154 21.36 29.47 11.38
N ILE A 155 22.08 29.68 12.47
CA ILE A 155 21.45 29.62 13.79
C ILE A 155 20.33 30.63 13.86
N CYS A 156 20.58 31.86 13.39
CA CYS A 156 19.50 32.85 13.38
C CYS A 156 18.30 32.35 12.57
N PHE A 157 18.57 31.79 11.39
CA PHE A 157 17.52 31.28 10.49
C PHE A 157 16.71 30.18 11.16
N ILE A 158 17.38 29.22 11.79
CA ILE A 158 16.68 28.12 12.46
C ILE A 158 15.76 28.66 13.56
N LYS A 159 16.30 29.54 14.40
CA LYS A 159 15.51 30.12 15.48
C LYS A 159 14.34 30.94 14.95
N GLU A 160 14.56 31.68 13.85
CA GLU A 160 13.47 32.47 13.28
C GLU A 160 12.37 31.58 12.73
N GLN A 161 12.74 30.43 12.18
CA GLN A 161 11.72 29.47 11.78
C GLN A 161 10.93 28.98 12.99
N ILE A 162 11.57 28.88 14.15
CA ILE A 162 10.87 28.27 15.28
C ILE A 162 9.95 29.28 15.97
N VAL A 163 10.40 30.52 16.15
CA VAL A 163 9.66 31.47 16.98
C VAL A 163 9.08 32.66 16.17
N GLY A 164 9.57 32.90 14.96
CA GLY A 164 9.10 34.03 14.19
C GLY A 164 10.04 35.22 14.22
N PRO A 165 9.54 36.37 13.77
CA PRO A 165 10.40 37.56 13.68
C PRO A 165 10.67 38.18 15.03
N LEU A 166 11.79 38.90 15.12
CA LEU A 166 12.14 39.63 16.34
C LEU A 166 11.03 40.59 16.75
N VAL A 170 7.42 45.63 15.39
CA VAL A 170 8.10 45.78 14.10
C VAL A 170 7.06 46.06 13.02
N GLU A 171 6.72 47.34 12.82
CA GLU A 171 5.65 47.73 11.88
C GLU A 171 6.24 48.37 10.61
N ASP A 172 7.39 47.90 10.15
CA ASP A 172 8.04 48.59 9.05
C ASP A 172 7.57 48.08 7.70
N SER A 173 6.91 46.90 7.69
CA SER A 173 6.42 46.23 6.49
C SER A 173 7.55 45.83 5.55
N LEU A 174 8.79 46.08 5.97
CA LEU A 174 9.97 45.59 5.28
C LEU A 174 10.23 44.16 5.73
N TRP A 175 11.25 43.53 5.16
CA TRP A 175 11.53 42.13 5.45
C TRP A 175 12.00 41.96 6.88
N PRO A 176 11.22 41.30 7.75
CA PRO A 176 11.58 41.28 9.17
C PRO A 176 12.71 40.31 9.45
N TYR A 177 12.74 39.19 8.73
CA TYR A 177 13.72 38.16 9.01
C TYR A 177 15.11 38.59 8.54
N LYS A 178 16.13 38.08 9.25
CA LYS A 178 17.53 38.31 8.94
C LYS A 178 18.32 37.03 8.66
N GLY A 179 17.79 35.85 8.96
CA GLY A 179 18.57 34.65 8.77
C GLY A 179 18.70 34.23 7.33
N ARG A 180 17.67 34.49 6.53
CA ARG A 180 17.70 34.36 5.09
C ARG A 180 17.02 35.59 4.52
N PRO A 181 17.32 35.95 3.27
CA PRO A 181 16.69 37.14 2.67
C PRO A 181 15.26 36.85 2.20
N GLU A 182 14.58 37.93 1.80
CA GLU A 182 13.18 37.83 1.39
C GLU A 182 13.02 37.00 0.11
N ASN A 183 14.08 36.93 -0.69
CA ASN A 183 14.06 36.09 -1.90
C ASN A 183 13.76 34.62 -1.59
N LYS A 184 13.85 34.23 -0.31
CA LYS A 184 13.59 32.87 0.12
C LYS A 184 12.51 32.81 1.18
N SER A 185 11.59 33.78 1.17
CA SER A 185 10.61 33.87 2.24
C SER A 185 9.86 32.56 2.43
N PHE A 186 9.67 31.80 1.35
CA PHE A 186 8.85 30.60 1.44
C PHE A 186 9.46 29.56 2.38
N LEU A 187 10.78 29.55 2.59
CA LEU A 187 11.30 28.54 3.51
C LEU A 187 10.78 28.75 4.92
N TYR A 188 10.37 29.96 5.28
CA TYR A 188 9.81 30.18 6.61
C TYR A 188 8.40 29.62 6.74
N GLU A 189 7.83 29.10 5.66
CA GLU A 189 6.50 28.54 5.69
C GLU A 189 6.51 27.01 5.72
N ILE A 190 7.68 26.39 5.92
CA ILE A 190 7.77 24.94 5.87
C ILE A 190 7.46 24.31 7.22
N VAL A 191 8.11 24.75 8.30
CA VAL A 191 7.98 24.09 9.60
C VAL A 191 6.77 24.63 10.36
N SER A 192 6.59 25.95 10.42
CA SER A 192 5.39 26.49 11.03
C SER A 192 4.83 27.62 10.18
N ASN A 193 3.56 27.46 9.77
CA ASN A 193 2.86 28.40 8.92
C ASN A 193 1.59 28.82 9.63
N LYS A 194 1.43 30.12 9.85
CA LYS A 194 0.24 30.64 10.52
C LYS A 194 -0.84 31.09 9.54
N ARG A 195 -0.44 31.57 8.36
CA ARG A 195 -1.36 31.87 7.27
C ARG A 195 -2.36 30.74 7.05
N ASN A 196 -1.97 29.72 6.27
CA ASN A 196 -2.90 28.66 5.91
C ASN A 196 -2.80 27.45 6.83
N GLY A 197 -1.95 27.49 7.85
CA GLY A 197 -1.78 26.31 8.70
C GLY A 197 -1.43 25.05 7.95
N ILE A 198 -0.55 25.14 6.96
CA ILE A 198 -0.05 23.99 6.23
C ILE A 198 1.45 23.97 6.46
N ASP A 199 1.90 23.09 7.35
CA ASP A 199 3.32 22.91 7.63
C ASP A 199 3.55 21.44 7.92
N VAL A 200 4.81 21.03 7.83
CA VAL A 200 5.17 19.64 8.07
C VAL A 200 5.00 19.27 9.55
N ASP A 201 4.99 20.25 10.46
CA ASP A 201 4.68 19.93 11.85
C ASP A 201 3.30 19.30 11.97
N LYS A 202 2.26 19.99 11.46
CA LYS A 202 0.91 19.42 11.49
C LYS A 202 0.85 18.12 10.69
N TRP A 203 1.55 18.00 9.56
CA TRP A 203 1.50 16.73 8.84
C TRP A 203 1.93 15.58 9.76
N ASP A 204 3.07 15.75 10.45
CA ASP A 204 3.53 14.66 11.29
C ASP A 204 2.60 14.41 12.46
N TYR A 205 2.15 15.47 13.16
CA TYR A 205 1.39 15.14 14.37
C TYR A 205 -0.04 14.75 14.04
N PHE A 206 -0.57 15.18 12.90
CA PHE A 206 -1.85 14.63 12.44
C PHE A 206 -1.73 13.13 12.19
N ALA A 207 -0.70 12.72 11.45
CA ALA A 207 -0.56 11.31 11.12
C ALA A 207 -0.29 10.48 12.37
N ARG A 208 0.66 10.93 13.19
CA ARG A 208 1.10 10.16 14.34
C ARG A 208 0.02 10.08 15.41
N ASP A 209 -0.69 11.19 15.66
CA ASP A 209 -1.73 11.15 16.66
C ASP A 209 -2.90 10.29 16.19
N CYS A 210 -3.20 10.29 14.87
CA CYS A 210 -4.22 9.36 14.36
C CYS A 210 -3.77 7.91 14.52
N HIS A 211 -2.49 7.64 14.23
CA HIS A 211 -1.98 6.27 14.34
C HIS A 211 -2.09 5.74 15.77
N HIS A 212 -1.83 6.59 16.77
CA HIS A 212 -1.88 6.15 18.17
C HIS A 212 -3.27 6.24 18.77
N LEU A 213 -4.17 6.99 18.14
CA LEU A 213 -5.52 7.17 18.64
C LEU A 213 -6.53 6.29 17.93
N GLY A 214 -6.16 5.60 16.87
CA GLY A 214 -7.11 4.80 16.14
C GLY A 214 -8.05 5.57 15.25
N ILE A 215 -7.68 6.79 14.85
CA ILE A 215 -8.48 7.65 13.97
C ILE A 215 -7.97 7.45 12.55
N GLN A 216 -8.90 7.44 11.60
CA GLN A 216 -8.54 7.31 10.20
C GLN A 216 -8.04 8.66 9.69
N ASN A 217 -6.97 8.61 8.89
CA ASN A 217 -6.34 9.80 8.33
C ASN A 217 -6.10 9.52 6.86
N ASN A 218 -6.79 10.25 5.99
CA ASN A 218 -6.67 10.01 4.56
C ASN A 218 -5.82 11.06 3.87
N PHE A 219 -5.27 12.02 4.61
CA PHE A 219 -4.31 12.93 4.01
C PHE A 219 -3.06 12.17 3.61
N ASP A 220 -2.55 12.45 2.42
CA ASP A 220 -1.39 11.79 1.83
C ASP A 220 -0.36 12.88 1.61
N TYR A 221 0.51 13.08 2.59
CA TYR A 221 1.45 14.18 2.48
C TYR A 221 2.46 13.99 1.36
N LYS A 222 2.82 12.75 1.01
CA LYS A 222 3.78 12.59 -0.08
C LYS A 222 3.20 13.07 -1.39
N ARG A 223 1.92 12.85 -1.59
CA ARG A 223 1.24 13.28 -2.80
C ARG A 223 1.15 14.79 -2.84
N PHE A 224 0.95 15.42 -1.69
CA PHE A 224 0.98 16.88 -1.62
C PHE A 224 2.36 17.43 -1.94
N ILE A 225 3.40 16.85 -1.32
CA ILE A 225 4.77 17.28 -1.61
C ILE A 225 5.09 17.11 -3.09
N LYS A 226 4.63 16.02 -3.70
CA LYS A 226 4.94 15.77 -5.10
C LYS A 226 4.37 16.88 -5.98
N PHE A 227 3.14 17.30 -5.71
CA PHE A 227 2.48 18.28 -6.55
C PHE A 227 2.55 19.69 -5.96
N ALA A 228 3.52 19.94 -5.10
CA ALA A 228 3.70 21.24 -4.46
C ALA A 228 4.69 22.09 -5.25
N ARG A 229 4.59 23.41 -5.08
CA ARG A 229 5.39 24.30 -5.88
C ARG A 229 5.33 25.70 -5.30
N VAL A 230 6.39 26.47 -5.50
CA VAL A 230 6.39 27.85 -5.03
C VAL A 230 5.78 28.72 -6.12
N CYS A 231 4.90 29.64 -5.72
CA CYS A 231 4.34 30.57 -6.69
C CYS A 231 4.14 31.92 -6.02
N GLU A 232 3.96 32.95 -6.85
CA GLU A 232 3.91 34.33 -6.40
C GLU A 232 2.45 34.71 -6.25
N VAL A 233 2.01 34.90 -5.01
CA VAL A 233 0.67 35.35 -4.70
C VAL A 233 0.77 36.67 -3.94
N ASP A 234 0.27 37.75 -4.55
CA ASP A 234 0.36 39.10 -3.98
C ASP A 234 1.81 39.54 -3.81
N ASN A 235 2.56 39.53 -4.94
CA ASN A 235 3.98 39.91 -4.89
C ASN A 235 4.74 39.30 -3.71
N GLU A 236 4.39 38.07 -3.36
CA GLU A 236 5.08 37.37 -2.30
C GLU A 236 5.16 35.88 -2.63
N LEU A 237 6.35 35.29 -2.46
CA LEU A 237 6.56 33.88 -2.78
C LEU A 237 5.96 33.02 -1.66
N ARG A 238 4.99 32.18 -2.01
CA ARG A 238 4.33 31.29 -1.06
C ARG A 238 4.37 29.87 -1.61
N ILE A 239 4.23 28.90 -0.70
CA ILE A 239 4.10 27.50 -1.10
C ILE A 239 2.66 27.27 -1.54
N CYS A 240 2.49 26.92 -2.82
CA CYS A 240 1.20 26.72 -3.44
C CYS A 240 1.02 25.25 -3.78
N ALA A 241 -0.25 24.90 -3.98
CA ALA A 241 -0.67 23.54 -4.20
C ALA A 241 -1.38 23.42 -5.55
N ARG A 242 -1.19 22.27 -6.19
CA ARG A 242 -1.83 22.03 -7.47
C ARG A 242 -3.35 22.10 -7.32
N ASP A 243 -4.01 22.56 -8.39
CA ASP A 243 -5.46 22.77 -8.34
C ASP A 243 -6.19 21.46 -8.05
N LYS A 244 -5.67 20.34 -8.58
CA LYS A 244 -6.34 19.05 -8.42
C LYS A 244 -6.18 18.49 -7.00
N GLU A 245 -5.21 19.01 -6.24
CA GLU A 245 -4.90 18.51 -4.90
C GLU A 245 -5.92 18.92 -3.85
N VAL A 246 -6.92 19.72 -4.20
CA VAL A 246 -7.92 20.17 -3.23
C VAL A 246 -8.53 19.00 -2.48
N GLY A 247 -8.80 17.89 -3.17
CA GLY A 247 -9.40 16.76 -2.48
C GLY A 247 -8.53 16.28 -1.33
N ASN A 248 -7.23 16.20 -1.56
CA ASN A 248 -6.32 15.80 -0.49
C ASN A 248 -6.45 16.77 0.67
N LEU A 249 -6.54 18.07 0.36
CA LEU A 249 -6.66 19.08 1.40
C LEU A 249 -7.96 18.95 2.17
N TYR A 250 -9.07 18.61 1.49
CA TYR A 250 -10.27 18.32 2.26
C TYR A 250 -9.96 17.23 3.28
N ASP A 251 -9.37 16.12 2.82
CA ASP A 251 -9.07 15.00 3.72
C ASP A 251 -8.17 15.43 4.87
N MET A 252 -7.33 16.42 4.65
CA MET A 252 -6.51 16.80 5.78
C MET A 252 -7.32 17.59 6.79
N PHE A 253 -8.09 18.59 6.31
CA PHE A 253 -8.79 19.46 7.24
C PHE A 253 -9.81 18.65 8.02
N HIS A 254 -10.38 17.61 7.41
CA HIS A 254 -11.27 16.73 8.15
C HIS A 254 -10.50 15.96 9.23
N THR A 255 -9.31 15.46 8.90
CA THR A 255 -8.48 14.91 9.95
C THR A 255 -8.25 15.95 11.05
N ARG A 256 -7.95 17.18 10.65
CA ARG A 256 -7.68 18.20 11.65
C ARG A 256 -8.88 18.33 12.57
N ASN A 257 -10.10 18.39 12.02
CA ASN A 257 -11.26 18.53 12.89
C ASN A 257 -11.45 17.29 13.76
N SER A 258 -11.27 16.10 13.18
CA SER A 258 -11.53 14.89 13.95
C SER A 258 -10.58 14.78 15.13
N LEU A 259 -9.33 15.19 14.94
CA LEU A 259 -8.38 15.18 16.04
C LEU A 259 -8.75 16.23 17.09
N HIS A 260 -9.18 17.40 16.64
CA HIS A 260 -9.44 18.48 17.59
C HIS A 260 -10.67 18.17 18.43
N ARG A 261 -11.72 17.65 17.78
CA ARG A 261 -12.96 17.40 18.52
C ARG A 261 -12.90 16.12 19.35
N ARG A 262 -12.31 15.05 18.80
CA ARG A 262 -12.32 13.76 19.48
C ARG A 262 -11.22 13.65 20.51
N ALA A 263 -10.06 14.27 20.30
CA ALA A 263 -8.91 14.09 21.20
C ALA A 263 -8.53 15.39 21.92
N TYR A 264 -7.98 16.36 21.21
CA TYR A 264 -7.44 17.53 21.88
C TYR A 264 -8.45 18.24 22.76
N GLN A 265 -9.76 18.12 22.46
CA GLN A 265 -10.79 18.72 23.31
C GLN A 265 -11.64 17.65 23.97
N HIS A 266 -11.03 16.51 24.32
CA HIS A 266 -11.74 15.47 25.06
C HIS A 266 -12.02 15.98 26.45
N LYS A 267 -13.27 15.83 26.91
CA LYS A 267 -13.67 16.40 28.20
C LYS A 267 -12.85 15.82 29.34
N VAL A 268 -12.78 14.49 29.43
CA VAL A 268 -12.01 13.88 30.51
C VAL A 268 -10.51 14.12 30.29
N GLY A 269 -10.06 14.12 29.04
CA GLY A 269 -8.66 14.43 28.79
C GLY A 269 -8.24 15.76 29.36
N ASN A 270 -9.08 16.78 29.16
CA ASN A 270 -8.73 18.10 29.65
C ASN A 270 -8.91 18.21 31.16
N ILE A 271 -9.90 17.52 31.73
CA ILE A 271 -10.02 17.48 33.19
C ILE A 271 -8.75 16.90 33.81
N ILE A 272 -8.25 15.81 33.23
CA ILE A 272 -7.04 15.20 33.78
C ILE A 272 -5.85 16.14 33.61
N ASP A 273 -5.78 16.85 32.49
CA ASP A 273 -4.72 17.84 32.37
C ASP A 273 -4.75 18.85 33.52
N THR A 274 -5.94 19.33 33.88
CA THR A 274 -6.02 20.34 34.93
C THR A 274 -5.79 19.73 36.32
N MET A 275 -6.10 18.45 36.48
CA MET A 275 -5.75 17.76 37.74
C MET A 275 -4.22 17.67 37.92
N ILE A 276 -3.53 17.37 36.82
CA ILE A 276 -2.07 17.35 36.88
C ILE A 276 -1.53 18.74 37.18
N THR A 277 -2.12 19.77 36.57
CA THR A 277 -1.72 21.13 36.89
C THR A 277 -1.95 21.45 38.37
N ASP A 278 -3.06 20.94 38.93
CA ASP A 278 -3.32 21.18 40.35
C ASP A 278 -2.25 20.53 41.22
N ALA A 279 -1.84 19.32 40.88
CA ALA A 279 -0.77 18.67 41.63
C ALA A 279 0.53 19.47 41.49
N PHE A 280 0.88 19.87 40.28
CA PHE A 280 2.13 20.62 40.14
C PHE A 280 2.10 21.85 41.03
N LEU A 281 1.01 22.62 40.96
CA LEU A 281 0.90 23.82 41.78
C LEU A 281 1.04 23.49 43.26
N LYS A 282 0.41 22.43 43.73
CA LYS A 282 0.51 22.04 45.13
C LYS A 282 1.83 21.36 45.46
N ALA A 283 2.72 21.20 44.49
CA ALA A 283 4.04 20.66 44.68
C ALA A 283 5.14 21.65 44.35
N ASP A 284 4.81 22.78 43.74
CA ASP A 284 5.82 23.66 43.15
C ASP A 284 6.82 24.18 44.17
N ASP A 285 6.39 24.42 45.40
CA ASP A 285 7.28 24.99 46.40
C ASP A 285 8.22 23.96 47.00
N TYR A 286 7.91 22.68 46.87
CA TYR A 286 8.63 21.63 47.57
C TYR A 286 9.47 20.76 46.65
N ILE A 287 9.36 20.91 45.34
CA ILE A 287 10.14 20.14 44.39
C ILE A 287 11.35 20.97 43.98
N GLU A 288 12.54 20.36 44.02
CA GLU A 288 13.76 21.06 43.68
C GLU A 288 14.43 20.39 42.49
N ILE A 289 14.84 21.21 41.52
CA ILE A 289 15.51 20.78 40.30
C ILE A 289 16.82 21.54 40.21
N THR A 290 17.92 20.82 40.07
CA THR A 290 19.23 21.44 40.11
C THR A 290 19.56 21.94 38.73
N GLY A 291 19.96 23.19 38.63
CA GLY A 291 20.36 23.75 37.36
C GLY A 291 21.79 24.27 37.35
N ALA A 292 21.99 25.38 36.65
CA ALA A 292 23.32 25.96 36.50
C ALA A 292 23.90 26.39 37.84
N GLY A 293 25.17 26.06 38.05
CA GLY A 293 25.89 26.50 39.24
C GLY A 293 25.40 25.89 40.52
N GLY A 294 24.70 24.77 40.44
CA GLY A 294 24.13 24.16 41.62
C GLY A 294 22.87 24.82 42.10
N LYS A 295 22.46 25.93 41.48
CA LYS A 295 21.28 26.63 41.97
C LYS A 295 20.06 25.73 41.78
N LYS A 296 19.18 25.74 42.78
CA LYS A 296 17.97 24.93 42.74
C LYS A 296 16.79 25.75 42.26
N TYR A 297 16.12 25.22 41.22
CA TYR A 297 14.92 25.82 40.65
C TYR A 297 13.72 24.94 40.97
N ARG A 298 12.54 25.53 40.94
CA ARG A 298 11.29 24.81 41.13
C ARG A 298 10.70 24.47 39.75
N ILE A 299 9.64 23.66 39.76
CA ILE A 299 8.96 23.30 38.52
C ILE A 299 8.62 24.54 37.72
N SER A 300 8.13 25.58 38.41
CA SER A 300 7.64 26.75 37.72
C SER A 300 8.75 27.70 37.31
N THR A 301 9.97 27.53 37.84
CA THR A 301 11.08 28.43 37.51
C THR A 301 12.18 27.76 36.73
N ALA A 302 12.05 26.46 36.45
CA ALA A 302 13.05 25.77 35.68
C ALA A 302 13.24 26.39 34.31
N ILE A 303 12.17 26.97 33.75
CA ILE A 303 12.22 27.58 32.42
C ILE A 303 13.20 28.74 32.34
N ASP A 304 13.66 29.24 33.48
CA ASP A 304 14.61 30.33 33.50
C ASP A 304 16.05 29.85 33.40
N ASP A 305 16.30 28.55 33.52
CA ASP A 305 17.64 27.98 33.43
C ASP A 305 17.52 26.71 32.59
N MET A 306 18.19 26.67 31.45
CA MET A 306 18.02 25.55 30.52
C MET A 306 18.65 24.28 31.04
N GLU A 307 19.66 24.39 31.94
CA GLU A 307 20.25 23.19 32.52
C GLU A 307 19.27 22.51 33.45
N ALA A 308 18.50 23.30 34.21
CA ALA A 308 17.49 22.71 35.07
C ALA A 308 16.32 22.22 34.24
N TYR A 309 15.96 22.97 33.22
CA TYR A 309 14.81 22.60 32.42
C TYR A 309 15.09 21.29 31.70
N THR A 310 16.36 21.03 31.37
CA THR A 310 16.70 19.79 30.68
C THR A 310 16.21 18.57 31.46
N LYS A 311 16.07 18.71 32.79
CA LYS A 311 15.63 17.61 33.63
C LYS A 311 14.17 17.76 34.07
N LEU A 312 13.41 18.65 33.44
CA LEU A 312 12.00 18.86 33.76
C LEU A 312 11.17 18.17 32.67
N THR A 313 10.40 17.16 33.06
CA THR A 313 9.90 16.12 32.17
C THR A 313 8.66 15.51 32.81
N ASP A 314 8.04 14.56 32.11
CA ASP A 314 6.93 13.85 32.72
C ASP A 314 7.38 13.11 33.97
N ASN A 315 8.68 12.88 34.12
CA ASN A 315 9.18 12.26 35.34
C ASN A 315 8.63 12.94 36.58
N ILE A 316 8.45 14.27 36.51
CA ILE A 316 8.01 15.04 37.67
C ILE A 316 6.74 14.41 38.22
N PHE A 317 5.89 13.92 37.33
CA PHE A 317 4.63 13.31 37.74
C PHE A 317 4.89 12.18 38.72
N LEU A 318 5.73 11.24 38.34
CA LEU A 318 5.98 10.14 39.24
C LEU A 318 6.83 10.58 40.43
N GLU A 319 7.71 11.58 40.24
CA GLU A 319 8.44 12.09 41.39
C GLU A 319 7.46 12.53 42.46
N ILE A 320 6.31 13.05 42.06
CA ILE A 320 5.30 13.41 43.04
C ILE A 320 4.57 12.17 43.51
N LEU A 321 4.17 11.31 42.56
CA LEU A 321 3.31 10.19 42.88
C LEU A 321 4.01 9.22 43.82
N TYR A 322 5.32 9.05 43.66
CA TYR A 322 6.07 8.05 44.41
C TYR A 322 6.70 8.61 45.69
N SER A 323 6.48 9.88 45.99
CA SER A 323 7.16 10.51 47.11
C SER A 323 6.55 10.12 48.45
N THR A 324 7.27 10.44 49.50
CA THR A 324 6.81 10.21 50.87
C THR A 324 6.91 11.46 51.73
N ASP A 325 7.62 12.48 51.28
CA ASP A 325 7.73 13.73 52.01
C ASP A 325 6.34 14.27 52.34
N PRO A 326 6.03 14.49 53.61
CA PRO A 326 4.67 14.98 53.93
C PRO A 326 4.33 16.28 53.25
N LYS A 327 5.33 17.09 52.89
CA LYS A 327 5.07 18.37 52.26
C LYS A 327 4.43 18.21 50.90
N LEU A 328 4.70 17.08 50.22
CA LEU A 328 4.07 16.75 48.95
C LEU A 328 2.78 15.94 49.12
N LYS A 329 2.33 15.68 50.35
CA LYS A 329 1.13 14.88 50.51
C LYS A 329 -0.01 15.44 49.67
N ASP A 330 -0.30 16.74 49.82
CA ASP A 330 -1.33 17.37 48.99
C ASP A 330 -1.18 17.00 47.52
N ALA A 331 -0.01 17.30 46.95
CA ALA A 331 0.17 17.05 45.52
C ALA A 331 0.00 15.57 45.25
N ARG A 332 0.70 14.73 46.02
CA ARG A 332 0.63 13.29 45.79
C ARG A 332 -0.82 12.83 45.75
N GLU A 333 -1.64 13.37 46.65
CA GLU A 333 -2.99 12.84 46.76
C GLU A 333 -3.80 13.12 45.49
N ILE A 334 -3.59 14.28 44.86
CA ILE A 334 -4.30 14.56 43.62
C ILE A 334 -3.96 13.52 42.56
N LEU A 335 -2.66 13.21 42.40
CA LEU A 335 -2.31 12.20 41.42
C LEU A 335 -2.91 10.85 41.81
N LYS A 336 -2.99 10.57 43.11
CA LYS A 336 -3.61 9.33 43.52
C LYS A 336 -5.06 9.27 43.06
N GLN A 337 -5.79 10.39 43.11
CA GLN A 337 -7.16 10.35 42.62
C GLN A 337 -7.21 10.03 41.13
N ILE A 338 -6.23 10.53 40.36
CA ILE A 338 -6.21 10.19 38.94
C ILE A 338 -6.14 8.70 38.77
N GLU A 339 -5.31 8.02 39.60
CA GLU A 339 -5.15 6.59 39.47
C GLU A 339 -6.44 5.87 39.83
N TYR A 340 -7.11 6.32 40.90
CA TYR A 340 -8.36 5.70 41.31
C TYR A 340 -9.51 6.12 40.42
N ARG A 341 -9.27 7.04 39.48
CA ARG A 341 -10.30 7.53 38.59
C ARG A 341 -11.40 8.29 39.33
N ASN A 342 -11.00 9.03 40.37
CA ASN A 342 -11.90 9.94 41.08
C ASN A 342 -11.55 11.34 40.57
N LEU A 343 -12.08 11.69 39.41
CA LEU A 343 -11.67 12.90 38.73
C LEU A 343 -12.53 14.07 39.18
N PHE A 344 -12.04 15.28 38.92
CA PHE A 344 -12.89 16.46 38.96
C PHE A 344 -14.09 16.21 38.05
N LYS A 345 -15.24 16.80 38.41
CA LYS A 345 -16.48 16.57 37.69
C LYS A 345 -16.81 17.78 36.82
N TYR A 346 -17.30 17.50 35.60
CA TYR A 346 -17.57 18.53 34.60
C TYR A 346 -18.86 19.27 34.93
N VAL A 347 -18.76 20.59 35.04
CA VAL A 347 -19.89 21.46 35.36
C VAL A 347 -20.52 22.01 34.09
N GLY A 348 -19.71 22.51 33.18
CA GLY A 348 -20.31 23.09 32.00
C GLY A 348 -19.29 23.66 31.04
N GLU A 349 -19.81 24.14 29.92
CA GLU A 349 -19.02 24.72 28.85
C GLU A 349 -19.71 25.98 28.38
N THR A 350 -18.88 26.96 27.99
CA THR A 350 -19.39 28.20 27.43
C THR A 350 -18.32 28.73 26.48
N GLN A 351 -18.64 29.83 25.79
CA GLN A 351 -17.68 30.48 24.91
C GLN A 351 -17.82 31.99 25.03
N PRO A 352 -16.74 32.74 24.86
CA PRO A 352 -16.82 34.21 24.90
C PRO A 352 -17.29 34.79 23.57
N THR A 353 -18.34 34.23 23.01
CA THR A 353 -18.76 34.58 21.67
C THR A 353 -19.24 36.03 21.66
N GLY A 354 -18.58 36.87 20.88
CA GLY A 354 -18.86 38.28 20.82
C GLY A 354 -18.03 39.13 21.75
N GLN A 355 -17.44 38.54 22.77
CA GLN A 355 -16.71 39.27 23.79
C GLN A 355 -15.19 39.15 23.60
N ILE A 356 -14.47 39.99 24.33
CA ILE A 356 -13.03 39.86 24.39
C ILE A 356 -12.68 38.46 24.88
N LYS A 357 -11.54 37.96 24.42
CA LYS A 357 -11.07 36.63 24.80
C LYS A 357 -10.27 36.68 26.10
N ILE A 358 -10.47 35.68 26.96
CA ILE A 358 -9.70 35.58 28.20
C ILE A 358 -8.22 35.41 27.92
N LYS A 359 -7.40 36.21 28.58
CA LYS A 359 -5.95 36.14 28.51
C LYS A 359 -5.39 35.22 29.58
N ARG A 360 -4.16 34.75 29.34
CA ARG A 360 -3.53 33.83 30.28
C ARG A 360 -3.30 34.49 31.63
N GLU A 361 -2.91 35.77 31.63
CA GLU A 361 -2.65 36.52 32.85
C GLU A 361 -3.86 36.55 33.78
N ASP A 362 -5.05 36.26 33.27
CA ASP A 362 -6.25 36.30 34.09
C ASP A 362 -6.73 34.91 34.51
N TYR A 363 -6.04 33.84 34.07
CA TYR A 363 -6.52 32.50 34.36
C TYR A 363 -6.72 32.30 35.85
N GLU A 364 -5.75 32.74 36.67
CA GLU A 364 -5.79 32.50 38.11
C GLU A 364 -6.99 33.18 38.76
N SER A 365 -7.47 34.27 38.17
CA SER A 365 -8.58 34.99 38.78
C SER A 365 -9.92 34.33 38.50
N LEU A 366 -10.00 33.45 37.49
CA LEU A 366 -11.31 32.97 37.07
C LEU A 366 -12.02 32.13 38.12
N PRO A 367 -11.36 31.18 38.80
CA PRO A 367 -12.10 30.42 39.83
C PRO A 367 -12.81 31.32 40.82
N LYS A 368 -12.13 32.39 41.28
CA LYS A 368 -12.71 33.29 42.27
C LYS A 368 -13.93 34.00 41.70
N GLU A 369 -13.85 34.50 40.47
CA GLU A 369 -15.02 35.11 39.86
C GLU A 369 -16.19 34.15 39.90
N VAL A 370 -15.96 32.88 39.57
CA VAL A 370 -17.07 31.94 39.50
C VAL A 370 -17.68 31.76 40.88
N ALA A 371 -16.83 31.61 41.91
CA ALA A 371 -17.35 31.42 43.26
C ALA A 371 -18.01 32.68 43.78
N SER A 372 -17.70 33.84 43.20
CA SER A 372 -18.30 35.09 43.63
C SER A 372 -19.60 35.40 42.91
N ALA A 373 -19.95 34.65 41.87
CA ALA A 373 -21.20 34.92 41.15
C ALA A 373 -22.40 34.62 42.05
N LYS A 374 -23.39 35.51 42.00
CA LYS A 374 -24.52 35.49 42.92
C LYS A 374 -25.66 34.92 42.11
N PRO A 375 -25.95 33.62 42.18
CA PRO A 375 -27.16 33.11 41.51
C PRO A 375 -28.40 33.81 42.10
N LYS A 376 -29.37 34.10 41.22
CA LYS A 376 -30.60 34.73 41.69
C LYS A 376 -31.36 33.81 42.66
N VAL A 377 -31.34 32.51 42.42
CA VAL A 377 -31.77 31.53 43.42
C VAL A 377 -30.64 31.32 44.43
N LEU A 378 -30.84 31.80 45.66
CA LEU A 378 -29.82 31.58 46.67
C LEU A 378 -29.70 30.09 47.01
N LEU A 379 -28.48 29.65 47.34
CA LEU A 379 -28.17 28.24 47.40
C LEU A 379 -27.90 27.77 48.84
N ASP A 380 -28.21 26.50 49.07
CA ASP A 380 -27.86 25.77 50.28
C ASP A 380 -26.37 25.85 50.41
N VAL A 381 -25.68 24.95 49.67
CA VAL A 381 -24.23 24.82 49.77
C VAL A 381 -23.55 26.07 49.20
N LYS A 382 -22.42 26.43 49.83
CA LYS A 382 -21.60 27.55 49.38
C LYS A 382 -20.22 26.99 49.04
N LEU A 383 -19.65 27.49 47.95
CA LEU A 383 -18.44 26.92 47.38
C LEU A 383 -17.32 27.95 47.39
N LYS A 384 -16.11 27.45 47.49
CA LYS A 384 -14.92 28.26 47.57
C LYS A 384 -14.35 28.39 46.17
N ALA A 385 -13.47 29.37 45.98
CA ALA A 385 -12.78 29.47 44.71
C ALA A 385 -11.89 28.26 44.50
N GLU A 386 -11.33 27.71 45.60
CA GLU A 386 -10.51 26.51 45.51
C GLU A 386 -11.31 25.33 45.00
N ASP A 387 -12.64 25.35 45.14
CA ASP A 387 -13.46 24.23 44.70
C ASP A 387 -13.73 24.23 43.19
N PHE A 388 -13.31 25.27 42.47
CA PHE A 388 -13.59 25.40 41.05
C PHE A 388 -12.30 25.27 40.24
N ILE A 389 -12.43 24.71 39.03
CA ILE A 389 -11.41 24.73 38.00
C ILE A 389 -12.00 25.42 36.78
N VAL A 390 -11.26 26.38 36.22
CA VAL A 390 -11.69 27.13 35.06
C VAL A 390 -10.67 26.82 33.98
N ASP A 391 -11.13 26.13 32.92
CA ASP A 391 -10.27 25.61 31.87
C ASP A 391 -10.53 26.44 30.62
N VAL A 392 -9.48 27.06 30.09
CA VAL A 392 -9.57 27.89 28.90
C VAL A 392 -8.90 27.12 27.77
N ILE A 393 -9.66 26.77 26.75
CA ILE A 393 -9.17 25.98 25.62
C ILE A 393 -9.16 26.88 24.40
N ASN A 394 -7.98 27.11 23.83
CA ASN A 394 -7.81 27.92 22.64
C ASN A 394 -7.57 27.00 21.45
N MET A 395 -7.86 27.51 20.25
CA MET A 395 -7.71 26.73 19.03
C MET A 395 -7.08 27.61 17.97
N ASP A 396 -6.19 26.99 17.18
CA ASP A 396 -5.32 27.70 16.24
C ASP A 396 -6.13 28.50 15.23
N TYR A 397 -6.32 27.94 14.03
CA TYR A 397 -7.24 28.49 13.03
C TYR A 397 -7.01 29.98 12.80
N ILE A 405 -12.64 28.59 5.63
CA ILE A 405 -12.52 27.32 4.94
C ILE A 405 -11.10 27.19 4.34
N ASP A 406 -10.85 27.96 3.27
CA ASP A 406 -9.63 27.85 2.46
C ASP A 406 -8.95 29.20 2.30
N HIS A 407 -7.85 29.38 3.04
CA HIS A 407 -6.88 30.44 2.79
C HIS A 407 -5.59 29.85 2.21
N VAL A 408 -5.72 28.89 1.29
CA VAL A 408 -4.58 28.16 0.75
C VAL A 408 -4.36 28.58 -0.69
N SER A 409 -3.12 28.93 -1.01
CA SER A 409 -2.76 29.36 -2.36
C SER A 409 -2.63 28.17 -3.29
N PHE A 410 -3.23 28.27 -4.47
CA PHE A 410 -3.20 27.22 -5.48
C PHE A 410 -2.51 27.73 -6.73
N TYR A 411 -2.26 26.81 -7.67
CA TYR A 411 -1.77 27.19 -8.98
C TYR A 411 -2.49 26.37 -10.05
N CYS A 412 -2.65 26.98 -11.22
CA CYS A 412 -3.17 26.30 -12.39
C CYS A 412 -2.08 25.39 -12.97
N LYS A 413 -2.47 24.21 -13.43
CA LYS A 413 -1.52 23.26 -13.98
C LYS A 413 -0.60 23.84 -15.06
N THR A 414 -1.08 24.81 -15.85
CA THR A 414 -0.25 25.43 -16.87
C THR A 414 0.39 26.75 -16.46
N ALA A 415 -0.16 27.42 -15.43
CA ALA A 415 0.37 28.67 -14.91
C ALA A 415 0.98 28.39 -13.54
N PRO A 416 2.19 27.84 -13.47
CA PRO A 416 2.79 27.48 -12.18
C PRO A 416 3.49 28.62 -11.47
N ASN A 417 3.46 29.83 -12.04
CA ASN A 417 4.16 30.98 -11.49
C ASN A 417 3.27 31.83 -10.60
N ARG A 418 1.98 31.92 -10.90
CA ARG A 418 1.03 32.75 -10.17
C ARG A 418 -0.05 31.89 -9.52
N ALA A 419 -0.64 32.43 -8.46
CA ALA A 419 -1.74 31.75 -7.79
C ALA A 419 -3.03 31.87 -8.62
N ILE A 420 -4.08 31.17 -8.16
CA ILE A 420 -5.30 31.07 -8.95
C ILE A 420 -6.17 32.34 -8.78
N ARG A 421 -6.21 32.89 -7.56
CA ARG A 421 -7.06 34.04 -7.21
C ARG A 421 -8.52 33.59 -7.09
N ILE A 422 -8.80 32.81 -6.03
CA ILE A 422 -10.14 32.24 -5.83
C ILE A 422 -11.18 33.34 -5.65
N THR A 423 -10.79 34.49 -5.11
CA THR A 423 -11.70 35.61 -4.92
C THR A 423 -12.39 36.00 -6.24
N PHE A 435 -14.01 24.71 15.49
CA PHE A 435 -14.44 25.98 14.90
C PHE A 435 -13.93 27.19 15.70
N ALA A 436 -14.49 27.36 16.90
CA ALA A 436 -14.31 28.56 17.70
C ALA A 436 -12.85 28.91 17.97
N GLU A 437 -12.61 30.15 18.45
CA GLU A 437 -11.28 30.56 18.90
C GLU A 437 -11.04 30.20 20.36
N GLN A 438 -12.09 30.14 21.18
CA GLN A 438 -11.89 29.86 22.60
C GLN A 438 -13.13 29.25 23.24
N LEU A 439 -12.89 28.20 24.02
CA LEU A 439 -13.87 27.53 24.87
C LEU A 439 -13.49 27.74 26.33
N ILE A 440 -14.50 27.68 27.19
CA ILE A 440 -14.27 27.83 28.63
C ILE A 440 -15.11 26.77 29.31
N ARG A 441 -14.46 25.76 29.89
CA ARG A 441 -15.16 24.77 30.67
C ARG A 441 -14.91 24.99 32.15
N VAL A 442 -15.82 24.49 32.97
CA VAL A 442 -15.70 24.59 34.41
C VAL A 442 -15.93 23.22 35.01
N TYR A 443 -15.01 22.84 35.90
CA TYR A 443 -15.04 21.58 36.64
C TYR A 443 -15.08 21.91 38.12
N CYS A 444 -15.65 21.01 38.92
CA CYS A 444 -15.71 21.15 40.37
C CYS A 444 -14.98 20.01 41.06
N LYS A 445 -14.31 20.33 42.18
CA LYS A 445 -13.57 19.33 42.94
C LYS A 445 -14.47 18.59 43.92
N LYS A 446 -15.54 19.23 44.40
CA LYS A 446 -16.50 18.55 45.28
C LYS A 446 -17.52 17.82 44.41
N VAL A 447 -17.91 16.62 44.82
CA VAL A 447 -18.67 15.74 43.92
C VAL A 447 -20.06 15.38 44.43
N ASP A 448 -20.45 15.81 45.63
CA ASP A 448 -21.81 15.53 46.06
C ASP A 448 -22.81 16.31 45.20
N ARG A 449 -23.97 15.68 44.93
CA ARG A 449 -24.96 16.28 44.02
C ARG A 449 -25.30 17.71 44.41
N LYS A 450 -25.38 18.00 45.71
CA LYS A 450 -25.68 19.38 46.12
C LYS A 450 -24.58 20.34 45.71
N SER A 451 -23.33 19.96 45.96
CA SER A 451 -22.23 20.85 45.60
C SER A 451 -22.19 21.07 44.10
N LEU A 452 -22.51 20.03 43.33
CA LEU A 452 -22.41 20.14 41.87
C LEU A 452 -23.56 20.95 41.29
N TYR A 453 -24.77 20.81 41.86
CA TYR A 453 -25.88 21.69 41.52
C TYR A 453 -25.49 23.15 41.78
N ALA A 454 -24.96 23.44 42.96
CA ALA A 454 -24.56 24.82 43.26
C ALA A 454 -23.47 25.29 42.31
N ALA A 455 -22.55 24.40 41.95
CA ALA A 455 -21.52 24.77 41.00
C ALA A 455 -22.15 25.23 39.70
N ARG A 456 -23.11 24.46 39.20
CA ARG A 456 -23.77 24.85 37.96
C ARG A 456 -24.46 26.20 38.09
N GLN A 457 -25.09 26.45 39.23
CA GLN A 457 -25.76 27.74 39.41
C GLN A 457 -24.75 28.88 39.35
N TYR A 458 -23.68 28.78 40.16
CA TYR A 458 -22.63 29.78 40.12
C TYR A 458 -22.13 29.99 38.70
N PHE A 459 -22.00 28.89 37.94
CA PHE A 459 -21.39 28.94 36.62
C PHE A 459 -22.30 29.62 35.61
N VAL A 460 -23.58 29.25 35.59
CA VAL A 460 -24.52 29.92 34.70
C VAL A 460 -24.54 31.40 35.02
N GLN A 461 -24.52 31.76 36.30
CA GLN A 461 -24.59 33.17 36.65
C GLN A 461 -23.33 33.90 36.17
N TRP A 462 -22.17 33.23 36.25
CA TRP A 462 -20.93 33.81 35.75
C TRP A 462 -21.00 34.05 34.24
N CYS A 463 -21.49 33.06 33.50
CA CYS A 463 -21.61 33.24 32.05
C CYS A 463 -22.51 34.42 31.71
N ALA A 464 -23.55 34.63 32.51
CA ALA A 464 -24.39 35.81 32.31
C ALA A 464 -23.64 37.09 32.66
N ASP A 465 -22.88 37.06 33.75
CA ASP A 465 -22.11 38.23 34.20
C ASP A 465 -21.03 38.61 33.19
N ARG A 466 -20.39 37.61 32.58
CA ARG A 466 -19.36 37.87 31.57
C ARG A 466 -19.91 38.02 30.16
N ASN A 467 -21.22 38.06 30.01
CA ASN A 467 -21.86 38.08 28.70
C ASN A 467 -21.25 36.99 27.81
N PHE A 468 -21.15 35.79 28.36
CA PHE A 468 -20.72 34.63 27.60
C PHE A 468 -21.97 33.84 27.20
N THR A 469 -21.78 32.89 26.28
CA THR A 469 -22.92 32.14 25.77
C THR A 469 -23.55 31.32 26.88
N LYS A 470 -24.87 31.35 26.94
CA LYS A 470 -25.61 30.54 27.90
C LYS A 470 -25.25 29.08 27.76
N PRO A 471 -24.68 28.46 28.79
CA PRO A 471 -24.36 27.03 28.68
C PRO A 471 -25.62 26.21 28.44
N GLN A 472 -25.47 25.15 27.64
CA GLN A 472 -26.59 24.33 27.20
C GLN A 472 -26.28 22.85 27.39
N ASP A 473 -25.86 22.50 28.60
CA ASP A 473 -25.55 21.11 28.95
C ASP A 473 -26.74 20.40 29.58
N GLY A 474 -27.97 20.90 29.37
CA GLY A 474 -29.15 20.30 29.94
C GLY A 474 -30.20 21.32 30.32
N SER B 1 10.85 16.03 -45.39
CA SER B 1 12.22 16.36 -45.05
C SER B 1 12.34 16.41 -43.52
N MET B 2 12.71 17.57 -42.97
CA MET B 2 12.87 17.70 -41.52
C MET B 2 11.54 17.39 -40.82
N ASP B 3 11.62 16.55 -39.78
CA ASP B 3 10.44 16.14 -39.03
C ASP B 3 10.55 16.61 -37.58
N THR B 4 9.95 15.86 -36.66
CA THR B 4 9.90 16.25 -35.25
C THR B 4 10.00 15.01 -34.35
N MET B 5 10.31 15.25 -33.09
CA MET B 5 10.29 14.17 -32.11
C MET B 5 8.84 13.80 -31.85
N LYS B 6 8.53 12.51 -31.80
CA LYS B 6 7.17 12.04 -31.56
C LYS B 6 7.09 11.51 -30.13
N VAL B 7 6.05 11.92 -29.40
CA VAL B 7 5.89 11.59 -27.99
C VAL B 7 4.77 10.56 -27.84
N ILE B 8 5.08 9.44 -27.20
CA ILE B 8 4.14 8.37 -26.90
C ILE B 8 4.04 8.21 -25.38
N ASN B 9 2.86 7.91 -24.86
CA ASN B 9 2.67 7.83 -23.42
C ASN B 9 2.52 6.35 -23.07
N ASP B 10 3.51 5.81 -22.32
CA ASP B 10 3.59 4.43 -21.91
C ASP B 10 3.31 4.31 -20.42
N PRO B 11 2.65 3.25 -19.96
CA PRO B 11 2.38 3.16 -18.51
C PRO B 11 3.62 2.87 -17.68
N ILE B 12 4.63 2.24 -18.26
CA ILE B 12 5.85 1.91 -17.53
C ILE B 12 6.86 3.06 -17.57
N HIS B 13 7.15 3.60 -18.76
CA HIS B 13 8.18 4.62 -18.90
C HIS B 13 7.65 6.03 -19.09
N GLY B 14 6.35 6.21 -19.21
CA GLY B 14 5.79 7.54 -19.36
C GLY B 14 5.96 8.13 -20.75
N HIS B 15 6.24 9.42 -20.83
CA HIS B 15 6.53 10.07 -22.10
C HIS B 15 7.79 9.50 -22.72
N ILE B 16 7.63 8.91 -23.90
CA ILE B 16 8.71 8.33 -24.67
C ILE B 16 8.90 9.17 -25.93
N GLU B 17 10.05 9.82 -26.07
CA GLU B 17 10.33 10.52 -27.31
C GLU B 17 10.97 9.57 -28.31
N LEU B 18 10.56 9.67 -29.57
CA LEU B 18 11.00 8.80 -30.65
C LEU B 18 11.49 9.67 -31.81
N HIS B 19 12.75 9.49 -32.17
CA HIS B 19 13.33 10.10 -33.35
C HIS B 19 12.51 9.72 -34.59
N PRO B 20 12.26 10.65 -35.49
CA PRO B 20 11.38 10.34 -36.62
C PRO B 20 11.77 9.10 -37.39
N LEU B 21 13.05 8.77 -37.46
CA LEU B 21 13.48 7.53 -38.09
C LEU B 21 12.85 6.31 -37.41
N LEU B 22 12.91 6.27 -36.08
CA LEU B 22 12.26 5.16 -35.39
C LEU B 22 10.78 5.10 -35.74
N VAL B 23 10.14 6.26 -35.91
CA VAL B 23 8.72 6.27 -36.23
C VAL B 23 8.49 5.71 -37.63
N ARG B 24 9.40 6.02 -38.57
CA ARG B 24 9.27 5.46 -39.91
C ARG B 24 9.34 3.95 -39.86
N ILE B 25 10.17 3.41 -38.97
CA ILE B 25 10.23 1.96 -38.81
C ILE B 25 8.99 1.44 -38.10
N ILE B 26 8.37 2.22 -37.22
CA ILE B 26 7.22 1.74 -36.46
C ILE B 26 5.94 1.75 -37.30
N ASP B 27 5.82 2.69 -38.23
CA ASP B 27 4.60 2.84 -39.03
C ASP B 27 4.67 1.99 -40.29
N THR B 28 4.98 0.72 -40.11
CA THR B 28 5.02 -0.25 -41.19
C THR B 28 4.16 -1.46 -40.84
N PRO B 29 3.66 -2.18 -41.84
CA PRO B 29 2.86 -3.36 -41.52
C PRO B 29 3.64 -4.40 -40.75
N GLN B 30 4.94 -4.50 -41.04
CA GLN B 30 5.77 -5.53 -40.40
C GLN B 30 5.93 -5.27 -38.91
N PHE B 31 5.91 -4.01 -38.52
CA PHE B 31 6.04 -3.67 -37.12
C PHE B 31 4.68 -3.66 -36.42
N GLN B 32 3.69 -2.98 -37.00
CA GLN B 32 2.36 -2.95 -36.39
C GLN B 32 1.85 -4.37 -36.18
N ARG B 33 2.33 -5.32 -36.97
CA ARG B 33 2.07 -6.73 -36.75
C ARG B 33 2.16 -7.11 -35.28
N LEU B 34 3.12 -6.53 -34.55
CA LEU B 34 3.33 -6.93 -33.18
C LEU B 34 2.20 -6.53 -32.26
N ARG B 35 1.28 -5.67 -32.72
CA ARG B 35 0.15 -5.34 -31.86
C ARG B 35 -0.79 -6.52 -31.68
N TYR B 36 -0.60 -7.58 -32.48
CA TYR B 36 -1.53 -8.70 -32.54
C TYR B 36 -0.86 -10.00 -32.15
N ILE B 37 0.11 -9.92 -31.23
CA ILE B 37 0.82 -11.08 -30.71
C ILE B 37 1.01 -10.83 -29.21
N LYS B 38 0.32 -11.60 -28.37
CA LYS B 38 0.38 -11.35 -26.94
C LYS B 38 1.76 -11.67 -26.35
N GLN B 39 2.20 -10.81 -25.43
CA GLN B 39 3.53 -10.91 -24.86
C GLN B 39 3.73 -12.25 -24.17
N LEU B 40 2.79 -12.64 -23.30
CA LEU B 40 2.90 -13.86 -22.52
C LEU B 40 2.15 -15.03 -23.16
N GLY B 41 1.93 -14.98 -24.47
CA GLY B 41 1.32 -16.11 -25.15
C GLY B 41 -0.05 -16.40 -24.57
N GLY B 42 -0.24 -17.63 -24.13
CA GLY B 42 -1.50 -18.06 -23.55
C GLY B 42 -1.72 -17.70 -22.12
N GLY B 43 -0.76 -17.00 -21.50
CA GLY B 43 -0.90 -16.62 -20.10
C GLY B 43 -2.08 -15.72 -19.84
N TYR B 44 -2.49 -14.96 -20.85
CA TYR B 44 -3.71 -14.15 -20.74
C TYR B 44 -4.88 -15.00 -20.28
N TYR B 45 -4.93 -16.26 -20.72
CA TYR B 45 -6.03 -17.15 -20.35
C TYR B 45 -5.94 -17.62 -18.94
N VAL B 46 -4.88 -17.25 -18.24
CA VAL B 46 -4.74 -17.49 -16.81
C VAL B 46 -4.69 -16.20 -16.02
N PHE B 47 -4.00 -15.19 -16.56
CA PHE B 47 -3.86 -13.89 -15.91
C PHE B 47 -4.67 -12.88 -16.68
N PRO B 48 -5.89 -12.55 -16.24
CA PRO B 48 -6.73 -11.67 -17.07
C PRO B 48 -6.11 -10.34 -17.37
N GLY B 49 -5.20 -9.86 -16.54
CA GLY B 49 -4.60 -8.59 -16.86
C GLY B 49 -3.46 -8.59 -17.85
N ALA B 50 -3.06 -9.75 -18.36
CA ALA B 50 -1.92 -9.89 -19.27
C ALA B 50 -2.35 -9.78 -20.73
N SER B 51 -3.05 -8.69 -21.05
CA SER B 51 -3.52 -8.39 -22.39
C SER B 51 -2.45 -7.79 -23.28
N HIS B 52 -1.24 -7.57 -22.76
CA HIS B 52 -0.26 -6.78 -23.49
C HIS B 52 0.39 -7.58 -24.61
N ASN B 53 0.88 -6.86 -25.62
CA ASN B 53 1.38 -7.47 -26.83
C ASN B 53 2.84 -7.08 -27.05
N ARG B 54 3.47 -7.70 -28.04
CA ARG B 54 4.88 -7.48 -28.30
C ARG B 54 5.16 -6.05 -28.72
N PHE B 55 4.14 -5.33 -29.21
CA PHE B 55 4.33 -3.99 -29.76
C PHE B 55 4.77 -3.00 -28.68
N GLU B 56 3.95 -2.83 -27.63
CA GLU B 56 4.29 -1.87 -26.56
C GLU B 56 5.63 -2.25 -25.92
N HIS B 57 5.87 -3.55 -25.75
CA HIS B 57 7.15 -3.98 -25.22
C HIS B 57 8.28 -3.55 -26.14
N SER B 58 8.09 -3.69 -27.45
CA SER B 58 9.18 -3.36 -28.36
C SER B 58 9.52 -1.88 -28.26
N LEU B 59 8.48 -1.03 -28.25
CA LEU B 59 8.68 0.40 -28.01
C LEU B 59 9.49 0.63 -26.75
N GLY B 60 9.14 -0.06 -25.66
CA GLY B 60 9.85 0.12 -24.41
C GLY B 60 11.33 -0.22 -24.53
N VAL B 61 11.63 -1.32 -25.21
CA VAL B 61 13.04 -1.70 -25.32
C VAL B 61 13.81 -0.67 -26.14
N GLY B 62 13.23 -0.21 -27.25
CA GLY B 62 13.89 0.83 -28.02
C GLY B 62 14.18 2.06 -27.19
N TYR B 63 13.22 2.44 -26.35
CA TYR B 63 13.37 3.60 -25.49
C TYR B 63 14.51 3.40 -24.48
N LEU B 64 14.51 2.25 -23.79
CA LEU B 64 15.54 2.04 -22.76
C LEU B 64 16.92 1.91 -23.37
N ALA B 65 17.04 1.19 -24.49
CA ALA B 65 18.29 1.14 -25.24
C ALA B 65 18.82 2.54 -25.46
N GLY B 66 17.96 3.44 -25.96
CA GLY B 66 18.39 4.82 -26.15
C GLY B 66 18.84 5.47 -24.85
N CYS B 67 18.04 5.35 -23.80
CA CYS B 67 18.38 5.96 -22.52
C CYS B 67 19.77 5.52 -22.04
N LEU B 68 20.01 4.22 -22.02
CA LEU B 68 21.27 3.69 -21.50
C LEU B 68 22.43 4.08 -22.38
N VAL B 69 22.35 3.81 -23.69
CA VAL B 69 23.46 4.15 -24.57
C VAL B 69 23.79 5.64 -24.43
N HIS B 70 22.77 6.48 -24.28
CA HIS B 70 23.00 7.91 -24.15
C HIS B 70 23.68 8.24 -22.83
N ALA B 71 23.25 7.62 -21.74
CA ALA B 71 23.91 7.86 -20.46
C ALA B 71 25.39 7.49 -20.53
N LEU B 72 25.69 6.30 -21.04
CA LEU B 72 27.07 5.89 -21.16
C LEU B 72 27.85 6.87 -22.03
N GLY B 73 27.28 7.30 -23.16
CA GLY B 73 27.99 8.22 -24.03
C GLY B 73 28.21 9.57 -23.40
N GLU B 74 27.32 9.98 -22.50
CA GLU B 74 27.40 11.32 -21.93
C GLU B 74 28.42 11.38 -20.81
N LYS B 75 28.38 10.40 -19.90
CA LYS B 75 29.34 10.39 -18.80
C LYS B 75 30.75 10.02 -19.25
N GLN B 76 30.89 9.23 -20.32
CA GLN B 76 32.18 8.74 -20.78
C GLN B 76 32.37 9.16 -22.21
N PRO B 77 32.79 10.41 -22.44
CA PRO B 77 33.06 10.85 -23.81
C PRO B 77 34.16 10.06 -24.49
N GLU B 78 34.98 9.33 -23.72
CA GLU B 78 36.08 8.56 -24.27
C GLU B 78 35.58 7.36 -25.09
N LEU B 79 34.39 6.85 -24.83
CA LEU B 79 33.93 5.68 -25.57
C LEU B 79 33.59 6.01 -27.02
N GLN B 80 33.37 7.28 -27.34
CA GLN B 80 33.05 7.71 -28.69
C GLN B 80 31.70 7.17 -29.15
N ILE B 81 30.69 7.31 -28.29
CA ILE B 81 29.35 6.90 -28.64
C ILE B 81 28.78 8.03 -29.48
N SER B 82 28.35 7.72 -30.69
CA SER B 82 27.78 8.71 -31.59
C SER B 82 26.26 8.64 -31.59
N GLU B 83 25.63 9.75 -31.96
CA GLU B 83 24.18 9.73 -32.12
C GLU B 83 23.76 8.70 -33.16
N ARG B 84 24.62 8.46 -34.16
CA ARG B 84 24.40 7.35 -35.08
C ARG B 84 24.37 6.01 -34.34
N ASP B 85 25.37 5.76 -33.48
CA ASP B 85 25.35 4.56 -32.66
C ASP B 85 24.09 4.48 -31.80
N VAL B 86 23.72 5.60 -31.16
CA VAL B 86 22.51 5.60 -30.34
C VAL B 86 21.33 5.08 -31.16
N LEU B 87 21.17 5.64 -32.37
CA LEU B 87 20.03 5.23 -33.19
C LEU B 87 20.10 3.76 -33.53
N CYS B 88 21.28 3.28 -33.96
CA CYS B 88 21.43 1.86 -34.28
C CYS B 88 20.98 0.99 -33.12
N VAL B 89 21.35 1.38 -31.90
CA VAL B 89 20.95 0.61 -30.73
C VAL B 89 19.45 0.71 -30.48
N GLN B 90 18.88 1.89 -30.68
CA GLN B 90 17.44 2.03 -30.50
C GLN B 90 16.66 1.17 -31.49
N ILE B 91 17.11 1.11 -32.74
CA ILE B 91 16.44 0.28 -33.73
C ILE B 91 16.57 -1.19 -33.37
N ALA B 92 17.77 -1.61 -32.98
CA ALA B 92 17.93 -2.97 -32.46
C ALA B 92 16.94 -3.24 -31.34
N GLY B 93 16.78 -2.28 -30.43
CA GLY B 93 15.86 -2.47 -29.34
C GLY B 93 14.43 -2.59 -29.79
N LEU B 94 14.02 -1.74 -30.74
CA LEU B 94 12.67 -1.79 -31.28
C LEU B 94 12.37 -3.12 -31.94
N CYS B 95 13.34 -3.64 -32.71
CA CYS B 95 13.12 -4.74 -33.63
C CYS B 95 13.61 -6.08 -33.09
N HIS B 96 14.05 -6.13 -31.83
CA HIS B 96 14.54 -7.41 -31.31
C HIS B 96 13.46 -8.48 -31.28
N ASP B 97 12.19 -8.11 -31.32
CA ASP B 97 11.09 -9.06 -31.26
C ASP B 97 10.24 -9.08 -32.53
N LEU B 98 10.73 -8.49 -33.63
CA LEU B 98 9.99 -8.44 -34.87
C LEU B 98 9.68 -9.82 -35.41
N GLY B 99 10.45 -10.84 -34.97
CA GLY B 99 10.36 -12.18 -35.53
C GLY B 99 9.42 -13.12 -34.81
N HIS B 100 8.91 -12.71 -33.67
CA HIS B 100 8.02 -13.56 -32.91
C HIS B 100 6.81 -13.94 -33.77
N GLY B 101 6.26 -15.11 -33.48
CA GLY B 101 5.06 -15.57 -34.13
C GLY B 101 3.91 -15.63 -33.13
N PRO B 102 2.77 -16.15 -33.58
CA PRO B 102 1.57 -16.16 -32.72
C PRO B 102 1.86 -16.69 -31.32
N PHE B 103 1.51 -15.91 -30.32
CA PHE B 103 1.65 -16.29 -28.92
C PHE B 103 3.12 -16.40 -28.51
N SER B 104 3.96 -15.62 -29.17
CA SER B 104 5.35 -15.38 -28.77
C SER B 104 6.04 -16.73 -28.64
N HIS B 105 6.61 -17.07 -27.47
CA HIS B 105 7.51 -18.20 -27.34
C HIS B 105 6.82 -19.54 -27.58
N MET B 106 5.48 -19.55 -27.55
CA MET B 106 4.78 -20.78 -27.89
C MET B 106 5.11 -21.21 -29.32
N PHE B 107 5.28 -20.23 -30.21
CA PHE B 107 5.39 -20.55 -31.64
C PHE B 107 6.73 -21.18 -31.98
N ASP B 108 7.84 -20.52 -31.61
CA ASP B 108 9.15 -21.05 -31.95
C ASP B 108 9.67 -22.06 -30.93
N GLY B 109 9.06 -22.11 -29.73
CA GLY B 109 9.55 -23.01 -28.72
C GLY B 109 8.80 -24.32 -28.63
N ARG B 110 7.61 -24.37 -29.22
CA ARG B 110 6.87 -25.63 -29.26
C ARG B 110 6.27 -25.93 -30.62
N PHE B 111 5.48 -25.00 -31.17
CA PHE B 111 4.72 -25.34 -32.36
C PHE B 111 5.63 -25.73 -33.50
N ILE B 112 6.58 -24.89 -33.87
CA ILE B 112 7.46 -25.18 -34.99
C ILE B 112 8.23 -26.43 -34.78
N PRO B 113 8.83 -26.70 -33.59
CA PRO B 113 9.52 -27.96 -33.40
C PRO B 113 8.62 -29.18 -33.59
N LEU B 114 7.33 -29.08 -33.27
CA LEU B 114 6.47 -30.25 -33.46
C LEU B 114 6.01 -30.40 -34.92
N ALA B 115 5.76 -29.28 -35.60
CA ALA B 115 5.24 -29.34 -36.97
C ALA B 115 6.36 -29.57 -37.99
N ARG B 116 7.55 -29.08 -37.70
CA ARG B 116 8.70 -29.25 -38.59
C ARG B 116 9.92 -29.51 -37.73
N PRO B 117 10.08 -30.74 -37.25
CA PRO B 117 11.19 -31.03 -36.32
C PRO B 117 12.54 -30.85 -36.98
N GLU B 118 12.67 -31.12 -38.28
CA GLU B 118 13.97 -30.98 -38.94
C GLU B 118 14.42 -29.53 -38.98
N VAL B 119 13.49 -28.58 -38.97
CA VAL B 119 13.83 -27.19 -39.20
C VAL B 119 14.35 -26.58 -37.91
N LYS B 120 15.31 -25.67 -38.06
CA LYS B 120 15.88 -24.92 -36.95
C LYS B 120 15.40 -23.49 -37.09
N TRP B 121 14.42 -23.13 -36.26
CA TRP B 121 13.82 -21.80 -36.32
C TRP B 121 13.77 -21.19 -34.93
N THR B 122 14.27 -19.96 -34.81
CA THR B 122 14.20 -19.20 -33.57
C THR B 122 13.71 -17.80 -33.88
N HIS B 123 13.03 -17.18 -32.93
CA HIS B 123 12.45 -15.86 -33.20
C HIS B 123 13.50 -14.82 -33.51
N GLU B 124 14.75 -15.01 -33.06
CA GLU B 124 15.79 -14.04 -33.40
C GLU B 124 16.15 -14.09 -34.88
N GLN B 125 16.33 -15.31 -35.42
CA GLN B 125 16.41 -15.44 -36.88
C GLN B 125 15.22 -14.76 -37.54
N GLY B 126 14.03 -14.95 -36.98
CA GLY B 126 12.86 -14.34 -37.59
C GLY B 126 12.90 -12.84 -37.55
N SER B 127 13.45 -12.28 -36.45
CA SER B 127 13.59 -10.84 -36.30
C SER B 127 14.47 -10.29 -37.39
N VAL B 128 15.63 -10.91 -37.63
CA VAL B 128 16.52 -10.40 -38.66
C VAL B 128 15.83 -10.47 -40.03
N MET B 129 15.08 -11.55 -40.28
CA MET B 129 14.39 -11.67 -41.57
C MET B 129 13.32 -10.59 -41.72
N MET B 130 12.43 -10.48 -40.73
CA MET B 130 11.38 -9.47 -40.76
C MET B 130 11.97 -8.06 -40.87
N PHE B 131 13.08 -7.80 -40.21
CA PHE B 131 13.70 -6.48 -40.28
C PHE B 131 14.16 -6.18 -41.70
N GLU B 132 14.82 -7.13 -42.35
CA GLU B 132 15.17 -6.93 -43.77
C GLU B 132 13.92 -6.67 -44.62
N HIS B 133 12.90 -7.50 -44.44
CA HIS B 133 11.67 -7.32 -45.21
C HIS B 133 11.08 -5.93 -44.97
N LEU B 134 11.14 -5.47 -43.72
CA LEU B 134 10.62 -4.15 -43.39
C LEU B 134 11.40 -3.07 -44.09
N ILE B 135 12.72 -3.19 -44.07
CA ILE B 135 13.58 -2.18 -44.71
C ILE B 135 13.23 -2.07 -46.18
N ASN B 136 13.09 -3.22 -46.85
CA ASN B 136 12.93 -3.16 -48.30
C ASN B 136 11.50 -2.85 -48.74
N SER B 137 10.50 -3.34 -48.00
CA SER B 137 9.12 -3.08 -48.38
C SER B 137 8.74 -1.61 -48.18
N ASN B 138 9.52 -0.87 -47.42
CA ASN B 138 9.32 0.53 -47.18
C ASN B 138 10.62 1.26 -47.52
N GLY B 139 10.60 2.58 -47.39
CA GLY B 139 11.69 3.33 -48.00
C GLY B 139 12.78 3.65 -47.02
N ILE B 140 13.14 2.68 -46.18
CA ILE B 140 13.86 3.02 -44.95
C ILE B 140 15.31 3.39 -45.22
N LYS B 141 15.98 2.72 -46.16
CA LYS B 141 17.40 3.02 -46.38
C LYS B 141 17.65 4.48 -46.73
N PRO B 142 16.93 5.08 -47.67
CA PRO B 142 17.13 6.54 -47.91
C PRO B 142 16.86 7.40 -46.68
N VAL B 143 15.88 7.03 -45.87
CA VAL B 143 15.58 7.80 -44.67
C VAL B 143 16.73 7.68 -43.67
N MET B 144 17.28 6.47 -43.54
CA MET B 144 18.44 6.23 -42.70
C MET B 144 19.56 7.17 -43.08
N GLU B 145 19.86 7.23 -44.38
CA GLU B 145 20.90 8.16 -44.83
C GLU B 145 20.50 9.61 -44.53
N GLN B 146 19.21 9.93 -44.65
CA GLN B 146 18.76 11.28 -44.33
C GLN B 146 19.11 11.66 -42.89
N TYR B 147 19.17 10.68 -41.99
CA TYR B 147 19.48 10.99 -40.59
C TYR B 147 20.82 10.44 -40.14
N GLY B 148 21.78 10.24 -41.08
CA GLY B 148 23.17 10.06 -40.74
C GLY B 148 23.70 8.63 -40.75
N LEU B 149 22.83 7.65 -40.66
CA LEU B 149 23.27 6.26 -40.64
C LEU B 149 23.89 5.86 -41.98
N ILE B 150 24.85 4.94 -41.93
CA ILE B 150 25.39 4.26 -43.11
C ILE B 150 24.70 2.92 -43.24
N PRO B 151 23.68 2.79 -44.08
CA PRO B 151 22.90 1.54 -44.10
C PRO B 151 23.74 0.28 -44.25
N GLU B 152 24.80 0.33 -45.06
CA GLU B 152 25.60 -0.87 -45.33
C GLU B 152 26.08 -1.50 -44.02
N GLU B 153 26.87 -0.76 -43.24
CA GLU B 153 27.46 -1.33 -42.02
C GLU B 153 26.51 -1.25 -40.83
N ASP B 154 25.61 -0.26 -40.84
CA ASP B 154 24.71 -0.08 -39.70
C ASP B 154 23.57 -1.10 -39.68
N ILE B 155 23.03 -1.48 -40.84
CA ILE B 155 22.03 -2.54 -40.87
C ILE B 155 22.64 -3.83 -40.34
N CYS B 156 23.89 -4.11 -40.76
CA CYS B 156 24.63 -5.23 -40.20
C CYS B 156 24.75 -5.12 -38.68
N PHE B 157 25.05 -3.92 -38.17
CA PHE B 157 25.20 -3.75 -36.72
C PHE B 157 23.89 -4.05 -35.99
N ILE B 158 22.76 -3.58 -36.51
CA ILE B 158 21.45 -3.83 -35.89
C ILE B 158 21.14 -5.32 -35.89
N LYS B 159 21.36 -5.97 -37.02
CA LYS B 159 21.17 -7.41 -37.07
C LYS B 159 22.05 -8.14 -36.07
N GLU B 160 23.32 -7.74 -35.98
CA GLU B 160 24.24 -8.39 -35.06
C GLU B 160 23.78 -8.22 -33.62
N GLN B 161 23.19 -7.08 -33.29
CA GLN B 161 22.64 -6.93 -31.96
C GLN B 161 21.47 -7.89 -31.73
N ILE B 162 20.70 -8.19 -32.77
CA ILE B 162 19.49 -8.97 -32.56
C ILE B 162 19.80 -10.46 -32.49
N VAL B 163 20.62 -10.95 -33.41
CA VAL B 163 20.88 -12.38 -33.52
C VAL B 163 22.28 -12.78 -33.07
N GLY B 164 23.25 -11.88 -33.07
CA GLY B 164 24.60 -12.25 -32.72
C GLY B 164 25.53 -12.21 -33.91
N PRO B 165 26.75 -12.74 -33.73
CA PRO B 165 27.70 -12.74 -34.86
C PRO B 165 27.10 -13.40 -36.10
N LEU B 166 26.70 -12.60 -37.08
CA LEU B 166 26.03 -13.01 -38.31
C LEU B 166 26.73 -14.16 -39.04
N GLU B 167 27.86 -14.62 -38.51
CA GLU B 167 28.55 -15.77 -39.07
C GLU B 167 29.30 -16.52 -37.99
N SER B 168 30.07 -17.55 -38.41
CA SER B 168 30.79 -18.44 -37.51
C SER B 168 32.12 -18.81 -38.12
N PRO B 169 33.15 -17.97 -37.94
CA PRO B 169 34.47 -18.27 -38.51
C PRO B 169 35.30 -19.16 -37.59
N VAL B 170 36.52 -19.46 -38.02
CA VAL B 170 37.44 -20.30 -37.24
C VAL B 170 38.44 -19.43 -36.48
N GLU B 171 37.99 -18.29 -35.96
CA GLU B 171 38.87 -17.31 -35.34
C GLU B 171 38.54 -17.19 -33.84
N ASP B 172 39.52 -17.53 -33.00
CA ASP B 172 39.31 -17.72 -31.57
C ASP B 172 39.63 -16.43 -30.82
N SER B 173 38.60 -15.79 -30.26
CA SER B 173 38.70 -14.57 -29.47
C SER B 173 38.72 -13.34 -30.36
N LEU B 174 39.32 -13.47 -31.55
CA LEU B 174 39.31 -12.42 -32.57
C LEU B 174 37.89 -11.84 -32.69
N TRP B 175 37.74 -10.67 -33.27
CA TRP B 175 36.45 -10.02 -33.16
C TRP B 175 35.49 -10.57 -34.20
N PRO B 176 34.46 -11.31 -33.77
CA PRO B 176 33.54 -11.90 -34.76
C PRO B 176 32.64 -10.87 -35.43
N TYR B 177 32.33 -9.77 -34.75
CA TYR B 177 31.40 -8.78 -35.28
C TYR B 177 32.05 -7.91 -36.36
N LYS B 178 31.20 -7.38 -37.24
CA LYS B 178 31.65 -6.52 -38.34
C LYS B 178 30.94 -5.18 -38.43
N GLY B 179 29.81 -4.98 -37.73
CA GLY B 179 29.16 -3.70 -37.75
C GLY B 179 29.82 -2.66 -36.89
N ARG B 180 30.57 -3.06 -35.86
CA ARG B 180 31.36 -2.15 -35.06
C ARG B 180 32.65 -2.85 -34.63
N PRO B 181 33.72 -2.10 -34.42
CA PRO B 181 34.99 -2.70 -33.96
C PRO B 181 34.96 -3.01 -32.47
N GLU B 182 36.04 -3.67 -32.02
CA GLU B 182 36.05 -4.20 -30.65
C GLU B 182 36.03 -3.09 -29.61
N ASN B 183 36.54 -1.89 -29.96
CA ASN B 183 36.55 -0.78 -29.02
C ASN B 183 35.15 -0.26 -28.72
N LYS B 184 34.12 -0.75 -29.42
CA LYS B 184 32.73 -0.43 -29.10
C LYS B 184 31.95 -1.70 -28.76
N SER B 185 32.66 -2.73 -28.30
CA SER B 185 32.02 -4.04 -28.11
C SER B 185 30.83 -3.95 -27.16
N PHE B 186 30.88 -3.03 -26.21
CA PHE B 186 29.82 -2.95 -25.20
C PHE B 186 28.47 -2.63 -25.83
N LEU B 187 28.43 -2.07 -27.03
CA LEU B 187 27.14 -1.79 -27.63
C LEU B 187 26.35 -3.08 -27.88
N TYR B 188 27.06 -4.18 -28.12
CA TYR B 188 26.36 -5.44 -28.36
C TYR B 188 25.78 -6.03 -27.09
N GLU B 189 25.92 -5.36 -25.95
CA GLU B 189 25.48 -5.89 -24.68
C GLU B 189 24.24 -5.18 -24.15
N ILE B 190 23.79 -4.12 -24.82
CA ILE B 190 22.71 -3.31 -24.29
C ILE B 190 21.37 -4.00 -24.51
N VAL B 191 21.10 -4.44 -25.75
CA VAL B 191 19.78 -4.97 -26.08
C VAL B 191 19.67 -6.43 -25.69
N SER B 192 20.65 -7.25 -26.10
CA SER B 192 20.66 -8.67 -25.81
C SER B 192 21.96 -9.02 -25.10
N ASN B 193 21.85 -9.78 -24.01
CA ASN B 193 23.02 -10.17 -23.22
C ASN B 193 22.80 -11.57 -22.69
N LYS B 194 23.82 -12.44 -22.85
CA LYS B 194 23.76 -13.80 -22.34
C LYS B 194 24.84 -14.12 -21.30
N ARG B 195 25.88 -13.28 -21.18
CA ARG B 195 27.00 -13.63 -20.30
C ARG B 195 26.65 -13.50 -18.82
N ASN B 196 25.66 -12.67 -18.47
CA ASN B 196 25.26 -12.52 -17.08
C ASN B 196 23.76 -12.27 -16.95
N GLY B 197 23.06 -12.00 -18.05
CA GLY B 197 21.63 -11.77 -18.01
C GLY B 197 21.14 -10.41 -17.57
N ILE B 198 21.71 -9.31 -18.07
CA ILE B 198 21.21 -7.96 -17.82
C ILE B 198 21.13 -7.23 -19.16
N ASP B 199 19.92 -7.01 -19.66
CA ASP B 199 19.76 -6.20 -20.85
C ASP B 199 18.47 -5.43 -20.74
N VAL B 200 18.33 -4.40 -21.59
CA VAL B 200 17.15 -3.55 -21.53
C VAL B 200 15.89 -4.29 -21.95
N ASP B 201 16.01 -5.35 -22.76
CA ASP B 201 14.85 -6.18 -23.06
C ASP B 201 14.22 -6.74 -21.78
N LYS B 202 15.02 -7.40 -20.96
CA LYS B 202 14.52 -7.95 -19.70
C LYS B 202 14.09 -6.86 -18.74
N TRP B 203 14.75 -5.70 -18.76
CA TRP B 203 14.25 -4.61 -17.93
C TRP B 203 12.80 -4.33 -18.28
N ASP B 204 12.53 -4.17 -19.58
CA ASP B 204 11.19 -3.75 -19.99
C ASP B 204 10.17 -4.83 -19.70
N TYR B 205 10.47 -6.09 -20.03
CA TYR B 205 9.39 -7.06 -19.87
C TYR B 205 9.27 -7.54 -18.43
N PHE B 206 10.33 -7.47 -17.62
CA PHE B 206 10.16 -7.63 -16.18
C PHE B 206 9.17 -6.60 -15.62
N ALA B 207 9.43 -5.32 -15.90
CA ALA B 207 8.57 -4.29 -15.31
C ALA B 207 7.15 -4.32 -15.91
N ARG B 208 7.02 -4.55 -17.21
CA ARG B 208 5.70 -4.56 -17.84
C ARG B 208 4.89 -5.79 -17.47
N ASP B 209 5.54 -6.96 -17.39
CA ASP B 209 4.82 -8.17 -17.01
C ASP B 209 4.41 -8.10 -15.56
N CYS B 210 5.23 -7.47 -14.71
CA CYS B 210 4.77 -7.23 -13.35
C CYS B 210 3.57 -6.31 -13.34
N HIS B 211 3.61 -5.24 -14.13
CA HIS B 211 2.53 -4.27 -14.14
C HIS B 211 1.21 -4.93 -14.52
N HIS B 212 1.26 -5.84 -15.50
CA HIS B 212 0.01 -6.40 -16.01
C HIS B 212 -0.40 -7.68 -15.31
N LEU B 213 0.52 -8.32 -14.59
CA LEU B 213 0.21 -9.56 -13.88
C LEU B 213 -0.21 -9.30 -12.44
N GLY B 214 0.08 -8.12 -11.91
CA GLY B 214 -0.18 -7.85 -10.52
C GLY B 214 0.95 -8.21 -9.59
N ILE B 215 2.13 -8.51 -10.14
CA ILE B 215 3.30 -8.89 -9.35
C ILE B 215 4.05 -7.61 -8.99
N GLN B 216 4.64 -7.58 -7.80
CA GLN B 216 5.39 -6.42 -7.34
C GLN B 216 6.82 -6.45 -7.90
N ASN B 217 7.30 -5.29 -8.34
CA ASN B 217 8.62 -5.17 -8.95
C ASN B 217 9.42 -4.20 -8.12
N ASN B 218 10.60 -4.63 -7.65
CA ASN B 218 11.46 -3.82 -6.80
C ASN B 218 12.62 -3.18 -7.56
N PHE B 219 12.83 -3.57 -8.81
CA PHE B 219 13.94 -3.04 -9.60
C PHE B 219 13.65 -1.63 -10.10
N ASP B 220 14.60 -0.73 -9.91
CA ASP B 220 14.53 0.66 -10.39
C ASP B 220 15.52 0.75 -11.55
N TYR B 221 15.03 0.64 -12.78
CA TYR B 221 15.95 0.54 -13.91
C TYR B 221 16.76 1.81 -14.14
N LYS B 222 16.21 2.98 -13.86
CA LYS B 222 17.00 4.17 -14.12
C LYS B 222 18.03 4.48 -13.05
N ARG B 223 17.90 3.94 -11.83
CA ARG B 223 19.06 4.03 -10.93
C ARG B 223 20.22 3.24 -11.49
N PHE B 224 19.92 2.12 -12.16
CA PHE B 224 20.94 1.40 -12.90
C PHE B 224 21.54 2.30 -13.98
N ILE B 225 20.69 2.93 -14.78
CA ILE B 225 21.19 3.83 -15.83
C ILE B 225 22.06 4.93 -15.24
N LYS B 226 21.65 5.51 -14.12
CA LYS B 226 22.39 6.63 -13.57
C LYS B 226 23.76 6.18 -13.08
N PHE B 227 23.85 4.94 -12.57
CA PHE B 227 25.06 4.40 -11.96
C PHE B 227 25.76 3.38 -12.84
N ALA B 228 25.47 3.37 -14.12
CA ALA B 228 26.08 2.41 -15.03
C ALA B 228 27.40 2.94 -15.56
N ARG B 229 28.26 2.03 -15.97
CA ARG B 229 29.60 2.33 -16.46
C ARG B 229 29.95 1.36 -17.57
N VAL B 230 30.98 1.69 -18.33
CA VAL B 230 31.72 0.73 -19.14
C VAL B 230 33.13 0.65 -18.57
N CYS B 231 33.58 -0.56 -18.25
CA CYS B 231 34.89 -0.76 -17.67
C CYS B 231 35.58 -1.92 -18.34
N GLU B 232 36.89 -2.00 -18.15
CA GLU B 232 37.67 -3.08 -18.72
C GLU B 232 37.81 -4.24 -17.74
N VAL B 233 37.52 -5.46 -18.21
CA VAL B 233 37.87 -6.69 -17.50
C VAL B 233 38.38 -7.68 -18.53
N ASP B 234 39.48 -8.38 -18.21
CA ASP B 234 40.14 -9.27 -19.17
C ASP B 234 40.36 -8.59 -20.52
N ASN B 235 40.82 -7.34 -20.47
CA ASN B 235 41.08 -6.57 -21.69
C ASN B 235 39.85 -6.56 -22.60
N GLU B 236 38.67 -6.53 -21.97
CA GLU B 236 37.38 -6.59 -22.64
C GLU B 236 36.48 -5.51 -22.04
N LEU B 237 35.94 -4.63 -22.88
CA LEU B 237 35.00 -3.62 -22.41
C LEU B 237 33.64 -4.25 -22.10
N ARG B 238 33.12 -3.98 -20.91
CA ARG B 238 31.86 -4.55 -20.45
C ARG B 238 31.09 -3.52 -19.65
N ILE B 239 29.76 -3.65 -19.66
CA ILE B 239 28.88 -2.78 -18.89
C ILE B 239 28.91 -3.26 -17.45
N CYS B 240 29.36 -2.39 -16.54
CA CYS B 240 29.46 -2.69 -15.12
C CYS B 240 28.78 -1.59 -14.33
N ALA B 241 28.47 -1.87 -13.07
CA ALA B 241 27.75 -0.90 -12.26
C ALA B 241 28.52 -0.60 -10.97
N ARG B 242 27.89 0.08 -10.02
CA ARG B 242 28.53 0.43 -8.77
C ARG B 242 28.13 -0.56 -7.69
N ASP B 243 29.10 -0.89 -6.82
CA ASP B 243 28.87 -1.92 -5.82
C ASP B 243 27.69 -1.58 -4.93
N LYS B 244 27.53 -0.31 -4.55
CA LYS B 244 26.37 0.06 -3.74
C LYS B 244 25.05 -0.26 -4.45
N GLU B 245 25.05 -0.24 -5.79
CA GLU B 245 23.84 -0.58 -6.52
C GLU B 245 23.56 -2.09 -6.56
N VAL B 246 24.38 -2.89 -5.88
CA VAL B 246 24.15 -4.34 -5.88
C VAL B 246 22.79 -4.65 -5.29
N GLY B 247 22.33 -3.86 -4.31
CA GLY B 247 21.00 -4.06 -3.76
C GLY B 247 19.94 -4.05 -4.85
N ASN B 248 20.10 -3.16 -5.82
CA ASN B 248 19.18 -3.14 -6.95
C ASN B 248 19.29 -4.44 -7.76
N LEU B 249 20.52 -4.90 -8.00
CA LEU B 249 20.69 -6.11 -8.79
C LEU B 249 19.91 -7.27 -8.19
N TYR B 250 20.15 -7.57 -6.91
CA TYR B 250 19.40 -8.66 -6.27
C TYR B 250 17.89 -8.44 -6.40
N ASP B 251 17.43 -7.20 -6.24
CA ASP B 251 15.99 -6.95 -6.33
C ASP B 251 15.46 -7.42 -7.68
N MET B 252 16.23 -7.23 -8.74
CA MET B 252 15.80 -7.63 -10.07
C MET B 252 15.78 -9.16 -10.18
N PHE B 253 16.79 -9.83 -9.63
CA PHE B 253 16.80 -11.29 -9.75
C PHE B 253 15.62 -11.90 -9.01
N HIS B 254 15.20 -11.31 -7.88
CA HIS B 254 13.99 -11.81 -7.24
C HIS B 254 12.78 -11.62 -8.17
N THR B 255 12.70 -10.47 -8.85
CA THR B 255 11.65 -10.31 -9.85
C THR B 255 11.79 -11.40 -10.91
N ARG B 256 13.01 -11.63 -11.41
CA ARG B 256 13.20 -12.68 -12.40
C ARG B 256 12.61 -13.99 -11.89
N ASN B 257 12.82 -14.29 -10.62
CA ASN B 257 12.28 -15.49 -10.02
C ASN B 257 10.76 -15.42 -9.86
N SER B 258 10.27 -14.31 -9.30
CA SER B 258 8.85 -14.19 -9.00
C SER B 258 8.02 -14.33 -10.27
N LEU B 259 8.53 -13.78 -11.37
CA LEU B 259 7.83 -13.87 -12.65
C LEU B 259 7.92 -15.28 -13.22
N HIS B 260 9.09 -15.92 -13.09
CA HIS B 260 9.25 -17.21 -13.76
C HIS B 260 8.41 -18.29 -13.08
N ARG B 261 8.28 -18.24 -11.76
CA ARG B 261 7.49 -19.29 -11.13
C ARG B 261 6.01 -18.99 -11.29
N ARG B 262 5.61 -17.78 -10.91
CA ARG B 262 4.19 -17.46 -10.81
C ARG B 262 3.52 -17.34 -12.17
N ALA B 263 4.25 -16.89 -13.18
CA ALA B 263 3.65 -16.59 -14.48
C ALA B 263 4.25 -17.45 -15.59
N TYR B 264 5.57 -17.42 -15.81
CA TYR B 264 6.09 -18.06 -17.01
C TYR B 264 6.06 -19.57 -16.90
N GLN B 265 5.96 -20.12 -15.68
CA GLN B 265 5.88 -21.56 -15.50
C GLN B 265 4.56 -22.01 -14.86
N HIS B 266 3.54 -21.15 -14.88
CA HIS B 266 2.22 -21.52 -14.40
C HIS B 266 1.77 -22.84 -15.00
N LYS B 267 1.25 -23.75 -14.16
CA LYS B 267 0.84 -25.06 -14.66
C LYS B 267 -0.30 -24.93 -15.67
N VAL B 268 -1.42 -24.35 -15.25
CA VAL B 268 -2.56 -24.25 -16.15
C VAL B 268 -2.19 -23.38 -17.36
N GLY B 269 -1.37 -22.36 -17.15
CA GLY B 269 -0.96 -21.52 -18.25
C GLY B 269 -0.25 -22.30 -19.35
N ASN B 270 0.81 -23.04 -18.97
CA ASN B 270 1.54 -23.84 -19.97
C ASN B 270 0.66 -24.93 -20.56
N ILE B 271 -0.26 -25.47 -19.78
CA ILE B 271 -1.18 -26.46 -20.35
C ILE B 271 -1.96 -25.85 -21.49
N ILE B 272 -2.50 -24.65 -21.27
CA ILE B 272 -3.29 -23.98 -22.30
C ILE B 272 -2.41 -23.71 -23.52
N ASP B 273 -1.15 -23.38 -23.29
CA ASP B 273 -0.26 -23.17 -24.43
C ASP B 273 -0.17 -24.44 -25.29
N THR B 274 -0.01 -25.59 -24.64
CA THR B 274 0.11 -26.81 -25.42
C THR B 274 -1.20 -27.14 -26.12
N MET B 275 -2.34 -26.74 -25.53
CA MET B 275 -3.62 -26.95 -26.20
C MET B 275 -3.72 -26.10 -27.47
N ILE B 276 -3.28 -24.84 -27.37
CA ILE B 276 -3.28 -23.99 -28.55
C ILE B 276 -2.39 -24.60 -29.63
N THR B 277 -1.21 -25.07 -29.23
CA THR B 277 -0.33 -25.72 -30.20
C THR B 277 -1.02 -26.92 -30.82
N ASP B 278 -1.77 -27.69 -30.02
CA ASP B 278 -2.47 -28.86 -30.55
C ASP B 278 -3.53 -28.45 -31.56
N ALA B 279 -4.25 -27.38 -31.26
CA ALA B 279 -5.18 -26.82 -32.24
C ALA B 279 -4.46 -26.46 -33.53
N PHE B 280 -3.36 -25.72 -33.42
CA PHE B 280 -2.62 -25.31 -34.61
C PHE B 280 -2.18 -26.53 -35.41
N LEU B 281 -1.63 -27.52 -34.72
CA LEU B 281 -1.18 -28.73 -35.40
C LEU B 281 -2.33 -29.40 -36.14
N LYS B 282 -3.48 -29.56 -35.47
CA LYS B 282 -4.64 -30.20 -36.12
C LYS B 282 -5.29 -29.29 -37.15
N ALA B 283 -4.80 -28.08 -37.27
CA ALA B 283 -5.26 -27.15 -38.28
C ALA B 283 -4.19 -26.81 -39.29
N ASP B 284 -2.93 -27.16 -39.04
CA ASP B 284 -1.84 -26.72 -39.90
C ASP B 284 -2.04 -27.16 -41.34
N ASP B 285 -2.77 -28.25 -41.56
CA ASP B 285 -2.96 -28.78 -42.89
C ASP B 285 -4.01 -28.03 -43.70
N TYR B 286 -4.89 -27.25 -43.05
CA TYR B 286 -6.06 -26.71 -43.74
C TYR B 286 -6.15 -25.20 -43.73
N ILE B 287 -5.29 -24.47 -43.02
CA ILE B 287 -5.33 -23.02 -42.98
C ILE B 287 -4.28 -22.47 -43.96
N GLU B 288 -4.69 -21.44 -44.71
CA GLU B 288 -3.86 -20.89 -45.76
C GLU B 288 -3.54 -19.44 -45.43
N ILE B 289 -2.27 -19.07 -45.62
CA ILE B 289 -1.82 -17.69 -45.46
C ILE B 289 -1.10 -17.30 -46.74
N THR B 290 -1.57 -16.24 -47.39
CA THR B 290 -1.02 -15.83 -48.69
C THR B 290 0.26 -15.04 -48.49
N GLY B 291 1.31 -15.45 -49.22
CA GLY B 291 2.60 -14.83 -49.11
C GLY B 291 3.08 -14.20 -50.40
N ALA B 292 4.38 -14.30 -50.67
CA ALA B 292 4.98 -13.59 -51.78
C ALA B 292 4.46 -14.15 -53.10
N GLY B 293 4.29 -13.27 -54.07
CA GLY B 293 3.84 -13.68 -55.37
C GLY B 293 2.51 -14.39 -55.35
N GLY B 294 1.75 -14.25 -54.28
CA GLY B 294 0.49 -14.92 -54.17
C GLY B 294 0.56 -16.38 -53.79
N LYS B 295 1.75 -16.91 -53.52
CA LYS B 295 1.88 -18.27 -53.02
C LYS B 295 1.12 -18.41 -51.70
N LYS B 296 0.65 -19.62 -51.43
CA LYS B 296 -0.09 -19.92 -50.22
C LYS B 296 0.80 -20.77 -49.32
N TYR B 297 0.83 -20.44 -48.03
CA TYR B 297 1.64 -21.13 -47.04
C TYR B 297 0.74 -21.60 -45.91
N ARG B 298 1.30 -22.37 -44.99
CA ARG B 298 0.62 -22.84 -43.79
C ARG B 298 1.22 -22.14 -42.57
N ILE B 299 0.58 -22.30 -41.43
CA ILE B 299 1.16 -21.80 -40.18
C ILE B 299 2.62 -22.23 -40.05
N SER B 300 2.92 -23.49 -40.39
CA SER B 300 4.25 -24.05 -40.19
C SER B 300 5.28 -23.59 -41.21
N THR B 301 4.84 -23.14 -42.40
CA THR B 301 5.77 -22.68 -43.43
C THR B 301 5.69 -21.18 -43.67
N ALA B 302 4.77 -20.47 -43.02
CA ALA B 302 4.76 -19.01 -43.13
C ALA B 302 6.11 -18.43 -42.72
N ILE B 303 6.83 -19.12 -41.82
CA ILE B 303 8.15 -18.65 -41.41
C ILE B 303 9.12 -18.63 -42.58
N ASP B 304 8.79 -19.31 -43.68
CA ASP B 304 9.66 -19.37 -44.85
C ASP B 304 9.47 -18.19 -45.80
N ASP B 305 8.58 -17.27 -45.48
CA ASP B 305 8.33 -16.13 -46.34
C ASP B 305 7.87 -14.96 -45.49
N MET B 306 8.71 -13.94 -45.37
CA MET B 306 8.36 -12.86 -44.44
C MET B 306 7.12 -12.10 -44.88
N GLU B 307 6.72 -12.20 -46.15
CA GLU B 307 5.51 -11.51 -46.59
C GLU B 307 4.27 -12.16 -46.01
N ALA B 308 4.20 -13.49 -46.03
CA ALA B 308 3.08 -14.17 -45.38
C ALA B 308 3.19 -14.03 -43.87
N TYR B 309 4.41 -14.16 -43.34
CA TYR B 309 4.61 -14.10 -41.90
C TYR B 309 4.16 -12.75 -41.34
N THR B 310 4.25 -11.68 -42.14
CA THR B 310 3.67 -10.41 -41.74
C THR B 310 2.21 -10.56 -41.35
N LYS B 311 1.51 -11.53 -41.93
CA LYS B 311 0.09 -11.73 -41.69
C LYS B 311 -0.20 -12.94 -40.81
N LEU B 312 0.81 -13.45 -40.10
CA LEU B 312 0.67 -14.59 -39.19
C LEU B 312 0.80 -14.11 -37.76
N THR B 313 -0.32 -14.09 -37.03
CA THR B 313 -0.43 -13.43 -35.74
C THR B 313 -1.48 -14.20 -34.93
N ASP B 314 -1.72 -13.74 -33.70
CA ASP B 314 -2.69 -14.40 -32.84
C ASP B 314 -4.04 -14.55 -33.51
N ASN B 315 -4.28 -13.76 -34.57
CA ASN B 315 -5.53 -13.89 -35.32
C ASN B 315 -5.83 -15.35 -35.74
N ILE B 316 -4.78 -16.10 -36.06
CA ILE B 316 -4.88 -17.51 -36.37
C ILE B 316 -5.85 -18.18 -35.39
N PHE B 317 -5.66 -17.94 -34.09
CA PHE B 317 -6.51 -18.55 -33.07
C PHE B 317 -7.98 -18.39 -33.43
N LEU B 318 -8.42 -17.16 -33.63
CA LEU B 318 -9.84 -16.90 -33.89
C LEU B 318 -10.27 -17.39 -35.27
N GLU B 319 -9.40 -17.31 -36.27
CA GLU B 319 -9.73 -17.90 -37.56
C GLU B 319 -10.11 -19.37 -37.41
N ILE B 320 -9.47 -20.10 -36.47
CA ILE B 320 -9.87 -21.48 -36.24
C ILE B 320 -11.21 -21.53 -35.50
N LEU B 321 -11.32 -20.77 -34.42
CA LEU B 321 -12.49 -20.85 -33.55
C LEU B 321 -13.76 -20.42 -34.27
N TYR B 322 -13.67 -19.43 -35.18
CA TYR B 322 -14.81 -18.91 -35.92
C TYR B 322 -15.08 -19.67 -37.23
N SER B 323 -14.38 -20.76 -37.50
CA SER B 323 -14.47 -21.41 -38.79
C SER B 323 -15.70 -22.30 -38.89
N THR B 324 -16.11 -22.58 -40.14
CA THR B 324 -17.17 -23.53 -40.44
C THR B 324 -16.69 -24.72 -41.26
N ASP B 325 -15.49 -24.65 -41.85
CA ASP B 325 -14.95 -25.76 -42.64
C ASP B 325 -14.88 -27.02 -41.78
N PRO B 326 -15.51 -28.13 -42.21
CA PRO B 326 -15.45 -29.34 -41.37
C PRO B 326 -14.03 -29.86 -41.16
N LYS B 327 -13.15 -29.65 -42.14
CA LYS B 327 -11.77 -30.09 -42.00
C LYS B 327 -11.12 -29.52 -40.75
N LEU B 328 -11.60 -28.38 -40.26
CA LEU B 328 -11.03 -27.69 -39.10
C LEU B 328 -11.75 -27.98 -37.80
N LYS B 329 -12.85 -28.74 -37.84
CA LYS B 329 -13.58 -29.01 -36.60
C LYS B 329 -12.67 -29.63 -35.54
N ASP B 330 -11.81 -30.58 -35.92
CA ASP B 330 -10.89 -31.18 -34.96
C ASP B 330 -10.14 -30.10 -34.19
N ALA B 331 -9.52 -29.16 -34.91
CA ALA B 331 -8.82 -28.08 -34.22
C ALA B 331 -9.82 -27.21 -33.45
N ARG B 332 -10.91 -26.83 -34.10
CA ARG B 332 -11.87 -25.93 -33.48
C ARG B 332 -12.31 -26.46 -32.12
N GLU B 333 -12.56 -27.78 -32.04
CA GLU B 333 -13.10 -28.34 -30.80
C GLU B 333 -12.11 -28.15 -29.65
N ILE B 334 -10.81 -28.31 -29.91
CA ILE B 334 -9.84 -28.09 -28.85
C ILE B 334 -9.97 -26.67 -28.32
N LEU B 335 -10.03 -25.69 -29.22
CA LEU B 335 -10.14 -24.31 -28.73
C LEU B 335 -11.43 -24.13 -27.96
N LYS B 336 -12.50 -24.76 -28.40
CA LYS B 336 -13.75 -24.63 -27.68
C LYS B 336 -13.62 -25.25 -26.29
N GLN B 337 -12.84 -26.34 -26.19
CA GLN B 337 -12.56 -26.89 -24.87
C GLN B 337 -11.94 -25.84 -23.97
N ILE B 338 -10.96 -25.08 -24.48
CA ILE B 338 -10.39 -23.99 -23.70
C ILE B 338 -11.48 -23.06 -23.20
N GLU B 339 -12.43 -22.70 -24.08
CA GLU B 339 -13.46 -21.75 -23.67
C GLU B 339 -14.33 -22.35 -22.58
N TYR B 340 -14.59 -23.65 -22.63
CA TYR B 340 -15.42 -24.27 -21.60
C TYR B 340 -14.61 -24.64 -20.36
N ARG B 341 -13.29 -24.46 -20.40
CA ARG B 341 -12.39 -24.79 -19.30
C ARG B 341 -12.29 -26.30 -19.02
N ASN B 342 -12.55 -27.12 -20.03
CA ASN B 342 -12.28 -28.56 -19.98
C ASN B 342 -10.91 -28.75 -20.62
N LEU B 343 -9.88 -28.63 -19.79
CA LEU B 343 -8.50 -28.58 -20.22
C LEU B 343 -7.85 -29.96 -20.14
N PHE B 344 -6.73 -30.11 -20.84
CA PHE B 344 -5.88 -31.27 -20.63
C PHE B 344 -5.54 -31.39 -19.15
N LYS B 345 -5.29 -32.62 -18.70
CA LYS B 345 -5.10 -32.90 -17.29
C LYS B 345 -3.62 -33.14 -17.00
N TYR B 346 -3.15 -32.55 -15.90
CA TYR B 346 -1.76 -32.67 -15.48
C TYR B 346 -1.51 -34.02 -14.83
N VAL B 347 -0.39 -34.63 -15.18
CA VAL B 347 -0.03 -35.96 -14.72
C VAL B 347 1.17 -35.92 -13.77
N GLY B 348 2.22 -35.20 -14.15
CA GLY B 348 3.42 -35.12 -13.34
C GLY B 348 4.51 -34.30 -14.02
N GLU B 349 5.57 -34.10 -13.26
CA GLU B 349 6.70 -33.27 -13.64
C GLU B 349 8.00 -33.98 -13.27
N THR B 350 9.02 -33.77 -14.08
CA THR B 350 10.32 -34.35 -13.84
C THR B 350 11.37 -33.41 -14.42
N GLN B 351 12.63 -33.73 -14.19
CA GLN B 351 13.74 -32.97 -14.73
C GLN B 351 14.77 -33.92 -15.31
N PRO B 352 15.49 -33.55 -16.36
CA PRO B 352 16.53 -34.41 -16.91
C PRO B 352 17.80 -34.32 -16.03
N THR B 353 18.04 -35.40 -15.29
CA THR B 353 19.10 -35.39 -14.29
C THR B 353 20.45 -35.11 -14.95
N GLY B 354 21.30 -34.39 -14.23
CA GLY B 354 22.59 -33.99 -14.76
C GLY B 354 22.51 -32.78 -15.68
N GLN B 355 23.32 -32.78 -16.74
CA GLN B 355 23.39 -31.68 -17.69
C GLN B 355 22.69 -32.03 -19.01
N ILE B 356 21.72 -32.93 -18.95
CA ILE B 356 20.96 -33.37 -20.12
C ILE B 356 19.93 -32.30 -20.47
N LYS B 357 19.80 -32.01 -21.77
CA LYS B 357 18.74 -31.10 -22.24
C LYS B 357 18.10 -31.73 -23.48
N ILE B 358 16.80 -31.99 -23.41
CA ILE B 358 16.07 -32.46 -24.58
C ILE B 358 16.13 -31.37 -25.65
N LYS B 359 16.53 -31.75 -26.85
CA LYS B 359 16.64 -30.80 -27.94
C LYS B 359 15.28 -30.64 -28.63
N ARG B 360 15.09 -29.51 -29.29
CA ARG B 360 13.79 -29.26 -29.90
C ARG B 360 13.48 -30.30 -30.96
N GLU B 361 14.51 -30.74 -31.71
CA GLU B 361 14.31 -31.72 -32.79
C GLU B 361 13.67 -33.00 -32.27
N ASP B 362 13.72 -33.24 -30.96
CA ASP B 362 13.18 -34.46 -30.38
C ASP B 362 11.82 -34.29 -29.74
N TYR B 363 11.28 -33.07 -29.66
CA TYR B 363 10.01 -32.89 -28.96
C TYR B 363 8.93 -33.82 -29.50
N GLU B 364 8.82 -33.92 -30.82
CA GLU B 364 7.74 -34.71 -31.41
C GLU B 364 7.79 -36.17 -30.96
N SER B 365 8.98 -36.68 -30.67
CA SER B 365 9.11 -38.08 -30.28
C SER B 365 8.70 -38.35 -28.84
N LEU B 366 8.61 -37.31 -28.00
CA LEU B 366 8.46 -37.57 -26.57
C LEU B 366 7.13 -38.21 -26.21
N PRO B 367 5.96 -37.70 -26.64
CA PRO B 367 4.72 -38.44 -26.36
C PRO B 367 4.84 -39.90 -26.77
N LYS B 368 5.44 -40.18 -27.92
CA LYS B 368 5.41 -41.53 -28.48
C LYS B 368 6.20 -42.50 -27.60
N GLU B 369 7.44 -42.16 -27.28
CA GLU B 369 8.20 -43.01 -26.35
C GLU B 369 7.45 -43.16 -25.02
N VAL B 370 6.80 -42.10 -24.53
CA VAL B 370 6.06 -42.25 -23.29
C VAL B 370 5.01 -43.36 -23.41
N ALA B 371 4.32 -43.43 -24.54
CA ALA B 371 3.24 -44.38 -24.65
C ALA B 371 3.74 -45.81 -24.71
N SER B 372 5.02 -46.01 -25.12
CA SER B 372 5.53 -47.37 -25.22
C SER B 372 6.15 -47.84 -23.92
N ALA B 373 6.38 -46.92 -22.98
CA ALA B 373 6.89 -47.32 -21.67
C ALA B 373 6.02 -48.45 -21.12
N LYS B 374 6.67 -49.46 -20.55
CA LYS B 374 5.98 -50.65 -20.08
C LYS B 374 5.78 -50.50 -18.59
N PRO B 375 4.68 -49.90 -18.12
CA PRO B 375 4.45 -49.82 -16.66
C PRO B 375 4.43 -51.22 -16.07
N LYS B 376 5.37 -51.49 -15.15
CA LYS B 376 5.53 -52.84 -14.61
C LYS B 376 4.21 -53.38 -14.08
N VAL B 377 3.49 -52.56 -13.32
CA VAL B 377 2.17 -52.92 -12.82
C VAL B 377 1.17 -52.92 -13.98
N LEU B 378 0.89 -54.12 -14.52
CA LEU B 378 -0.10 -54.22 -15.59
C LEU B 378 -1.40 -53.58 -15.13
N LEU B 379 -2.02 -52.84 -16.06
CA LEU B 379 -3.10 -51.94 -15.74
C LEU B 379 -4.22 -52.10 -16.76
N ASP B 380 -5.25 -51.28 -16.62
CA ASP B 380 -6.47 -51.45 -17.42
C ASP B 380 -6.33 -50.80 -18.79
N VAL B 381 -6.32 -49.48 -18.82
CA VAL B 381 -6.44 -48.77 -20.09
C VAL B 381 -5.07 -48.71 -20.74
N LYS B 382 -5.05 -48.94 -22.05
CA LYS B 382 -3.88 -48.73 -22.89
C LYS B 382 -3.98 -47.34 -23.52
N LEU B 383 -2.95 -46.53 -23.33
CA LEU B 383 -2.94 -45.18 -23.87
C LEU B 383 -1.90 -45.07 -24.98
N LYS B 384 -2.26 -44.28 -26.01
CA LYS B 384 -1.40 -44.10 -27.18
C LYS B 384 -0.79 -42.70 -27.16
N ALA B 385 0.23 -42.53 -28.01
CA ALA B 385 0.99 -41.29 -28.02
C ALA B 385 0.06 -40.09 -28.14
N GLU B 386 -0.90 -40.15 -29.06
CA GLU B 386 -1.79 -39.02 -29.25
C GLU B 386 -2.47 -38.60 -27.94
N ASP B 387 -2.60 -39.52 -26.99
CA ASP B 387 -3.22 -39.23 -25.70
C ASP B 387 -2.28 -38.49 -24.75
N PHE B 388 -1.04 -38.24 -25.15
CA PHE B 388 -0.03 -37.66 -24.27
C PHE B 388 0.49 -36.34 -24.85
N ILE B 389 0.74 -35.38 -23.95
CA ILE B 389 1.45 -34.14 -24.24
C ILE B 389 2.67 -34.13 -23.36
N VAL B 390 3.82 -33.78 -23.93
CA VAL B 390 5.08 -33.64 -23.20
C VAL B 390 5.57 -32.21 -23.35
N ASP B 391 5.45 -31.43 -22.29
CA ASP B 391 5.82 -30.03 -22.29
C ASP B 391 7.25 -29.87 -21.76
N VAL B 392 8.14 -29.38 -22.62
CA VAL B 392 9.51 -29.05 -22.26
C VAL B 392 9.55 -27.55 -21.91
N ILE B 393 9.85 -27.24 -20.65
CA ILE B 393 9.90 -25.88 -20.11
C ILE B 393 11.36 -25.52 -19.88
N ASN B 394 11.90 -24.65 -20.73
CA ASN B 394 13.27 -24.19 -20.59
C ASN B 394 13.30 -22.88 -19.84
N MET B 395 14.36 -22.64 -19.08
CA MET B 395 14.59 -21.30 -18.52
C MET B 395 16.07 -21.20 -18.12
N ALA B 436 20.76 -23.39 -18.39
CA ALA B 436 20.55 -24.69 -17.76
C ALA B 436 19.14 -24.77 -17.21
N GLU B 437 18.83 -25.90 -16.55
CA GLU B 437 17.53 -26.10 -15.93
C GLU B 437 16.45 -26.33 -16.98
N GLN B 438 15.70 -27.41 -16.82
CA GLN B 438 14.66 -27.78 -17.77
C GLN B 438 13.63 -28.62 -17.04
N LEU B 439 12.35 -28.30 -17.17
CA LEU B 439 11.30 -29.12 -16.58
C LEU B 439 10.58 -29.82 -17.70
N ILE B 440 10.10 -31.03 -17.40
CA ILE B 440 9.35 -31.85 -18.35
C ILE B 440 8.07 -32.21 -17.65
N ARG B 441 6.98 -31.57 -18.04
CA ARG B 441 5.67 -31.90 -17.49
C ARG B 441 4.94 -32.75 -18.52
N VAL B 442 4.03 -33.59 -18.05
CA VAL B 442 3.28 -34.48 -18.93
C VAL B 442 1.81 -34.29 -18.62
N TYR B 443 1.01 -34.16 -19.67
CA TYR B 443 -0.43 -34.02 -19.55
C TYR B 443 -1.10 -35.10 -20.38
N CYS B 444 -2.33 -35.48 -19.97
CA CYS B 444 -3.12 -36.46 -20.70
C CYS B 444 -4.40 -35.80 -21.21
N LYS B 445 -4.74 -36.06 -22.47
CA LYS B 445 -5.96 -35.51 -23.06
C LYS B 445 -7.20 -36.26 -22.59
N LYS B 446 -7.09 -37.55 -22.28
CA LYS B 446 -8.19 -38.26 -21.64
C LYS B 446 -8.27 -37.86 -20.18
N VAL B 447 -9.49 -37.71 -19.68
CA VAL B 447 -9.71 -37.09 -18.37
C VAL B 447 -10.42 -38.02 -17.38
N ASP B 448 -10.89 -39.19 -17.79
CA ASP B 448 -11.50 -40.08 -16.82
C ASP B 448 -10.44 -40.58 -15.84
N ARG B 449 -10.89 -40.92 -14.62
CA ARG B 449 -9.97 -41.30 -13.56
C ARG B 449 -9.06 -42.45 -14.00
N LYS B 450 -9.64 -43.43 -14.71
CA LYS B 450 -8.87 -44.62 -15.08
C LYS B 450 -7.73 -44.27 -16.03
N SER B 451 -8.00 -43.43 -17.01
CA SER B 451 -6.94 -43.04 -17.94
C SER B 451 -5.88 -42.21 -17.24
N LEU B 452 -6.25 -41.39 -16.25
CA LEU B 452 -5.23 -40.58 -15.57
C LEU B 452 -4.34 -41.43 -14.67
N TYR B 453 -4.92 -42.38 -13.92
CA TYR B 453 -4.08 -43.33 -13.19
C TYR B 453 -3.14 -44.05 -14.16
N ALA B 454 -3.68 -44.61 -15.24
CA ALA B 454 -2.83 -45.24 -16.24
C ALA B 454 -1.73 -44.29 -16.72
N ALA B 455 -2.09 -43.03 -17.00
CA ALA B 455 -1.13 -42.04 -17.49
C ALA B 455 0.01 -41.83 -16.50
N ARG B 456 -0.32 -41.71 -15.21
CA ARG B 456 0.77 -41.57 -14.24
C ARG B 456 1.67 -42.80 -14.28
N GLN B 457 1.08 -43.99 -14.47
CA GLN B 457 1.91 -45.20 -14.57
C GLN B 457 2.90 -45.08 -15.73
N TYR B 458 2.39 -44.68 -16.92
CA TYR B 458 3.27 -44.53 -18.09
C TYR B 458 4.35 -43.51 -17.81
N PHE B 459 4.00 -42.43 -17.11
CA PHE B 459 4.91 -41.32 -16.89
C PHE B 459 6.04 -41.70 -15.94
N VAL B 460 5.71 -42.33 -14.81
CA VAL B 460 6.74 -42.72 -13.86
C VAL B 460 7.70 -43.70 -14.52
N GLN B 461 7.17 -44.68 -15.26
CA GLN B 461 8.05 -45.63 -15.92
C GLN B 461 8.93 -44.94 -16.95
N TRP B 462 8.38 -43.98 -17.70
CA TRP B 462 9.19 -43.23 -18.67
C TRP B 462 10.36 -42.53 -17.99
N CYS B 463 10.08 -41.85 -16.88
CA CYS B 463 11.16 -41.18 -16.16
C CYS B 463 12.23 -42.19 -15.79
N ALA B 464 11.82 -43.41 -15.46
CA ALA B 464 12.81 -44.43 -15.12
C ALA B 464 13.61 -44.85 -16.35
N ASP B 465 12.93 -45.06 -17.49
CA ASP B 465 13.60 -45.52 -18.70
C ASP B 465 14.61 -44.50 -19.19
N ARG B 466 14.29 -43.21 -19.03
CA ARG B 466 15.20 -42.13 -19.40
C ARG B 466 16.17 -41.76 -18.28
N ASN B 467 16.06 -42.40 -17.11
CA ASN B 467 16.86 -42.05 -15.93
C ASN B 467 16.65 -40.58 -15.53
N PHE B 468 15.40 -40.15 -15.56
CA PHE B 468 15.00 -38.82 -15.11
C PHE B 468 14.64 -38.87 -13.64
N THR B 469 14.58 -37.68 -13.03
CA THR B 469 14.18 -37.55 -11.63
C THR B 469 12.87 -38.28 -11.36
N LYS B 470 12.83 -39.02 -10.27
CA LYS B 470 11.61 -39.72 -9.88
C LYS B 470 10.51 -38.70 -9.67
N PRO B 471 9.35 -38.84 -10.36
CA PRO B 471 8.26 -37.86 -10.17
C PRO B 471 7.84 -37.79 -8.71
N GLN B 472 8.24 -36.73 -8.03
CA GLN B 472 8.00 -36.57 -6.60
C GLN B 472 6.67 -35.88 -6.31
N ASP B 473 5.62 -36.25 -7.03
CA ASP B 473 4.31 -35.61 -6.86
C ASP B 473 3.39 -36.39 -5.92
N GLY B 474 3.22 -37.68 -6.16
CA GLY B 474 2.39 -38.52 -5.32
C GLY B 474 1.07 -37.89 -4.93
N ASP B 475 0.37 -37.31 -5.89
CA ASP B 475 -0.88 -36.62 -5.62
C ASP B 475 -1.85 -37.50 -4.82
N THR C 4 -21.22 2.67 34.03
CA THR C 4 -21.23 1.22 34.26
C THR C 4 -20.33 0.49 33.22
N MET C 5 -20.82 0.37 31.97
CA MET C 5 -19.98 -0.16 30.90
C MET C 5 -19.07 0.95 30.36
N LYS C 6 -17.76 0.79 30.53
CA LYS C 6 -16.79 1.77 30.03
C LYS C 6 -16.26 1.34 28.66
N VAL C 7 -16.10 2.30 27.76
CA VAL C 7 -15.54 2.04 26.44
C VAL C 7 -14.19 2.74 26.35
N ILE C 8 -13.15 1.99 25.99
CA ILE C 8 -11.82 2.51 25.75
C ILE C 8 -11.50 2.31 24.28
N ASN C 9 -10.99 3.33 23.65
CA ASN C 9 -10.68 3.30 22.23
C ASN C 9 -9.19 3.01 22.06
N ASP C 10 -8.88 1.80 21.60
CA ASP C 10 -7.56 1.27 21.39
C ASP C 10 -7.20 1.26 19.89
N PRO C 11 -5.94 1.52 19.52
CA PRO C 11 -5.63 1.62 18.08
C PRO C 11 -5.64 0.29 17.34
N ILE C 12 -5.52 -0.84 18.04
CA ILE C 12 -5.52 -2.14 17.40
C ILE C 12 -6.91 -2.76 17.35
N HIS C 13 -7.62 -2.70 18.47
CA HIS C 13 -8.90 -3.38 18.60
C HIS C 13 -10.09 -2.46 18.44
N GLY C 14 -9.87 -1.15 18.35
CA GLY C 14 -10.99 -0.24 18.25
C GLY C 14 -11.63 -0.06 19.61
N HIS C 15 -12.95 -0.19 19.65
CA HIS C 15 -13.71 0.03 20.87
C HIS C 15 -13.64 -1.20 21.76
N ILE C 16 -13.12 -1.03 22.96
CA ILE C 16 -13.00 -2.10 23.94
C ILE C 16 -13.99 -1.76 25.05
N GLU C 17 -15.07 -2.54 25.19
CA GLU C 17 -15.91 -2.42 26.37
C GLU C 17 -15.30 -3.19 27.54
N LEU C 18 -15.52 -2.69 28.76
CA LEU C 18 -14.98 -3.32 29.95
C LEU C 18 -16.08 -3.45 30.99
N HIS C 19 -16.36 -4.69 31.38
CA HIS C 19 -17.25 -4.94 32.49
C HIS C 19 -16.81 -4.11 33.70
N PRO C 20 -17.75 -3.51 34.45
CA PRO C 20 -17.36 -2.63 35.56
C PRO C 20 -16.42 -3.27 36.58
N LEU C 21 -16.49 -4.58 36.79
CA LEU C 21 -15.53 -5.24 37.66
C LEU C 21 -14.13 -5.10 37.11
N LEU C 22 -13.95 -5.35 35.81
CA LEU C 22 -12.64 -5.14 35.20
C LEU C 22 -12.18 -3.70 35.40
N VAL C 23 -13.12 -2.75 35.37
CA VAL C 23 -12.75 -1.35 35.54
C VAL C 23 -12.28 -1.08 36.96
N ARG C 24 -12.98 -1.66 37.95
CA ARG C 24 -12.52 -1.49 39.32
C ARG C 24 -11.12 -2.05 39.48
N ILE C 25 -10.79 -3.10 38.72
CA ILE C 25 -9.43 -3.66 38.80
C ILE C 25 -8.43 -2.75 38.08
N ILE C 26 -8.85 -2.03 37.05
CA ILE C 26 -7.93 -1.18 36.31
C ILE C 26 -7.57 0.08 37.10
N ASP C 27 -8.55 0.64 37.80
CA ASP C 27 -8.35 1.94 38.47
C ASP C 27 -7.74 1.75 39.86
N THR C 28 -6.52 1.23 39.85
CA THR C 28 -5.77 0.87 41.03
C THR C 28 -4.31 1.18 40.77
N PRO C 29 -3.56 1.57 41.80
CA PRO C 29 -2.15 1.92 41.57
C PRO C 29 -1.37 0.73 41.05
N GLN C 30 -1.76 -0.49 41.44
CA GLN C 30 -1.02 -1.68 41.03
C GLN C 30 -1.17 -1.95 39.54
N PHE C 31 -2.31 -1.62 38.95
CA PHE C 31 -2.51 -1.82 37.52
C PHE C 31 -2.05 -0.60 36.73
N GLN C 32 -2.44 0.60 37.18
CA GLN C 32 -2.01 1.83 36.52
C GLN C 32 -0.50 1.92 36.45
N ARG C 33 0.19 1.22 37.36
CA ARG C 33 1.64 1.10 37.28
C ARG C 33 2.14 0.67 35.89
N LEU C 34 1.35 -0.12 35.17
CA LEU C 34 1.84 -0.63 33.91
C LEU C 34 1.93 0.46 32.87
N ARG C 35 1.39 1.65 33.12
CA ARG C 35 1.55 2.78 32.21
C ARG C 35 2.99 3.33 32.18
N TYR C 36 3.86 2.85 33.05
CA TYR C 36 5.21 3.39 33.19
C TYR C 36 6.27 2.33 32.99
N ILE C 37 5.93 1.28 32.24
CA ILE C 37 6.85 0.19 31.92
C ILE C 37 6.71 -0.07 30.41
N LYS C 38 7.71 0.36 29.65
CA LYS C 38 7.69 0.20 28.20
C LYS C 38 7.65 -1.27 27.83
N GLN C 39 6.71 -1.61 26.92
CA GLN C 39 6.53 -2.99 26.50
C GLN C 39 7.86 -3.62 26.09
N LEU C 40 8.58 -2.98 25.17
CA LEU C 40 9.79 -3.54 24.59
C LEU C 40 11.05 -3.09 25.30
N GLY C 41 10.90 -2.55 26.50
CA GLY C 41 12.07 -2.12 27.26
C GLY C 41 12.87 -1.09 26.49
N GLY C 42 14.14 -1.39 26.27
CA GLY C 42 15.05 -0.52 25.58
C GLY C 42 14.90 -0.48 24.09
N GLY C 43 14.02 -1.27 23.51
CA GLY C 43 13.80 -1.21 22.08
C GLY C 43 13.42 0.18 21.61
N TYR C 44 12.72 0.94 22.45
CA TYR C 44 12.36 2.30 22.12
C TYR C 44 13.57 3.12 21.71
N TYR C 45 14.73 2.87 22.35
CA TYR C 45 15.94 3.60 22.04
C TYR C 45 16.52 3.21 20.69
N VAL C 46 15.87 2.28 20.00
CA VAL C 46 16.25 1.92 18.64
C VAL C 46 15.09 2.13 17.68
N PHE C 47 13.88 1.83 18.11
CA PHE C 47 12.69 2.08 17.30
C PHE C 47 11.90 3.22 17.89
N PRO C 48 11.92 4.41 17.28
CA PRO C 48 11.22 5.55 17.90
C PRO C 48 9.75 5.30 18.11
N GLY C 49 9.16 4.41 17.33
CA GLY C 49 7.74 4.17 17.48
C GLY C 49 7.33 3.27 18.62
N ALA C 50 8.29 2.64 19.29
CA ALA C 50 7.99 1.66 20.34
C ALA C 50 7.88 2.32 21.69
N SER C 51 7.05 3.34 21.76
CA SER C 51 6.78 4.08 22.99
C SER C 51 5.75 3.39 23.88
N HIS C 52 5.20 2.26 23.47
CA HIS C 52 4.05 1.71 24.14
C HIS C 52 4.46 0.92 25.39
N ASN C 53 3.51 0.82 26.31
CA ASN C 53 3.73 0.28 27.63
C ASN C 53 2.81 -0.91 27.91
N ARG C 54 3.19 -1.70 28.91
CA ARG C 54 2.44 -2.89 29.28
C ARG C 54 0.95 -2.63 29.53
N PHE C 55 0.56 -1.40 29.86
CA PHE C 55 -0.83 -1.12 30.20
C PHE C 55 -1.74 -1.30 28.99
N GLU C 56 -1.41 -0.63 27.86
CA GLU C 56 -2.17 -0.82 26.63
C GLU C 56 -2.29 -2.29 26.28
N HIS C 57 -1.15 -2.98 26.25
CA HIS C 57 -1.11 -4.40 25.94
C HIS C 57 -2.00 -5.19 26.88
N SER C 58 -2.00 -4.84 28.16
CA SER C 58 -2.81 -5.61 29.11
C SER C 58 -4.30 -5.45 28.83
N LEU C 59 -4.73 -4.23 28.58
CA LEU C 59 -6.13 -4.03 28.22
C LEU C 59 -6.49 -4.85 26.98
N GLY C 60 -5.58 -4.88 26.00
CA GLY C 60 -5.86 -5.63 24.78
C GLY C 60 -5.98 -7.11 25.03
N VAL C 61 -5.10 -7.66 25.88
CA VAL C 61 -5.15 -9.08 26.21
C VAL C 61 -6.44 -9.40 26.91
N GLY C 62 -6.85 -8.57 27.86
CA GLY C 62 -8.13 -8.79 28.51
C GLY C 62 -9.29 -8.82 27.52
N TYR C 63 -9.30 -7.86 26.58
CA TYR C 63 -10.37 -7.80 25.58
C TYR C 63 -10.38 -9.07 24.73
N LEU C 64 -9.21 -9.54 24.26
CA LEU C 64 -9.18 -10.73 23.41
C LEU C 64 -9.58 -11.96 24.18
N ALA C 65 -9.11 -12.09 25.42
CA ALA C 65 -9.54 -13.22 26.24
C ALA C 65 -11.07 -13.25 26.30
N GLY C 66 -11.68 -12.11 26.56
CA GLY C 66 -13.13 -12.09 26.63
C GLY C 66 -13.78 -12.45 25.31
N CYS C 67 -13.29 -11.84 24.22
CA CYS C 67 -13.85 -12.15 22.91
C CYS C 67 -13.85 -13.64 22.65
N LEU C 68 -12.72 -14.29 22.92
CA LEU C 68 -12.56 -15.68 22.53
C LEU C 68 -13.41 -16.59 23.39
N VAL C 69 -13.39 -16.38 24.72
CA VAL C 69 -14.15 -17.30 25.57
C VAL C 69 -15.65 -17.08 25.31
N HIS C 70 -16.06 -15.83 25.04
CA HIS C 70 -17.48 -15.58 24.79
C HIS C 70 -17.92 -16.20 23.46
N ALA C 71 -17.07 -16.10 22.44
CA ALA C 71 -17.39 -16.69 21.15
C ALA C 71 -17.51 -18.21 21.27
N LEU C 72 -16.60 -18.83 22.03
CA LEU C 72 -16.69 -20.28 22.22
C LEU C 72 -17.93 -20.64 23.02
N GLY C 73 -18.33 -19.79 23.97
CA GLY C 73 -19.56 -20.06 24.70
C GLY C 73 -20.79 -19.99 23.81
N GLU C 74 -20.83 -19.03 22.89
CA GLU C 74 -21.98 -18.96 21.99
C GLU C 74 -22.01 -20.12 21.00
N LYS C 75 -20.88 -20.45 20.38
CA LYS C 75 -20.93 -21.54 19.38
C LYS C 75 -21.30 -22.87 20.03
N GLN C 76 -20.69 -23.17 21.18
CA GLN C 76 -20.80 -24.47 21.86
C GLN C 76 -21.38 -24.20 23.25
N PRO C 77 -22.69 -24.04 23.37
CA PRO C 77 -23.29 -23.87 24.70
C PRO C 77 -23.11 -25.08 25.59
N GLU C 78 -22.88 -26.27 25.01
CA GLU C 78 -22.78 -27.49 25.81
C GLU C 78 -21.56 -27.48 26.72
N LEU C 79 -20.58 -26.63 26.43
CA LEU C 79 -19.44 -26.50 27.31
C LEU C 79 -19.79 -25.87 28.65
N GLN C 80 -20.98 -25.27 28.77
CA GLN C 80 -21.40 -24.65 30.03
C GLN C 80 -20.44 -23.53 30.48
N ILE C 81 -19.97 -22.74 29.52
CA ILE C 81 -19.19 -21.55 29.84
C ILE C 81 -20.13 -20.49 30.37
N SER C 82 -19.80 -19.97 31.56
CA SER C 82 -20.63 -18.97 32.21
C SER C 82 -19.98 -17.60 32.10
N GLU C 83 -20.80 -16.56 32.33
CA GLU C 83 -20.24 -15.21 32.38
C GLU C 83 -19.24 -15.08 33.52
N ARG C 84 -19.36 -15.93 34.54
CA ARG C 84 -18.35 -15.98 35.60
C ARG C 84 -17.02 -16.45 35.04
N ASP C 85 -17.05 -17.54 34.27
CA ASP C 85 -15.84 -18.00 33.60
C ASP C 85 -15.27 -16.93 32.68
N VAL C 86 -16.14 -16.25 31.93
CA VAL C 86 -15.67 -15.19 31.03
C VAL C 86 -14.90 -14.15 31.82
N LEU C 87 -15.50 -13.67 32.92
CA LEU C 87 -14.86 -12.64 33.72
C LEU C 87 -13.53 -13.12 34.26
N CYS C 88 -13.47 -14.37 34.74
CA CYS C 88 -12.20 -14.86 35.27
C CYS C 88 -11.13 -14.86 34.18
N VAL C 89 -11.48 -15.29 32.98
CA VAL C 89 -10.49 -15.31 31.92
C VAL C 89 -10.08 -13.88 31.55
N GLN C 90 -11.05 -12.95 31.50
CA GLN C 90 -10.72 -11.56 31.21
C GLN C 90 -9.77 -10.98 32.26
N ILE C 91 -10.01 -11.29 33.54
CA ILE C 91 -9.14 -10.79 34.60
C ILE C 91 -7.75 -11.38 34.46
N ALA C 92 -7.67 -12.66 34.10
CA ALA C 92 -6.36 -13.27 33.87
C ALA C 92 -5.64 -12.56 32.73
N GLY C 93 -6.35 -12.26 31.64
CA GLY C 93 -5.74 -11.53 30.54
C GLY C 93 -5.29 -10.14 30.93
N LEU C 94 -6.13 -9.40 31.68
CA LEU C 94 -5.80 -8.07 32.15
C LEU C 94 -4.55 -8.06 33.01
N CYS C 95 -4.42 -9.06 33.90
CA CYS C 95 -3.42 -9.03 34.95
C CYS C 95 -2.23 -9.95 34.68
N HIS C 96 -2.16 -10.56 33.51
CA HIS C 96 -1.08 -11.50 33.24
C HIS C 96 0.29 -10.86 33.31
N ASP C 97 0.40 -9.55 33.08
CA ASP C 97 1.70 -8.89 33.08
C ASP C 97 1.89 -7.93 34.26
N LEU C 98 1.09 -8.06 35.33
CA LEU C 98 1.22 -7.16 36.45
C LEU C 98 2.60 -7.24 37.08
N GLY C 99 3.28 -8.37 36.94
CA GLY C 99 4.54 -8.60 37.60
C GLY C 99 5.78 -8.13 36.87
N HIS C 100 5.61 -7.55 35.68
CA HIS C 100 6.77 -7.06 34.95
C HIS C 100 7.44 -5.91 35.71
N GLY C 101 8.71 -5.72 35.46
CA GLY C 101 9.50 -4.70 36.10
C GLY C 101 10.02 -3.70 35.10
N PRO C 102 10.90 -2.79 35.56
CA PRO C 102 11.45 -1.77 34.66
C PRO C 102 11.94 -2.38 33.36
N PHE C 103 11.45 -1.87 32.25
CA PHE C 103 11.88 -2.29 30.92
C PHE C 103 11.55 -3.75 30.63
N SER C 104 10.51 -4.25 31.30
CA SER C 104 9.86 -5.51 30.97
C SER C 104 10.87 -6.64 31.05
N HIS C 105 11.09 -7.41 29.99
CA HIS C 105 11.89 -8.62 30.07
C HIS C 105 13.35 -8.34 30.44
N MET C 106 13.77 -7.07 30.40
CA MET C 106 15.11 -6.74 30.89
C MET C 106 15.26 -7.07 32.36
N PHE C 107 14.19 -6.88 33.13
CA PHE C 107 14.26 -6.92 34.58
C PHE C 107 14.40 -8.35 35.08
N ASP C 108 13.42 -9.21 34.79
CA ASP C 108 13.44 -10.57 35.31
C ASP C 108 14.39 -11.50 34.54
N GLY C 109 14.77 -11.13 33.33
CA GLY C 109 15.64 -11.98 32.54
C GLY C 109 17.11 -11.62 32.51
N ARG C 110 17.45 -10.43 33.02
CA ARG C 110 18.87 -10.11 33.14
C ARG C 110 19.21 -9.42 34.45
N PHE C 111 18.42 -8.43 34.86
CA PHE C 111 18.84 -7.62 36.00
C PHE C 111 18.80 -8.43 37.28
N ILE C 112 17.63 -8.94 37.67
CA ILE C 112 17.52 -9.73 38.88
C ILE C 112 18.53 -10.88 38.85
N PRO C 113 18.68 -11.65 37.76
CA PRO C 113 19.71 -12.69 37.75
C PRO C 113 21.10 -12.16 38.05
N LEU C 114 21.47 -11.00 37.48
CA LEU C 114 22.83 -10.50 37.72
C LEU C 114 23.00 -9.88 39.12
N ALA C 115 21.92 -9.33 39.68
CA ALA C 115 21.94 -8.65 40.96
C ALA C 115 21.82 -9.62 42.12
N ARG C 116 20.99 -10.65 41.97
CA ARG C 116 20.74 -11.65 42.99
C ARG C 116 20.68 -13.02 42.31
N PRO C 117 21.84 -13.59 41.99
CA PRO C 117 21.85 -14.86 41.22
C PRO C 117 21.19 -15.99 41.98
N GLU C 118 21.09 -15.90 43.30
CA GLU C 118 20.51 -17.02 44.04
C GLU C 118 19.01 -17.07 43.92
N VAL C 119 18.37 -15.96 43.60
CA VAL C 119 16.93 -15.88 43.64
C VAL C 119 16.35 -16.46 42.37
N LYS C 120 15.17 -17.07 42.54
CA LYS C 120 14.38 -17.55 41.40
C LYS C 120 13.20 -16.59 41.25
N TRP C 121 13.33 -15.64 40.34
CA TRP C 121 12.27 -14.66 40.14
C TRP C 121 11.87 -14.61 38.68
N THR C 122 10.58 -14.68 38.43
CA THR C 122 10.05 -14.48 37.10
C THR C 122 8.86 -13.54 37.18
N HIS C 123 8.55 -12.88 36.06
CA HIS C 123 7.50 -11.88 36.05
C HIS C 123 6.12 -12.48 36.30
N GLU C 124 5.94 -13.76 35.96
CA GLU C 124 4.65 -14.40 36.19
C GLU C 124 4.35 -14.56 37.68
N GLN C 125 5.31 -15.07 38.45
CA GLN C 125 5.12 -15.08 39.89
C GLN C 125 4.85 -13.67 40.38
N GLY C 126 5.59 -12.71 39.85
CA GLY C 126 5.36 -11.34 40.21
C GLY C 126 3.93 -10.93 39.92
N SER C 127 3.37 -11.39 38.80
CA SER C 127 1.99 -11.06 38.44
C SER C 127 1.03 -11.62 39.48
N VAL C 128 1.27 -12.85 39.93
CA VAL C 128 0.38 -13.40 40.96
C VAL C 128 0.49 -12.58 42.24
N MET C 129 1.71 -12.19 42.59
CA MET C 129 1.89 -11.42 43.83
C MET C 129 1.21 -10.05 43.73
N MET C 130 1.51 -9.31 42.66
CA MET C 130 0.83 -8.05 42.42
C MET C 130 -0.67 -8.22 42.34
N PHE C 131 -1.15 -9.32 41.74
CA PHE C 131 -2.58 -9.52 41.65
C PHE C 131 -3.21 -9.67 43.01
N GLU C 132 -2.63 -10.54 43.85
CA GLU C 132 -3.12 -10.67 45.22
C GLU C 132 -3.06 -9.34 45.96
N HIS C 133 -1.95 -8.62 45.80
CA HIS C 133 -1.77 -7.33 46.48
C HIS C 133 -2.80 -6.33 46.00
N LEU C 134 -3.12 -6.36 44.70
CA LEU C 134 -4.15 -5.51 44.13
C LEU C 134 -5.50 -5.90 44.69
N ILE C 135 -5.76 -7.20 44.82
CA ILE C 135 -7.01 -7.67 45.41
C ILE C 135 -7.19 -7.08 46.81
N ASN C 136 -6.13 -7.13 47.62
CA ASN C 136 -6.29 -6.80 49.03
C ASN C 136 -6.14 -5.31 49.33
N SER C 137 -5.27 -4.59 48.62
CA SER C 137 -5.13 -3.17 48.88
C SER C 137 -6.33 -2.36 48.41
N ASN C 138 -7.15 -2.90 47.51
CA ASN C 138 -8.45 -2.33 47.20
C ASN C 138 -9.52 -3.32 47.62
N GLY C 139 -10.77 -2.96 47.41
CA GLY C 139 -11.81 -3.73 48.06
C GLY C 139 -12.58 -4.56 47.07
N ILE C 140 -11.84 -5.24 46.20
CA ILE C 140 -12.43 -5.79 45.00
C ILE C 140 -12.99 -7.19 45.20
N LYS C 141 -12.59 -7.89 46.26
CA LYS C 141 -13.21 -9.19 46.51
C LYS C 141 -14.72 -9.08 46.66
N PRO C 142 -15.25 -8.21 47.54
CA PRO C 142 -16.72 -8.03 47.58
C PRO C 142 -17.30 -7.56 46.26
N VAL C 143 -16.52 -6.86 45.41
CA VAL C 143 -16.99 -6.51 44.08
C VAL C 143 -17.10 -7.75 43.18
N MET C 144 -16.12 -8.64 43.25
CA MET C 144 -16.24 -9.95 42.61
C MET C 144 -17.52 -10.64 43.05
N GLU C 145 -17.77 -10.68 44.35
CA GLU C 145 -19.00 -11.29 44.85
C GLU C 145 -20.23 -10.57 44.30
N GLN C 146 -20.16 -9.24 44.20
CA GLN C 146 -21.26 -8.46 43.65
C GLN C 146 -21.54 -8.78 42.18
N TYR C 147 -20.57 -9.29 41.44
CA TYR C 147 -20.79 -9.62 40.04
C TYR C 147 -20.70 -11.11 39.74
N GLY C 148 -21.01 -11.95 40.74
CA GLY C 148 -21.18 -13.37 40.51
C GLY C 148 -19.98 -14.25 40.80
N LEU C 149 -18.79 -13.69 40.94
CA LEU C 149 -17.61 -14.50 41.19
C LEU C 149 -17.57 -15.01 42.62
N ILE C 150 -16.93 -16.16 42.80
CA ILE C 150 -16.61 -16.75 44.11
C ILE C 150 -15.12 -16.56 44.38
N PRO C 151 -14.71 -15.58 45.19
CA PRO C 151 -13.26 -15.24 45.24
C PRO C 151 -12.33 -16.42 45.54
N GLU C 152 -12.69 -17.35 46.41
CA GLU C 152 -11.85 -18.53 46.64
C GLU C 152 -11.47 -19.21 45.32
N GLU C 153 -12.42 -19.99 44.79
CA GLU C 153 -12.19 -20.72 43.55
C GLU C 153 -11.66 -19.81 42.43
N ASP C 154 -12.26 -18.62 42.28
CA ASP C 154 -11.99 -17.79 41.11
C ASP C 154 -10.65 -17.08 41.17
N ILE C 155 -10.27 -16.57 42.34
CA ILE C 155 -8.92 -16.06 42.51
C ILE C 155 -7.92 -17.15 42.14
N CYS C 156 -8.14 -18.37 42.65
CA CYS C 156 -7.23 -19.47 42.32
C CYS C 156 -7.18 -19.71 40.79
N PHE C 157 -8.34 -19.74 40.15
CA PHE C 157 -8.40 -19.95 38.69
C PHE C 157 -7.60 -18.88 37.93
N ILE C 158 -7.78 -17.62 38.31
CA ILE C 158 -7.07 -16.54 37.63
C ILE C 158 -5.56 -16.71 37.79
N LYS C 159 -5.11 -16.94 39.02
CA LYS C 159 -3.67 -17.05 39.24
C LYS C 159 -3.10 -18.27 38.49
N GLU C 160 -3.85 -19.37 38.43
CA GLU C 160 -3.38 -20.53 37.67
C GLU C 160 -3.31 -20.23 36.17
N GLN C 161 -4.24 -19.43 35.64
CA GLN C 161 -4.09 -19.03 34.26
C GLN C 161 -2.78 -18.27 34.06
N ILE C 162 -2.35 -17.52 35.07
CA ILE C 162 -1.17 -16.65 34.90
C ILE C 162 0.13 -17.44 35.09
N VAL C 163 0.18 -18.30 36.09
CA VAL C 163 1.44 -18.93 36.46
C VAL C 163 1.41 -20.43 36.23
N GLY C 164 0.23 -21.04 36.12
CA GLY C 164 0.09 -22.47 35.99
C GLY C 164 -0.29 -23.10 37.33
N PRO C 165 -0.23 -24.43 37.41
CA PRO C 165 -0.61 -25.10 38.65
C PRO C 165 0.46 -24.94 39.73
N LEU C 166 0.01 -24.90 40.99
CA LEU C 166 0.95 -24.92 42.12
C LEU C 166 1.80 -26.19 42.02
N GLU C 167 3.04 -26.05 41.57
CA GLU C 167 3.86 -27.24 41.33
C GLU C 167 4.07 -28.02 42.62
N SER C 168 3.15 -28.96 42.89
CA SER C 168 3.28 -29.88 44.03
C SER C 168 2.70 -31.25 43.75
N PRO C 169 2.59 -31.69 42.47
CA PRO C 169 1.90 -32.96 42.20
C PRO C 169 2.73 -34.12 42.72
N VAL C 170 2.32 -35.35 42.38
CA VAL C 170 3.19 -36.51 42.53
C VAL C 170 3.85 -36.74 41.18
N GLU C 171 4.15 -35.65 40.46
CA GLU C 171 4.54 -35.67 39.05
C GLU C 171 3.75 -36.69 38.24
N ASP C 172 2.45 -36.81 38.52
CA ASP C 172 1.60 -37.81 37.91
C ASP C 172 0.74 -37.18 36.80
N SER C 173 0.17 -38.07 35.98
CA SER C 173 -0.67 -37.71 34.85
C SER C 173 -2.07 -37.28 35.27
N LEU C 174 -2.30 -37.01 36.57
CA LEU C 174 -3.59 -36.54 37.01
C LEU C 174 -3.76 -35.04 36.78
N TRP C 175 -4.99 -34.57 36.98
CA TRP C 175 -5.38 -33.20 36.70
C TRP C 175 -4.84 -32.22 37.74
N PRO C 176 -3.91 -31.32 37.38
CA PRO C 176 -3.27 -30.49 38.39
C PRO C 176 -4.01 -29.24 38.87
N TYR C 177 -4.73 -28.54 37.99
CA TYR C 177 -5.29 -27.24 38.36
C TYR C 177 -6.40 -27.41 39.40
N LYS C 178 -6.60 -26.36 40.20
CA LYS C 178 -7.56 -26.41 41.30
C LYS C 178 -8.70 -25.40 41.13
N GLY C 179 -8.54 -24.39 40.28
CA GLY C 179 -9.55 -23.39 40.10
C GLY C 179 -10.73 -23.80 39.25
N ARG C 180 -10.50 -24.68 38.28
CA ARG C 180 -11.56 -25.22 37.45
C ARG C 180 -11.35 -26.70 37.22
N PRO C 181 -12.40 -27.42 36.86
CA PRO C 181 -12.28 -28.86 36.59
C PRO C 181 -11.68 -29.13 35.21
N GLU C 182 -11.36 -30.40 34.98
CA GLU C 182 -10.78 -30.76 33.68
C GLU C 182 -11.79 -30.62 32.54
N ASN C 183 -13.08 -30.76 32.83
CA ASN C 183 -14.11 -30.57 31.80
C ASN C 183 -14.09 -29.15 31.23
N LYS C 184 -13.37 -28.22 31.88
CA LYS C 184 -13.20 -26.87 31.37
C LYS C 184 -11.73 -26.57 31.14
N SER C 185 -10.96 -27.63 30.85
CA SER C 185 -9.52 -27.47 30.69
C SER C 185 -9.19 -26.44 29.62
N PHE C 186 -10.05 -26.31 28.59
CA PHE C 186 -9.77 -25.41 27.48
C PHE C 186 -9.63 -23.96 27.96
N LEU C 187 -10.28 -23.61 29.08
CA LEU C 187 -10.16 -22.25 29.58
C LEU C 187 -8.73 -21.90 29.97
N TYR C 188 -7.92 -22.88 30.34
CA TYR C 188 -6.54 -22.60 30.69
C TYR C 188 -5.67 -22.35 29.48
N GLU C 189 -6.20 -22.50 28.27
CA GLU C 189 -5.41 -22.32 27.06
C GLU C 189 -5.61 -20.98 26.39
N ILE C 190 -6.35 -20.06 27.02
CA ILE C 190 -6.69 -18.82 26.35
C ILE C 190 -5.64 -17.76 26.59
N VAL C 191 -5.25 -17.51 27.83
CA VAL C 191 -4.34 -16.42 28.15
C VAL C 191 -2.88 -16.86 28.03
N SER C 192 -2.52 -18.00 28.59
CA SER C 192 -1.16 -18.52 28.54
C SER C 192 -1.23 -19.98 28.12
N ASN C 193 -0.40 -20.35 27.15
CA ASN C 193 -0.51 -21.67 26.55
C ASN C 193 0.74 -22.50 26.79
N LYS C 194 1.74 -22.37 25.89
CA LYS C 194 2.98 -23.14 25.93
C LYS C 194 2.87 -24.54 25.32
N ARG C 195 1.69 -25.18 25.39
CA ARG C 195 1.47 -26.42 24.65
C ARG C 195 1.80 -26.21 23.16
N ASN C 196 1.15 -25.23 22.55
CA ASN C 196 1.31 -24.93 21.12
C ASN C 196 1.68 -23.49 20.90
N GLY C 197 1.90 -22.80 21.99
CA GLY C 197 2.28 -21.45 21.75
C GLY C 197 1.35 -20.60 20.94
N ILE C 198 0.04 -20.75 21.16
CA ILE C 198 -0.93 -19.81 20.60
C ILE C 198 -1.76 -19.37 21.79
N ASP C 199 -1.65 -18.09 22.16
CA ASP C 199 -2.55 -17.50 23.15
C ASP C 199 -2.87 -16.06 22.75
N VAL C 200 -3.89 -15.50 23.38
CA VAL C 200 -4.27 -14.13 23.08
C VAL C 200 -3.21 -13.12 23.52
N ASP C 201 -2.33 -13.48 24.48
CA ASP C 201 -1.21 -12.60 24.81
C ASP C 201 -0.39 -12.36 23.58
N LYS C 202 0.01 -13.46 22.90
CA LYS C 202 0.79 -13.31 21.67
C LYS C 202 0.00 -12.59 20.60
N TRP C 203 -1.29 -12.84 20.49
CA TRP C 203 -2.07 -12.14 19.47
C TRP C 203 -1.92 -10.63 19.65
N ASP C 204 -2.16 -10.18 20.88
CA ASP C 204 -2.14 -8.75 21.10
C ASP C 204 -0.73 -8.18 20.96
N TYR C 205 0.29 -8.81 21.54
CA TYR C 205 1.57 -8.12 21.48
C TYR C 205 2.22 -8.25 20.10
N PHE C 206 1.89 -9.30 19.32
CA PHE C 206 2.30 -9.32 17.92
C PHE C 206 1.66 -8.17 17.17
N ALA C 207 0.34 -8.00 17.31
CA ALA C 207 -0.33 -6.95 16.56
C ALA C 207 0.16 -5.56 16.99
N ARG C 208 0.24 -5.31 18.29
CA ARG C 208 0.63 -4.01 18.81
C ARG C 208 2.11 -3.70 18.55
N ASP C 209 2.99 -4.68 18.69
CA ASP C 209 4.39 -4.41 18.40
C ASP C 209 4.60 -4.20 16.90
N CYS C 210 3.84 -4.89 16.06
CA CYS C 210 3.93 -4.62 14.63
C CYS C 210 3.43 -3.21 14.32
N HIS C 211 2.32 -2.81 14.96
CA HIS C 211 1.73 -1.50 14.70
C HIS C 211 2.69 -0.39 15.10
N HIS C 212 3.43 -0.58 16.21
CA HIS C 212 4.35 0.45 16.66
C HIS C 212 5.72 0.37 16.03
N LEU C 213 6.08 -0.75 15.43
CA LEU C 213 7.40 -0.92 14.84
C LEU C 213 7.41 -0.70 13.34
N GLY C 214 6.25 -0.54 12.71
CA GLY C 214 6.18 -0.40 11.28
C GLY C 214 6.33 -1.69 10.49
N ILE C 215 6.07 -2.84 11.13
CA ILE C 215 6.13 -4.15 10.50
C ILE C 215 4.73 -4.56 10.06
N GLN C 216 4.65 -5.22 8.90
CA GLN C 216 3.38 -5.69 8.35
C GLN C 216 2.91 -6.91 9.11
N ASN C 217 1.60 -6.96 9.40
CA ASN C 217 1.00 -8.09 10.09
C ASN C 217 -0.31 -8.44 9.41
N ASN C 218 -0.36 -9.61 8.76
CA ASN C 218 -1.58 -10.06 8.12
C ASN C 218 -2.25 -11.22 8.84
N PHE C 219 -1.75 -11.60 10.01
CA PHE C 219 -2.54 -12.48 10.87
C PHE C 219 -3.83 -11.76 11.23
N ASP C 220 -4.94 -12.49 11.22
CA ASP C 220 -6.25 -11.91 11.46
C ASP C 220 -6.82 -12.59 12.70
N TYR C 221 -6.58 -11.98 13.89
CA TYR C 221 -7.00 -12.61 15.13
C TYR C 221 -8.53 -12.73 15.17
N LYS C 222 -9.23 -11.79 14.52
CA LYS C 222 -10.69 -11.83 14.56
C LYS C 222 -11.21 -13.04 13.79
N ARG C 223 -10.57 -13.38 12.68
CA ARG C 223 -11.04 -14.51 11.90
C ARG C 223 -10.71 -15.83 12.62
N PHE C 224 -9.58 -15.89 13.31
CA PHE C 224 -9.34 -17.08 14.12
C PHE C 224 -10.45 -17.26 15.14
N ILE C 225 -10.81 -16.18 15.85
CA ILE C 225 -11.89 -16.29 16.83
C ILE C 225 -13.16 -16.80 16.14
N LYS C 226 -13.42 -16.34 14.93
CA LYS C 226 -14.65 -16.76 14.27
C LYS C 226 -14.64 -18.26 14.01
N PHE C 227 -13.52 -18.80 13.53
CA PHE C 227 -13.42 -20.20 13.17
C PHE C 227 -12.78 -21.06 14.26
N ALA C 228 -12.81 -20.59 15.51
CA ALA C 228 -12.25 -21.34 16.63
C ALA C 228 -13.38 -22.12 17.31
N ARG C 229 -13.07 -23.36 17.71
CA ARG C 229 -14.03 -24.15 18.47
C ARG C 229 -13.25 -25.04 19.42
N VAL C 230 -13.96 -25.72 20.31
CA VAL C 230 -13.34 -26.67 21.22
C VAL C 230 -13.56 -28.06 20.63
N CYS C 231 -12.50 -28.86 20.63
CA CYS C 231 -12.62 -30.23 20.16
C CYS C 231 -11.68 -31.13 20.95
N GLU C 232 -11.92 -32.43 20.81
CA GLU C 232 -11.33 -33.45 21.66
C GLU C 232 -10.08 -34.04 21.00
N VAL C 233 -8.93 -33.81 21.61
CA VAL C 233 -7.65 -34.34 21.14
C VAL C 233 -7.08 -35.21 22.26
N ASP C 234 -7.04 -36.53 22.02
CA ASP C 234 -6.60 -37.50 23.01
C ASP C 234 -7.45 -37.43 24.27
N ASN C 235 -8.76 -37.58 24.09
CA ASN C 235 -9.74 -37.52 25.18
C ASN C 235 -9.46 -36.31 26.08
N GLU C 236 -9.06 -35.20 25.47
CA GLU C 236 -8.73 -33.97 26.19
C GLU C 236 -9.28 -32.78 25.41
N LEU C 237 -10.01 -31.91 26.11
CA LEU C 237 -10.63 -30.76 25.47
C LEU C 237 -9.59 -29.66 25.21
N ARG C 238 -9.39 -29.34 23.93
CA ARG C 238 -8.44 -28.32 23.52
C ARG C 238 -9.12 -27.37 22.53
N ILE C 239 -8.58 -26.17 22.44
CA ILE C 239 -9.11 -25.18 21.50
C ILE C 239 -8.45 -25.44 20.16
N CYS C 240 -9.25 -25.84 19.18
CA CYS C 240 -8.78 -26.12 17.83
C CYS C 240 -9.43 -25.18 16.81
N ALA C 241 -8.83 -25.19 15.62
CA ALA C 241 -9.21 -24.29 14.53
C ALA C 241 -9.50 -25.11 13.29
N ARG C 242 -10.42 -24.61 12.46
CA ARG C 242 -10.73 -25.28 11.20
C ARG C 242 -9.45 -25.41 10.36
N ASP C 243 -9.43 -26.41 9.48
CA ASP C 243 -8.20 -26.74 8.75
C ASP C 243 -7.69 -25.55 7.94
N LYS C 244 -8.55 -24.92 7.15
CA LYS C 244 -8.05 -23.89 6.23
C LYS C 244 -7.50 -22.68 6.98
N GLU C 245 -7.95 -22.42 8.22
CA GLU C 245 -7.34 -21.37 9.02
C GLU C 245 -5.83 -21.56 9.18
N VAL C 246 -5.29 -22.70 8.71
CA VAL C 246 -3.85 -22.91 8.74
C VAL C 246 -3.17 -21.74 8.04
N GLY C 247 -3.78 -21.26 6.94
CA GLY C 247 -3.18 -20.15 6.21
C GLY C 247 -2.99 -18.93 7.10
N ASN C 248 -3.96 -18.65 7.96
CA ASN C 248 -3.81 -17.56 8.91
C ASN C 248 -2.67 -17.83 9.89
N LEU C 249 -2.58 -19.08 10.39
CA LEU C 249 -1.58 -19.36 11.42
C LEU C 249 -0.17 -19.28 10.85
N TYR C 250 0.04 -19.75 9.61
CA TYR C 250 1.31 -19.51 8.95
C TYR C 250 1.62 -18.02 8.95
N ASP C 251 0.62 -17.21 8.61
CA ASP C 251 0.81 -15.77 8.62
C ASP C 251 1.23 -15.28 10.00
N MET C 252 0.82 -15.99 11.05
CA MET C 252 1.21 -15.62 12.40
C MET C 252 2.65 -15.98 12.66
N PHE C 253 3.06 -17.22 12.34
CA PHE C 253 4.43 -17.59 12.67
C PHE C 253 5.42 -16.77 11.89
N HIS C 254 5.09 -16.43 10.63
CA HIS C 254 5.97 -15.54 9.87
C HIS C 254 5.98 -14.16 10.51
N THR C 255 4.84 -13.70 11.01
CA THR C 255 4.84 -12.48 11.81
C THR C 255 5.72 -12.66 13.04
N ARG C 256 5.55 -13.80 13.74
CA ARG C 256 6.32 -13.99 14.97
C ARG C 256 7.80 -13.97 14.68
N ASN C 257 8.24 -14.72 13.68
CA ASN C 257 9.66 -14.74 13.36
C ASN C 257 10.11 -13.34 12.98
N SER C 258 9.28 -12.62 12.20
CA SER C 258 9.65 -11.28 11.76
C SER C 258 9.83 -10.37 12.96
N LEU C 259 8.99 -10.53 13.98
CA LEU C 259 9.18 -9.75 15.19
C LEU C 259 10.42 -10.19 15.94
N HIS C 260 10.65 -11.50 16.04
CA HIS C 260 11.73 -11.96 16.93
C HIS C 260 13.10 -11.57 16.40
N ARG C 261 13.33 -11.69 15.11
CA ARG C 261 14.66 -11.34 14.62
C ARG C 261 14.81 -9.83 14.45
N ARG C 262 13.75 -9.14 14.02
CA ARG C 262 13.93 -7.76 13.62
C ARG C 262 14.03 -6.84 14.83
N ALA C 263 13.27 -7.13 15.88
CA ALA C 263 13.20 -6.24 17.04
C ALA C 263 13.74 -6.93 18.27
N TYR C 264 13.10 -8.02 18.73
CA TYR C 264 13.41 -8.55 20.06
C TYR C 264 14.88 -8.97 20.16
N GLN C 265 15.53 -9.31 19.06
CA GLN C 265 16.93 -9.72 19.05
C GLN C 265 17.83 -8.73 18.32
N HIS C 266 17.51 -7.44 18.42
CA HIS C 266 18.27 -6.40 17.75
C HIS C 266 19.63 -6.20 18.41
N LYS C 267 20.67 -6.14 17.58
CA LYS C 267 22.03 -6.04 18.09
C LYS C 267 22.15 -4.84 19.01
N VAL C 268 21.86 -3.64 18.49
CA VAL C 268 22.05 -2.42 19.28
C VAL C 268 21.00 -2.32 20.39
N GLY C 269 19.77 -2.75 20.13
CA GLY C 269 18.78 -2.73 21.17
C GLY C 269 19.20 -3.53 22.39
N ASN C 270 19.73 -4.72 22.18
CA ASN C 270 20.13 -5.56 23.31
C ASN C 270 21.39 -5.01 23.96
N ILE C 271 22.29 -4.39 23.19
CA ILE C 271 23.44 -3.75 23.83
C ILE C 271 22.96 -2.65 24.78
N ILE C 272 22.00 -1.83 24.32
CA ILE C 272 21.45 -0.76 25.15
C ILE C 272 20.76 -1.35 26.38
N ASP C 273 20.08 -2.49 26.18
CA ASP C 273 19.44 -3.18 27.29
C ASP C 273 20.45 -3.52 28.37
N THR C 274 21.63 -4.00 27.97
CA THR C 274 22.63 -4.33 29.00
C THR C 274 23.25 -3.08 29.59
N MET C 275 23.27 -1.96 28.84
CA MET C 275 23.75 -0.71 29.43
C MET C 275 22.80 -0.22 30.52
N ILE C 276 21.50 -0.33 30.28
CA ILE C 276 20.54 0.03 31.32
C ILE C 276 20.70 -0.88 32.53
N THR C 277 20.90 -2.19 32.28
CA THR C 277 21.14 -3.13 33.37
C THR C 277 22.39 -2.78 34.15
N ASP C 278 23.44 -2.32 33.45
CA ASP C 278 24.68 -1.94 34.12
C ASP C 278 24.46 -0.73 35.01
N ALA C 279 23.71 0.25 34.52
CA ALA C 279 23.39 1.39 35.36
C ALA C 279 22.65 0.94 36.61
N PHE C 280 21.63 0.09 36.46
CA PHE C 280 20.88 -0.37 37.63
C PHE C 280 21.82 -1.04 38.64
N LEU C 281 22.66 -1.94 38.16
CA LEU C 281 23.58 -2.62 39.06
C LEU C 281 24.44 -1.61 39.80
N LYS C 282 24.94 -0.59 39.07
CA LYS C 282 25.80 0.42 39.70
C LYS C 282 25.02 1.43 40.50
N ALA C 283 23.70 1.31 40.54
CA ALA C 283 22.85 2.16 41.34
C ALA C 283 22.13 1.38 42.42
N ASP C 284 22.17 0.05 42.36
CA ASP C 284 21.32 -0.76 43.20
C ASP C 284 21.60 -0.48 44.65
N ASP C 285 22.83 -0.10 45.02
CA ASP C 285 23.16 0.12 46.44
C ASP C 285 22.66 1.45 47.00
N TYR C 286 22.37 2.43 46.15
CA TYR C 286 22.11 3.78 46.61
C TYR C 286 20.69 4.26 46.37
N ILE C 287 19.88 3.52 45.64
CA ILE C 287 18.51 3.92 45.36
C ILE C 287 17.61 3.27 46.41
N GLU C 288 16.76 4.08 47.01
CA GLU C 288 15.86 3.63 48.07
C GLU C 288 14.43 3.66 47.56
N ILE C 289 13.70 2.57 47.80
CA ILE C 289 12.30 2.48 47.43
C ILE C 289 11.54 2.05 48.67
N THR C 290 10.53 2.80 49.05
CA THR C 290 9.83 2.56 50.30
C THR C 290 8.69 1.57 50.09
N GLY C 291 8.61 0.58 50.97
CA GLY C 291 7.54 -0.40 50.91
C GLY C 291 6.68 -0.42 52.16
N ALA C 292 6.25 -1.61 52.57
CA ALA C 292 5.39 -1.72 53.74
C ALA C 292 6.09 -1.19 54.98
N GLY C 293 5.37 -0.36 55.74
CA GLY C 293 5.90 0.13 56.99
C GLY C 293 7.08 1.07 56.88
N GLY C 294 7.29 1.68 55.73
CA GLY C 294 8.43 2.55 55.55
C GLY C 294 9.75 1.86 55.26
N LYS C 295 9.79 0.53 55.25
CA LYS C 295 11.07 -0.15 55.04
C LYS C 295 11.65 0.22 53.69
N LYS C 296 12.97 0.37 53.64
CA LYS C 296 13.67 0.79 52.44
C LYS C 296 14.13 -0.46 51.71
N TYR C 297 13.74 -0.58 50.44
CA TYR C 297 14.24 -1.62 49.57
C TYR C 297 15.06 -1.00 48.45
N ARG C 298 15.94 -1.81 47.87
CA ARG C 298 16.72 -1.41 46.71
C ARG C 298 16.01 -1.88 45.46
N ILE C 299 16.52 -1.45 44.31
CA ILE C 299 15.94 -1.90 43.05
C ILE C 299 15.83 -3.42 43.02
N SER C 300 16.87 -4.12 43.49
CA SER C 300 16.94 -5.56 43.38
C SER C 300 16.11 -6.30 44.42
N THR C 301 15.64 -5.62 45.46
CA THR C 301 14.83 -6.24 46.51
C THR C 301 13.37 -5.78 46.50
N ALA C 302 12.98 -4.87 45.59
CA ALA C 302 11.58 -4.49 45.52
C ALA C 302 10.69 -5.70 45.26
N ILE C 303 11.16 -6.68 44.48
CA ILE C 303 10.38 -7.88 44.18
C ILE C 303 9.97 -8.65 45.43
N ASP C 304 10.54 -8.32 46.58
CA ASP C 304 10.20 -8.99 47.83
C ASP C 304 9.05 -8.32 48.58
N ASP C 305 8.67 -7.11 48.18
CA ASP C 305 7.61 -6.38 48.84
C ASP C 305 6.78 -5.71 47.76
N MET C 306 5.50 -6.08 47.65
CA MET C 306 4.72 -5.55 46.53
C MET C 306 4.40 -4.07 46.69
N GLU C 307 4.41 -3.55 47.91
CA GLU C 307 4.17 -2.13 48.12
C GLU C 307 5.34 -1.32 47.60
N ALA C 308 6.57 -1.83 47.75
CA ALA C 308 7.70 -1.14 47.16
C ALA C 308 7.72 -1.33 45.65
N TYR C 309 7.41 -2.55 45.20
CA TYR C 309 7.45 -2.89 43.78
C TYR C 309 6.42 -2.10 42.97
N THR C 310 5.29 -1.71 43.59
CA THR C 310 4.33 -0.86 42.91
C THR C 310 4.94 0.44 42.42
N LYS C 311 6.02 0.89 43.02
CA LYS C 311 6.65 2.14 42.65
C LYS C 311 7.94 1.95 41.88
N LEU C 312 8.22 0.73 41.43
CA LEU C 312 9.42 0.43 40.66
C LEU C 312 9.05 0.28 39.19
N THR C 313 9.57 1.17 38.36
CA THR C 313 9.11 1.32 36.98
C THR C 313 10.27 1.91 36.17
N ASP C 314 9.99 2.23 34.89
CA ASP C 314 10.99 2.91 34.07
C ASP C 314 11.43 4.23 34.71
N ASN C 315 10.62 4.76 35.64
CA ASN C 315 10.99 5.99 36.32
C ASN C 315 12.40 5.89 36.91
N ILE C 316 12.78 4.70 37.37
CA ILE C 316 14.08 4.53 38.01
C ILE C 316 15.18 5.02 37.09
N PHE C 317 15.03 4.76 35.79
CA PHE C 317 16.00 5.22 34.78
C PHE C 317 16.25 6.72 34.92
N LEU C 318 15.18 7.52 34.90
CA LEU C 318 15.36 8.96 35.01
C LEU C 318 15.77 9.37 36.42
N GLU C 319 15.29 8.66 37.45
CA GLU C 319 15.76 8.94 38.80
C GLU C 319 17.27 8.81 38.86
N ILE C 320 17.86 7.91 38.06
CA ILE C 320 19.31 7.81 38.01
C ILE C 320 19.88 8.95 37.17
N LEU C 321 19.27 9.17 36.00
CA LEU C 321 19.82 10.15 35.06
C LEU C 321 19.77 11.56 35.64
N TYR C 322 18.72 11.88 36.39
CA TYR C 322 18.50 13.24 36.89
C TYR C 322 19.08 13.44 38.28
N SER C 323 19.79 12.44 38.81
CA SER C 323 20.21 12.44 40.19
C SER C 323 21.38 13.40 40.41
N THR C 324 21.68 13.66 41.70
CA THR C 324 22.81 14.50 42.10
C THR C 324 23.74 13.85 43.10
N ASP C 325 23.33 12.76 43.75
CA ASP C 325 24.19 11.98 44.63
C ASP C 325 25.47 11.56 43.87
N PRO C 326 26.66 11.91 44.37
CA PRO C 326 27.88 11.52 43.63
C PRO C 326 28.05 10.02 43.53
N LYS C 327 27.46 9.25 44.47
CA LYS C 327 27.58 7.80 44.44
C LYS C 327 26.86 7.17 43.26
N LEU C 328 25.81 7.81 42.78
CA LEU C 328 25.15 7.33 41.58
C LEU C 328 25.82 7.87 40.33
N LYS C 329 26.87 8.66 40.47
CA LYS C 329 27.56 9.17 39.29
C LYS C 329 27.93 8.02 38.36
N ASP C 330 28.54 6.95 38.89
CA ASP C 330 28.82 5.80 38.06
C ASP C 330 27.59 5.42 37.23
N ALA C 331 26.49 5.11 37.91
CA ALA C 331 25.28 4.71 37.20
C ALA C 331 24.83 5.84 36.27
N ARG C 332 24.77 7.07 36.80
CA ARG C 332 24.32 8.19 35.99
C ARG C 332 25.14 8.26 34.71
N GLU C 333 26.45 8.05 34.82
CA GLU C 333 27.29 8.26 33.66
C GLU C 333 26.95 7.25 32.56
N ILE C 334 26.63 6.01 32.94
CA ILE C 334 26.26 5.04 31.93
C ILE C 334 25.04 5.50 31.16
N LEU C 335 24.01 5.96 31.88
CA LEU C 335 22.83 6.45 31.20
C LEU C 335 23.18 7.65 30.34
N LYS C 336 24.09 8.51 30.83
CA LYS C 336 24.54 9.61 29.98
C LYS C 336 25.21 9.06 28.74
N GLN C 337 25.96 7.97 28.88
CA GLN C 337 26.63 7.38 27.73
C GLN C 337 25.60 6.91 26.70
N ILE C 338 24.44 6.43 27.15
CA ILE C 338 23.38 6.05 26.22
C ILE C 338 22.89 7.26 25.43
N GLU C 339 22.75 8.41 26.11
CA GLU C 339 22.22 9.60 25.46
C GLU C 339 23.13 10.07 24.33
N TYR C 340 24.43 10.10 24.57
CA TYR C 340 25.38 10.50 23.53
C TYR C 340 25.59 9.39 22.51
N ARG C 341 24.97 8.23 22.72
CA ARG C 341 25.08 7.10 21.79
C ARG C 341 26.50 6.54 21.72
N ASN C 342 27.19 6.53 22.86
CA ASN C 342 28.51 5.89 23.00
C ASN C 342 28.27 4.55 23.68
N LEU C 343 27.89 3.58 22.85
CA LEU C 343 27.43 2.28 23.33
C LEU C 343 28.58 1.29 23.52
N PHE C 344 28.30 0.25 24.32
CA PHE C 344 29.17 -0.91 24.35
C PHE C 344 29.37 -1.43 22.95
N LYS C 345 30.51 -2.07 22.71
CA LYS C 345 30.86 -2.52 21.39
C LYS C 345 30.64 -4.02 21.22
N TYR C 346 30.11 -4.39 20.05
CA TYR C 346 29.77 -5.79 19.74
C TYR C 346 31.04 -6.51 19.30
N VAL C 347 31.37 -7.60 20.00
CA VAL C 347 32.61 -8.34 19.78
C VAL C 347 32.38 -9.60 18.95
N GLY C 348 31.33 -10.35 19.26
CA GLY C 348 31.01 -11.54 18.52
C GLY C 348 29.78 -12.20 19.08
N GLU C 349 29.34 -13.24 18.37
CA GLU C 349 28.14 -13.98 18.74
C GLU C 349 28.45 -15.47 18.59
N THR C 350 27.84 -16.26 19.45
CA THR C 350 27.99 -17.71 19.44
C THR C 350 26.72 -18.34 20.04
N GLN C 351 26.67 -19.66 20.05
CA GLN C 351 25.54 -20.41 20.59
C GLN C 351 26.03 -21.65 21.31
N PRO C 352 25.32 -22.11 22.33
CA PRO C 352 25.69 -23.38 22.96
C PRO C 352 25.15 -24.56 22.15
N THR C 353 26.00 -25.54 21.91
CA THR C 353 25.63 -26.66 21.06
C THR C 353 24.68 -27.65 21.77
N GLY C 354 23.99 -28.45 20.97
CA GLY C 354 23.11 -29.45 21.56
C GLY C 354 21.99 -28.81 22.37
N GLN C 355 21.64 -29.46 23.49
CA GLN C 355 20.61 -28.97 24.39
C GLN C 355 21.20 -28.27 25.61
N ILE C 356 22.45 -27.79 25.50
CA ILE C 356 23.03 -26.97 26.56
C ILE C 356 22.26 -25.66 26.60
N LYS C 357 21.84 -25.25 27.80
CA LYS C 357 21.32 -23.91 28.00
C LYS C 357 21.91 -23.33 29.27
N ILE C 358 22.43 -22.10 29.15
CA ILE C 358 22.98 -21.41 30.31
C ILE C 358 21.83 -21.00 31.18
N LYS C 359 21.92 -21.32 32.47
CA LYS C 359 20.88 -20.98 33.44
C LYS C 359 21.12 -19.56 33.95
N ARG C 360 20.06 -18.94 34.47
CA ARG C 360 20.18 -17.55 34.94
C ARG C 360 21.13 -17.45 36.12
N GLU C 361 21.09 -18.46 37.00
CA GLU C 361 21.95 -18.45 38.18
C GLU C 361 23.42 -18.31 37.82
N ASP C 362 23.80 -18.63 36.59
CA ASP C 362 25.20 -18.61 36.20
C ASP C 362 25.58 -17.36 35.41
N TYR C 363 24.61 -16.48 35.12
CA TYR C 363 24.91 -15.32 34.28
C TYR C 363 26.07 -14.52 34.83
N GLU C 364 26.10 -14.28 36.15
CA GLU C 364 27.14 -13.43 36.73
C GLU C 364 28.56 -13.98 36.50
N SER C 365 28.70 -15.29 36.36
CA SER C 365 30.04 -15.81 36.22
C SER C 365 30.57 -15.63 34.81
N LEU C 366 29.70 -15.35 33.84
CA LEU C 366 30.13 -15.45 32.45
C LEU C 366 31.22 -14.43 32.09
N PRO C 367 31.11 -13.16 32.47
CA PRO C 367 32.19 -12.22 32.12
C PRO C 367 33.54 -12.69 32.63
N LYS C 368 33.59 -13.18 33.87
CA LYS C 368 34.87 -13.59 34.43
C LYS C 368 35.46 -14.75 33.65
N GLU C 369 34.65 -15.76 33.30
CA GLU C 369 35.16 -16.84 32.47
C GLU C 369 35.83 -16.27 31.23
N VAL C 370 35.22 -15.25 30.61
CA VAL C 370 35.83 -14.69 29.41
C VAL C 370 37.18 -14.06 29.75
N ALA C 371 37.21 -13.29 30.83
CA ALA C 371 38.46 -12.68 31.26
C ALA C 371 39.45 -13.71 31.80
N SER C 372 38.97 -14.89 32.20
CA SER C 372 39.85 -15.93 32.70
C SER C 372 40.36 -16.83 31.59
N ALA C 373 39.72 -16.79 30.42
CA ALA C 373 40.19 -17.58 29.29
C ALA C 373 41.50 -17.02 28.74
N LYS C 374 42.47 -17.91 28.53
CA LYS C 374 43.77 -17.52 27.97
C LYS C 374 43.77 -17.80 26.49
N PRO C 375 43.80 -16.78 25.62
CA PRO C 375 43.72 -17.04 24.18
C PRO C 375 44.72 -18.12 23.81
N LYS C 376 44.21 -19.25 23.31
CA LYS C 376 45.00 -20.45 23.01
C LYS C 376 46.31 -20.14 22.30
N VAL C 377 46.44 -18.90 21.84
CA VAL C 377 47.62 -18.38 21.20
C VAL C 377 48.03 -17.23 22.12
N LEU C 378 49.17 -17.37 22.79
CA LEU C 378 49.58 -16.38 23.77
C LEU C 378 49.71 -15.01 23.11
N LEU C 379 49.27 -13.96 23.81
CA LEU C 379 49.31 -12.61 23.25
C LEU C 379 49.89 -11.56 24.20
N ASP C 380 49.34 -10.33 24.12
CA ASP C 380 49.70 -9.29 25.09
C ASP C 380 48.43 -8.83 25.74
N VAL C 381 47.87 -7.66 25.36
CA VAL C 381 46.85 -6.96 26.17
C VAL C 381 45.98 -7.94 26.96
N LYS C 382 45.72 -7.63 28.23
CA LYS C 382 44.92 -8.48 29.10
C LYS C 382 43.79 -7.61 29.62
N LEU C 383 42.57 -8.15 29.64
CA LEU C 383 41.41 -7.36 30.03
C LEU C 383 40.70 -7.92 31.25
N LYS C 384 39.95 -7.06 31.93
CA LYS C 384 39.25 -7.42 33.15
C LYS C 384 37.84 -7.93 32.83
N ALA C 385 37.30 -8.71 33.75
CA ALA C 385 35.94 -9.21 33.58
C ALA C 385 34.91 -8.08 33.58
N GLU C 386 35.14 -7.02 34.33
CA GLU C 386 34.24 -5.88 34.31
C GLU C 386 34.18 -5.25 32.91
N ASP C 387 35.26 -5.37 32.13
CA ASP C 387 35.25 -4.82 30.78
C ASP C 387 34.35 -5.60 29.83
N PHE C 388 33.77 -6.71 30.27
CA PHE C 388 32.97 -7.57 29.40
C PHE C 388 31.50 -7.56 29.80
N ILE C 389 30.64 -7.70 28.79
CA ILE C 389 29.22 -7.97 28.95
C ILE C 389 28.93 -9.23 28.16
N VAL C 390 28.18 -10.16 28.75
CA VAL C 390 27.75 -11.39 28.10
C VAL C 390 26.23 -11.43 28.10
N ASP C 391 25.62 -11.43 26.91
CA ASP C 391 24.18 -11.33 26.74
C ASP C 391 23.65 -12.68 26.28
N VAL C 392 22.66 -13.19 27.02
CA VAL C 392 22.00 -14.46 26.73
C VAL C 392 20.59 -14.16 26.22
N ILE C 393 20.31 -14.59 24.98
CA ILE C 393 19.08 -14.25 24.26
C ILE C 393 18.33 -15.56 23.98
N ASN C 394 17.08 -15.66 24.43
CA ASN C 394 16.33 -16.91 24.34
C ASN C 394 15.25 -16.90 23.24
N MET C 395 14.92 -18.13 22.73
CA MET C 395 13.98 -18.24 21.61
C MET C 395 13.15 -19.54 21.60
N PHE C 435 12.19 -19.69 22.52
CA PHE C 435 11.35 -20.89 22.58
C PHE C 435 12.14 -22.16 22.91
N ALA C 436 13.26 -22.40 22.22
CA ALA C 436 14.08 -23.57 22.50
C ALA C 436 15.57 -23.27 22.36
N GLU C 437 15.92 -22.48 21.34
CA GLU C 437 17.29 -22.11 21.03
C GLU C 437 17.74 -20.92 21.89
N GLN C 438 19.05 -20.66 21.87
CA GLN C 438 19.67 -19.68 22.76
C GLN C 438 20.91 -19.08 22.08
N LEU C 439 21.02 -17.76 22.13
CA LEU C 439 22.17 -17.07 21.58
C LEU C 439 22.99 -16.43 22.69
N ILE C 440 24.27 -16.18 22.39
CA ILE C 440 25.22 -15.60 23.35
C ILE C 440 26.04 -14.56 22.59
N ARG C 441 25.80 -13.29 22.85
CA ARG C 441 26.62 -12.22 22.29
C ARG C 441 27.54 -11.67 23.37
N VAL C 442 28.63 -11.04 22.94
CA VAL C 442 29.61 -10.48 23.87
C VAL C 442 29.95 -9.06 23.42
N TYR C 443 29.87 -8.13 24.36
CA TYR C 443 30.25 -6.74 24.12
C TYR C 443 31.38 -6.34 25.05
N CYS C 444 32.15 -5.34 24.64
CA CYS C 444 33.23 -4.80 25.46
C CYS C 444 32.88 -3.37 25.85
N LYS C 445 33.19 -3.02 27.11
CA LYS C 445 32.94 -1.66 27.56
C LYS C 445 34.04 -0.71 27.14
N LYS C 446 35.25 -1.21 26.93
CA LYS C 446 36.36 -0.42 26.42
C LYS C 446 36.28 -0.43 24.91
N VAL C 447 36.56 0.73 24.32
CA VAL C 447 36.39 0.97 22.89
C VAL C 447 37.71 1.20 22.18
N ASP C 448 38.84 1.11 22.87
CA ASP C 448 40.12 1.26 22.18
C ASP C 448 40.24 0.17 21.15
N ARG C 449 40.65 0.54 19.94
CA ARG C 449 40.91 -0.41 18.86
C ARG C 449 41.70 -1.62 19.34
N LYS C 450 42.62 -1.46 20.29
CA LYS C 450 43.39 -2.60 20.76
C LYS C 450 42.56 -3.40 21.77
N SER C 451 41.85 -2.68 22.66
CA SER C 451 41.07 -3.37 23.70
C SER C 451 40.03 -4.29 23.05
N LEU C 452 39.44 -3.85 21.93
CA LEU C 452 38.44 -4.66 21.24
C LEU C 452 39.04 -5.80 20.44
N TYR C 453 40.21 -5.58 19.84
CA TYR C 453 40.94 -6.70 19.23
C TYR C 453 41.18 -7.79 20.26
N ALA C 454 41.69 -7.42 21.44
CA ALA C 454 41.96 -8.40 22.49
C ALA C 454 40.67 -9.07 22.97
N ALA C 455 39.59 -8.29 23.06
CA ALA C 455 38.30 -8.84 23.46
C ALA C 455 37.86 -9.96 22.50
N ARG C 456 37.98 -9.73 21.19
CA ARG C 456 37.52 -10.76 20.25
C ARG C 456 38.24 -12.06 20.52
N GLN C 457 39.45 -11.99 21.07
CA GLN C 457 40.25 -13.19 21.33
C GLN C 457 39.81 -13.89 22.60
N TYR C 458 39.74 -13.14 23.70
CA TYR C 458 39.15 -13.72 24.90
C TYR C 458 37.89 -14.48 24.48
N PHE C 459 37.16 -13.92 23.50
CA PHE C 459 35.86 -14.48 23.13
C PHE C 459 35.99 -15.78 22.34
N VAL C 460 36.85 -15.80 21.32
CA VAL C 460 36.97 -17.02 20.54
C VAL C 460 37.48 -18.15 21.44
N GLN C 461 38.46 -17.84 22.28
CA GLN C 461 38.98 -18.83 23.22
C GLN C 461 37.93 -19.28 24.20
N TRP C 462 37.07 -18.37 24.66
CA TRP C 462 36.01 -18.75 25.57
C TRP C 462 35.10 -19.75 24.90
N CYS C 463 34.71 -19.46 23.65
CA CYS C 463 33.88 -20.40 22.92
C CYS C 463 34.57 -21.76 22.81
N ALA C 464 35.89 -21.74 22.69
CA ALA C 464 36.61 -23.02 22.64
C ALA C 464 36.58 -23.73 23.98
N ASP C 465 36.83 -23.01 25.06
CA ASP C 465 36.92 -23.64 26.37
C ASP C 465 35.60 -24.28 26.79
N ARG C 466 34.49 -23.61 26.52
CA ARG C 466 33.17 -24.13 26.83
C ARG C 466 32.61 -25.01 25.71
N ASN C 467 33.43 -25.36 24.70
CA ASN C 467 33.00 -26.08 23.50
C ASN C 467 31.71 -25.50 22.93
N PHE C 468 31.75 -24.21 22.64
CA PHE C 468 30.70 -23.50 21.92
C PHE C 468 31.06 -23.36 20.44
N THR C 469 30.09 -22.90 19.66
CA THR C 469 30.30 -22.74 18.22
C THR C 469 31.33 -21.63 17.94
N LYS C 470 32.28 -21.91 17.05
CA LYS C 470 33.31 -20.97 16.67
C LYS C 470 32.65 -19.74 16.05
N PRO C 471 32.83 -18.53 16.62
CA PRO C 471 32.24 -17.33 15.98
C PRO C 471 32.76 -17.13 14.57
N GLN C 472 31.94 -16.47 13.76
CA GLN C 472 32.22 -16.31 12.32
C GLN C 472 33.61 -15.72 12.07
N MET D 2 -18.99 -28.22 -11.94
CA MET D 2 -17.81 -27.92 -11.15
C MET D 2 -18.11 -26.87 -10.09
N ASP D 3 -18.17 -27.31 -8.82
CA ASP D 3 -18.56 -26.46 -7.69
C ASP D 3 -17.35 -26.13 -6.83
N THR D 4 -16.83 -24.90 -6.96
CA THR D 4 -15.87 -24.37 -6.01
C THR D 4 -15.63 -22.91 -6.36
N MET D 5 -15.20 -22.13 -5.36
CA MET D 5 -14.88 -20.71 -5.55
C MET D 5 -13.52 -20.57 -6.24
N LYS D 6 -13.53 -20.18 -7.53
CA LYS D 6 -12.27 -20.02 -8.25
C LYS D 6 -11.65 -18.68 -7.91
N VAL D 7 -10.33 -18.61 -7.91
CA VAL D 7 -9.60 -17.38 -7.58
C VAL D 7 -8.85 -16.88 -8.82
N ILE D 8 -9.07 -15.61 -9.17
CA ILE D 8 -8.43 -14.99 -10.34
C ILE D 8 -7.62 -13.79 -9.86
N ASN D 9 -6.47 -13.56 -10.48
CA ASN D 9 -5.65 -12.41 -10.13
C ASN D 9 -5.71 -11.33 -11.19
N ASP D 10 -6.24 -10.17 -10.80
CA ASP D 10 -6.37 -8.96 -11.59
C ASP D 10 -5.37 -7.89 -11.13
N PRO D 11 -4.82 -7.08 -12.02
CA PRO D 11 -3.87 -6.06 -11.55
C PRO D 11 -4.53 -4.95 -10.78
N ILE D 12 -5.80 -4.65 -11.03
CA ILE D 12 -6.45 -3.58 -10.28
C ILE D 12 -6.88 -4.08 -8.92
N HIS D 13 -7.64 -5.17 -8.90
CA HIS D 13 -8.12 -5.82 -7.68
C HIS D 13 -7.27 -7.07 -7.51
N GLY D 14 -6.84 -7.35 -6.31
CA GLY D 14 -6.05 -8.54 -6.10
C GLY D 14 -6.77 -9.85 -6.36
N HIS D 15 -6.74 -10.75 -5.39
CA HIS D 15 -7.54 -11.97 -5.49
C HIS D 15 -9.02 -11.64 -5.67
N ILE D 16 -9.57 -12.14 -6.78
CA ILE D 16 -10.98 -12.07 -7.08
C ILE D 16 -11.52 -13.48 -6.88
N GLU D 17 -12.33 -13.66 -5.83
CA GLU D 17 -13.01 -14.92 -5.59
C GLU D 17 -14.31 -14.91 -6.36
N LEU D 18 -14.61 -16.03 -7.01
CA LEU D 18 -15.77 -16.16 -7.88
C LEU D 18 -16.58 -17.38 -7.47
N HIS D 19 -17.83 -17.12 -7.08
CA HIS D 19 -18.82 -18.15 -6.85
C HIS D 19 -18.97 -19.03 -8.10
N PRO D 20 -19.06 -20.34 -7.93
CA PRO D 20 -19.07 -21.23 -9.12
C PRO D 20 -20.12 -20.87 -10.15
N LEU D 21 -21.27 -20.32 -9.76
CA LEU D 21 -22.26 -19.90 -10.75
C LEU D 21 -21.65 -18.89 -11.72
N LEU D 22 -20.97 -17.88 -11.15
CA LEU D 22 -20.30 -16.90 -12.00
C LEU D 22 -19.28 -17.57 -12.93
N VAL D 23 -18.60 -18.61 -12.44
CA VAL D 23 -17.60 -19.28 -13.29
C VAL D 23 -18.30 -20.03 -14.42
N ARG D 24 -19.42 -20.69 -14.15
CA ARG D 24 -20.13 -21.37 -15.22
C ARG D 24 -20.58 -20.37 -16.26
N ILE D 25 -20.93 -19.15 -15.83
CA ILE D 25 -21.31 -18.13 -16.81
C ILE D 25 -20.08 -17.64 -17.56
N ILE D 26 -18.92 -17.63 -16.92
CA ILE D 26 -17.74 -17.07 -17.57
C ILE D 26 -17.11 -18.05 -18.56
N ASP D 27 -17.22 -19.35 -18.33
CA ASP D 27 -16.61 -20.35 -19.20
C ASP D 27 -17.54 -20.75 -20.34
N THR D 28 -18.09 -19.77 -21.03
CA THR D 28 -18.95 -19.98 -22.18
C THR D 28 -18.36 -19.20 -23.34
N PRO D 29 -18.63 -19.59 -24.58
CA PRO D 29 -18.12 -18.81 -25.71
C PRO D 29 -18.66 -17.38 -25.71
N GLN D 30 -19.91 -17.22 -25.22
CA GLN D 30 -20.58 -15.94 -25.22
C GLN D 30 -19.87 -14.93 -24.30
N PHE D 31 -19.29 -15.40 -23.20
CA PHE D 31 -18.57 -14.52 -22.29
C PHE D 31 -17.12 -14.37 -22.71
N GLN D 32 -16.46 -15.48 -23.05
CA GLN D 32 -15.08 -15.43 -23.51
C GLN D 32 -14.91 -14.54 -24.74
N ARG D 33 -15.98 -14.31 -25.50
CA ARG D 33 -16.01 -13.32 -26.58
C ARG D 33 -15.36 -12.02 -26.18
N LEU D 34 -15.55 -11.59 -24.93
CA LEU D 34 -15.06 -10.30 -24.48
C LEU D 34 -13.54 -10.23 -24.38
N ARG D 35 -12.84 -11.36 -24.46
CA ARG D 35 -11.38 -11.27 -24.50
C ARG D 35 -10.88 -10.65 -25.82
N TYR D 36 -11.75 -10.52 -26.81
CA TYR D 36 -11.34 -10.14 -28.16
C TYR D 36 -12.02 -8.84 -28.59
N ILE D 37 -12.29 -7.93 -27.65
CA ILE D 37 -12.89 -6.64 -27.96
C ILE D 37 -12.17 -5.61 -27.08
N LYS D 38 -11.36 -4.75 -27.71
CA LYS D 38 -10.53 -3.83 -26.95
C LYS D 38 -11.40 -2.82 -26.21
N GLN D 39 -11.01 -2.55 -24.95
CA GLN D 39 -11.83 -1.70 -24.09
C GLN D 39 -11.96 -0.30 -24.69
N LEU D 40 -10.84 0.33 -25.04
CA LEU D 40 -10.87 1.68 -25.56
C LEU D 40 -10.89 1.72 -27.09
N GLY D 41 -11.28 0.61 -27.75
CA GLY D 41 -11.42 0.60 -29.20
C GLY D 41 -10.12 0.96 -29.88
N GLY D 42 -10.17 2.00 -30.71
CA GLY D 42 -8.99 2.42 -31.44
C GLY D 42 -7.97 3.18 -30.64
N GLY D 43 -8.25 3.36 -29.34
CA GLY D 43 -7.33 4.08 -28.49
C GLY D 43 -6.01 3.37 -28.34
N TYR D 44 -6.02 2.03 -28.47
CA TYR D 44 -4.77 1.28 -28.50
C TYR D 44 -3.83 1.84 -29.55
N TYR D 45 -4.35 2.27 -30.70
CA TYR D 45 -3.51 2.81 -31.76
C TYR D 45 -2.95 4.18 -31.41
N VAL D 46 -3.34 4.73 -30.26
CA VAL D 46 -2.79 5.97 -29.74
C VAL D 46 -2.08 5.77 -28.40
N PHE D 47 -2.60 4.88 -27.57
CA PHE D 47 -2.04 4.59 -26.26
C PHE D 47 -1.49 3.16 -26.23
N PRO D 48 -0.19 2.97 -26.42
CA PRO D 48 0.35 1.61 -26.55
C PRO D 48 0.06 0.74 -25.35
N GLY D 49 -0.17 1.29 -24.20
CA GLY D 49 -0.52 0.49 -23.05
C GLY D 49 -1.96 0.10 -22.95
N ALA D 50 -2.79 0.52 -23.90
CA ALA D 50 -4.24 0.28 -23.87
C ALA D 50 -4.63 -0.99 -24.62
N SER D 51 -3.94 -2.08 -24.32
CA SER D 51 -4.18 -3.38 -24.91
C SER D 51 -5.34 -4.12 -24.26
N HIS D 52 -5.96 -3.55 -23.21
CA HIS D 52 -6.89 -4.35 -22.43
C HIS D 52 -8.25 -4.48 -23.12
N ASN D 53 -8.97 -5.52 -22.72
CA ASN D 53 -10.21 -5.93 -23.34
C ASN D 53 -11.36 -5.91 -22.35
N ARG D 54 -12.55 -6.13 -22.87
CA ARG D 54 -13.78 -6.05 -22.11
C ARG D 54 -13.88 -7.17 -21.09
N PHE D 55 -13.14 -8.26 -21.29
CA PHE D 55 -13.22 -9.41 -20.38
C PHE D 55 -12.66 -9.06 -18.98
N GLU D 56 -11.43 -8.56 -18.91
CA GLU D 56 -10.88 -8.22 -17.60
C GLU D 56 -11.78 -7.23 -16.88
N HIS D 57 -12.29 -6.25 -17.62
CA HIS D 57 -13.14 -5.22 -17.05
C HIS D 57 -14.41 -5.82 -16.50
N SER D 58 -15.01 -6.76 -17.26
CA SER D 58 -16.25 -7.35 -16.78
C SER D 58 -16.02 -8.13 -15.50
N LEU D 59 -14.94 -8.93 -15.44
CA LEU D 59 -14.65 -9.61 -14.19
C LEU D 59 -14.58 -8.61 -13.06
N GLY D 60 -13.92 -7.48 -13.30
CA GLY D 60 -13.78 -6.48 -12.25
C GLY D 60 -15.10 -5.90 -11.77
N VAL D 61 -16.00 -5.61 -12.73
CA VAL D 61 -17.28 -5.03 -12.35
C VAL D 61 -18.09 -6.01 -11.51
N GLY D 62 -18.09 -7.29 -11.91
CA GLY D 62 -18.77 -8.28 -11.07
C GLY D 62 -18.19 -8.35 -9.67
N TYR D 63 -16.87 -8.29 -9.58
CA TYR D 63 -16.22 -8.36 -8.27
C TYR D 63 -16.65 -7.19 -7.40
N LEU D 64 -16.62 -5.97 -7.96
CA LEU D 64 -16.97 -4.79 -7.18
C LEU D 64 -18.44 -4.78 -6.79
N ALA D 65 -19.32 -5.19 -7.72
CA ALA D 65 -20.72 -5.39 -7.36
C ALA D 65 -20.83 -6.24 -6.10
N GLY D 66 -20.13 -7.38 -6.08
CA GLY D 66 -20.18 -8.22 -4.89
C GLY D 66 -19.68 -7.48 -3.67
N CYS D 67 -18.53 -6.85 -3.79
CA CYS D 67 -17.94 -6.15 -2.64
C CYS D 67 -18.95 -5.20 -2.02
N LEU D 68 -19.55 -4.36 -2.86
CA LEU D 68 -20.45 -3.32 -2.38
C LEU D 68 -21.72 -3.92 -1.78
N VAL D 69 -22.47 -4.69 -2.58
CA VAL D 69 -23.76 -5.19 -2.11
C VAL D 69 -23.58 -5.98 -0.82
N HIS D 70 -22.50 -6.76 -0.72
CA HIS D 70 -22.24 -7.53 0.50
C HIS D 70 -21.93 -6.61 1.68
N ALA D 71 -21.15 -5.55 1.44
CA ALA D 71 -20.86 -4.59 2.51
C ALA D 71 -22.15 -3.97 3.04
N LEU D 72 -23.00 -3.50 2.13
CA LEU D 72 -24.27 -2.90 2.56
C LEU D 72 -25.09 -3.88 3.37
N GLY D 73 -25.19 -5.13 2.89
CA GLY D 73 -26.02 -6.09 3.59
C GLY D 73 -25.51 -6.41 4.98
N GLU D 74 -24.19 -6.37 5.17
CA GLU D 74 -23.67 -6.67 6.49
C GLU D 74 -23.77 -5.45 7.41
N LYS D 75 -23.56 -4.24 6.89
CA LYS D 75 -23.59 -3.05 7.75
C LYS D 75 -25.03 -2.69 8.11
N GLN D 76 -25.98 -3.02 7.24
CA GLN D 76 -27.41 -2.73 7.44
C GLN D 76 -28.18 -4.03 7.18
N PRO D 77 -28.22 -4.94 8.15
CA PRO D 77 -29.03 -6.17 7.97
C PRO D 77 -30.51 -5.89 7.81
N GLU D 78 -30.95 -4.66 8.11
CA GLU D 78 -32.36 -4.33 8.00
C GLU D 78 -32.84 -4.44 6.56
N LEU D 79 -31.91 -4.32 5.60
CA LEU D 79 -32.25 -4.27 4.19
C LEU D 79 -32.75 -5.59 3.63
N GLN D 80 -32.61 -6.69 4.37
CA GLN D 80 -33.00 -8.01 3.86
C GLN D 80 -32.29 -8.35 2.54
N ILE D 81 -30.98 -8.08 2.52
CA ILE D 81 -30.15 -8.53 1.41
C ILE D 81 -29.74 -9.97 1.65
N SER D 82 -30.08 -10.83 0.69
CA SER D 82 -29.73 -12.24 0.71
C SER D 82 -28.49 -12.49 -0.13
N GLU D 83 -27.92 -13.70 0.02
CA GLU D 83 -26.84 -14.10 -0.87
C GLU D 83 -27.34 -14.25 -2.30
N ARG D 84 -28.63 -14.57 -2.46
CA ARG D 84 -29.25 -14.55 -3.77
C ARG D 84 -29.16 -13.17 -4.40
N ASP D 85 -29.52 -12.13 -3.64
CA ASP D 85 -29.40 -10.76 -4.11
C ASP D 85 -27.97 -10.46 -4.52
N VAL D 86 -27.00 -10.77 -3.66
CA VAL D 86 -25.59 -10.57 -3.99
C VAL D 86 -25.26 -11.17 -5.34
N LEU D 87 -25.64 -12.44 -5.55
CA LEU D 87 -25.31 -13.11 -6.80
C LEU D 87 -25.97 -12.44 -7.99
N CYS D 88 -27.26 -12.12 -7.89
CA CYS D 88 -27.88 -11.43 -9.02
C CYS D 88 -27.12 -10.17 -9.37
N VAL D 89 -26.66 -9.43 -8.36
CA VAL D 89 -25.98 -8.17 -8.65
C VAL D 89 -24.62 -8.46 -9.27
N GLN D 90 -23.94 -9.49 -8.77
CA GLN D 90 -22.66 -9.90 -9.37
C GLN D 90 -22.81 -10.36 -10.82
N ILE D 91 -23.86 -11.13 -11.12
CA ILE D 91 -24.05 -11.58 -12.51
C ILE D 91 -24.35 -10.38 -13.42
N ALA D 92 -25.23 -9.48 -12.97
CA ALA D 92 -25.45 -8.24 -13.72
C ALA D 92 -24.13 -7.51 -13.95
N GLY D 93 -23.30 -7.39 -12.92
CA GLY D 93 -22.02 -6.74 -13.10
C GLY D 93 -21.13 -7.43 -14.11
N LEU D 94 -21.09 -8.77 -14.07
CA LEU D 94 -20.30 -9.53 -15.02
C LEU D 94 -20.76 -9.29 -16.45
N CYS D 95 -22.06 -9.26 -16.68
CA CYS D 95 -22.61 -9.32 -18.03
C CYS D 95 -23.09 -7.97 -18.56
N HIS D 96 -22.82 -6.87 -17.81
CA HIS D 96 -23.34 -5.57 -18.23
C HIS D 96 -22.79 -5.15 -19.58
N ASP D 97 -21.69 -5.76 -20.04
CA ASP D 97 -21.04 -5.39 -21.29
C ASP D 97 -21.06 -6.52 -22.30
N LEU D 98 -21.89 -7.55 -22.07
CA LEU D 98 -21.94 -8.71 -22.97
C LEU D 98 -22.32 -8.31 -24.39
N GLY D 99 -22.94 -7.14 -24.59
CA GLY D 99 -23.45 -6.74 -25.89
C GLY D 99 -22.54 -5.89 -26.71
N HIS D 100 -21.42 -5.44 -26.16
CA HIS D 100 -20.50 -4.61 -26.93
C HIS D 100 -20.05 -5.35 -28.19
N GLY D 101 -19.78 -4.58 -29.23
CA GLY D 101 -19.31 -5.13 -30.47
C GLY D 101 -17.88 -4.71 -30.75
N PRO D 102 -17.41 -5.04 -31.95
CA PRO D 102 -16.00 -4.72 -32.30
C PRO D 102 -15.63 -3.30 -31.93
N PHE D 103 -14.59 -3.14 -31.10
CA PHE D 103 -14.05 -1.85 -30.73
C PHE D 103 -15.00 -1.06 -29.85
N SER D 104 -15.83 -1.76 -29.09
CA SER D 104 -16.64 -1.21 -28.00
C SER D 104 -17.50 -0.06 -28.51
N HIS D 105 -17.42 1.15 -27.93
CA HIS D 105 -18.43 2.17 -28.21
C HIS D 105 -18.41 2.62 -29.66
N MET D 106 -17.36 2.33 -30.40
CA MET D 106 -17.32 2.62 -31.82
C MET D 106 -18.44 1.92 -32.56
N PHE D 107 -18.76 0.69 -32.16
CA PHE D 107 -19.66 -0.14 -32.95
C PHE D 107 -21.10 0.35 -32.82
N ASP D 108 -21.60 0.54 -31.60
CA ASP D 108 -22.99 0.96 -31.42
C ASP D 108 -23.18 2.47 -31.48
N GLY D 109 -22.11 3.24 -31.38
CA GLY D 109 -22.18 4.68 -31.31
C GLY D 109 -21.87 5.37 -32.62
N ARG D 110 -21.24 4.64 -33.54
CA ARG D 110 -20.97 5.21 -34.87
C ARG D 110 -21.31 4.24 -35.99
N PHE D 111 -20.74 3.01 -35.97
CA PHE D 111 -20.88 2.12 -37.11
C PHE D 111 -22.34 1.77 -37.39
N ILE D 112 -23.05 1.23 -36.39
CA ILE D 112 -24.45 0.82 -36.63
C ILE D 112 -25.29 2.01 -37.05
N PRO D 113 -25.16 3.18 -36.45
CA PRO D 113 -25.95 4.33 -36.93
C PRO D 113 -25.61 4.74 -38.36
N LEU D 114 -24.34 4.59 -38.78
CA LEU D 114 -23.99 4.93 -40.17
C LEU D 114 -24.42 3.87 -41.16
N ALA D 115 -24.39 2.61 -40.75
CA ALA D 115 -24.72 1.49 -41.63
C ALA D 115 -26.21 1.24 -41.68
N ARG D 116 -26.93 1.49 -40.59
CA ARG D 116 -28.37 1.21 -40.52
C ARG D 116 -29.07 2.31 -39.74
N PRO D 117 -29.29 3.47 -40.36
CA PRO D 117 -29.85 4.60 -39.60
C PRO D 117 -31.24 4.32 -39.09
N GLU D 118 -32.00 3.50 -39.80
CA GLU D 118 -33.36 3.21 -39.38
C GLU D 118 -33.40 2.48 -38.05
N VAL D 119 -32.30 1.78 -37.69
CA VAL D 119 -32.25 0.89 -36.53
C VAL D 119 -31.93 1.64 -35.26
N LYS D 120 -32.47 1.13 -34.15
CA LYS D 120 -32.16 1.61 -32.80
C LYS D 120 -31.51 0.46 -32.04
N TRP D 121 -30.19 0.52 -31.89
CA TRP D 121 -29.39 -0.52 -31.25
C TRP D 121 -28.47 0.12 -30.22
N THR D 122 -28.45 -0.45 -29.02
CA THR D 122 -27.55 0.00 -27.96
C THR D 122 -26.83 -1.22 -27.43
N HIS D 123 -25.59 -1.01 -26.94
CA HIS D 123 -24.82 -2.15 -26.43
C HIS D 123 -25.53 -2.77 -25.25
N GLU D 124 -26.35 -2.02 -24.52
CA GLU D 124 -27.08 -2.59 -23.40
C GLU D 124 -28.15 -3.58 -23.87
N GLN D 125 -28.92 -3.19 -24.89
CA GLN D 125 -29.83 -4.16 -25.51
C GLN D 125 -29.07 -5.40 -25.96
N GLY D 126 -27.89 -5.20 -26.54
CA GLY D 126 -27.09 -6.34 -26.95
C GLY D 126 -26.65 -7.18 -25.78
N SER D 127 -26.36 -6.54 -24.64
CA SER D 127 -25.99 -7.28 -23.44
C SER D 127 -27.13 -8.15 -22.97
N VAL D 128 -28.34 -7.61 -22.93
CA VAL D 128 -29.46 -8.41 -22.47
C VAL D 128 -29.71 -9.57 -23.44
N MET D 129 -29.59 -9.30 -24.75
CA MET D 129 -29.80 -10.37 -25.74
C MET D 129 -28.73 -11.45 -25.61
N MET D 130 -27.47 -11.03 -25.60
CA MET D 130 -26.33 -11.92 -25.48
C MET D 130 -26.40 -12.71 -24.18
N PHE D 131 -26.93 -12.10 -23.13
CA PHE D 131 -27.11 -12.81 -21.86
C PHE D 131 -28.15 -13.91 -21.98
N GLU D 132 -29.30 -13.61 -22.58
CA GLU D 132 -30.29 -14.65 -22.81
C GLU D 132 -29.68 -15.79 -23.63
N HIS D 133 -28.95 -15.44 -24.69
CA HIS D 133 -28.32 -16.45 -25.52
C HIS D 133 -27.33 -17.29 -24.72
N LEU D 134 -26.57 -16.64 -23.84
CA LEU D 134 -25.62 -17.38 -23.01
C LEU D 134 -26.35 -18.33 -22.08
N ILE D 135 -27.42 -17.85 -21.44
CA ILE D 135 -28.19 -18.68 -20.54
C ILE D 135 -28.64 -19.94 -21.27
N ASN D 136 -29.19 -19.79 -22.48
CA ASN D 136 -29.83 -20.92 -23.13
C ASN D 136 -28.86 -21.80 -23.88
N SER D 137 -27.77 -21.24 -24.43
CA SER D 137 -26.80 -22.05 -25.17
C SER D 137 -26.02 -22.98 -24.25
N ASN D 138 -26.01 -22.70 -22.96
CA ASN D 138 -25.34 -23.50 -21.94
C ASN D 138 -26.38 -23.87 -20.89
N GLY D 139 -25.98 -24.61 -19.88
CA GLY D 139 -26.96 -25.18 -18.98
C GLY D 139 -27.19 -24.33 -17.74
N ILE D 140 -27.32 -23.01 -17.93
CA ILE D 140 -27.15 -22.10 -16.80
C ILE D 140 -28.36 -22.17 -15.85
N LYS D 141 -29.57 -22.25 -16.38
CA LYS D 141 -30.74 -22.16 -15.50
C LYS D 141 -30.74 -23.23 -14.43
N PRO D 142 -30.46 -24.51 -14.74
CA PRO D 142 -30.36 -25.51 -13.67
C PRO D 142 -29.29 -25.19 -12.64
N VAL D 143 -28.16 -24.61 -13.05
CA VAL D 143 -27.12 -24.25 -12.07
C VAL D 143 -27.61 -23.14 -11.16
N MET D 144 -28.31 -22.15 -11.72
CA MET D 144 -28.93 -21.14 -10.88
C MET D 144 -29.81 -21.79 -9.83
N GLU D 145 -30.63 -22.76 -10.23
CA GLU D 145 -31.45 -23.45 -9.23
C GLU D 145 -30.57 -24.18 -8.20
N GLN D 146 -29.43 -24.71 -8.64
CA GLN D 146 -28.53 -25.37 -7.70
C GLN D 146 -28.10 -24.43 -6.59
N TYR D 147 -27.98 -23.14 -6.90
CA TYR D 147 -27.49 -22.18 -5.91
C TYR D 147 -28.53 -21.17 -5.44
N GLY D 148 -29.82 -21.50 -5.52
CA GLY D 148 -30.85 -20.75 -4.84
C GLY D 148 -31.57 -19.74 -5.70
N LEU D 149 -31.02 -19.39 -6.85
CA LEU D 149 -31.66 -18.40 -7.71
C LEU D 149 -33.02 -18.91 -8.18
N ILE D 150 -33.97 -17.99 -8.32
CA ILE D 150 -35.23 -18.31 -8.99
C ILE D 150 -35.12 -17.79 -10.42
N PRO D 151 -34.77 -18.61 -11.41
CA PRO D 151 -34.47 -18.05 -12.74
C PRO D 151 -35.56 -17.14 -13.28
N GLU D 152 -36.83 -17.46 -13.01
CA GLU D 152 -37.93 -16.66 -13.55
C GLU D 152 -37.71 -15.18 -13.32
N GLU D 153 -37.93 -14.72 -12.09
CA GLU D 153 -37.78 -13.30 -11.80
C GLU D 153 -36.33 -12.86 -11.66
N ASP D 154 -35.39 -13.77 -11.34
CA ASP D 154 -34.01 -13.33 -11.13
C ASP D 154 -33.34 -12.97 -12.45
N ILE D 155 -33.65 -13.70 -13.52
CA ILE D 155 -33.16 -13.31 -14.84
C ILE D 155 -33.71 -11.93 -15.18
N CYS D 156 -34.99 -11.70 -14.89
CA CYS D 156 -35.56 -10.38 -15.10
C CYS D 156 -34.78 -9.31 -14.34
N PHE D 157 -34.44 -9.59 -13.08
CA PHE D 157 -33.70 -8.62 -12.26
C PHE D 157 -32.34 -8.30 -12.87
N ILE D 158 -31.60 -9.33 -13.32
CA ILE D 158 -30.30 -9.08 -13.91
C ILE D 158 -30.43 -8.24 -15.20
N LYS D 159 -31.40 -8.60 -16.04
CA LYS D 159 -31.60 -7.83 -17.27
C LYS D 159 -32.00 -6.40 -16.96
N GLU D 160 -32.90 -6.21 -15.99
CA GLU D 160 -33.32 -4.86 -15.60
C GLU D 160 -32.16 -4.04 -15.07
N GLN D 161 -31.21 -4.67 -14.37
CA GLN D 161 -30.02 -3.94 -13.98
C GLN D 161 -29.21 -3.50 -15.20
N ILE D 162 -29.21 -4.30 -16.27
CA ILE D 162 -28.32 -3.98 -17.37
C ILE D 162 -28.92 -2.91 -18.28
N VAL D 163 -30.19 -3.01 -18.67
CA VAL D 163 -30.73 -2.12 -19.69
C VAL D 163 -31.64 -1.04 -19.10
N GLY D 164 -32.20 -1.26 -17.92
CA GLY D 164 -33.16 -0.36 -17.33
C GLY D 164 -34.54 -1.01 -17.32
N PRO D 165 -35.58 -0.24 -16.99
CA PRO D 165 -36.95 -0.81 -16.96
C PRO D 165 -37.28 -1.50 -18.27
N LEU D 166 -37.30 -2.84 -18.30
CA LEU D 166 -37.45 -3.54 -19.57
C LEU D 166 -38.54 -2.93 -20.43
N GLU D 167 -39.60 -2.38 -19.83
CA GLU D 167 -40.64 -1.71 -20.57
C GLU D 167 -41.26 -0.63 -19.66
N GLU D 171 -47.04 3.16 -18.78
CA GLU D 171 -46.09 4.10 -18.18
C GLU D 171 -46.82 5.07 -17.26
N ASP D 172 -46.69 4.82 -15.96
CA ASP D 172 -47.21 5.68 -14.90
C ASP D 172 -46.04 6.07 -13.99
N SER D 173 -46.38 6.62 -12.83
CA SER D 173 -45.37 7.08 -11.87
C SER D 173 -45.05 6.05 -10.78
N LEU D 174 -45.36 4.77 -11.04
CA LEU D 174 -45.18 3.70 -10.08
C LEU D 174 -43.86 2.99 -10.33
N TRP D 175 -43.65 1.90 -9.60
CA TRP D 175 -42.39 1.17 -9.61
C TRP D 175 -42.30 0.36 -10.90
N PRO D 176 -41.44 0.75 -11.85
CA PRO D 176 -41.45 0.06 -13.16
C PRO D 176 -40.82 -1.31 -13.10
N TYR D 177 -39.88 -1.52 -12.18
CA TYR D 177 -39.15 -2.77 -12.16
C TYR D 177 -40.01 -3.91 -11.64
N LYS D 178 -39.69 -5.12 -12.11
CA LYS D 178 -40.44 -6.32 -11.78
C LYS D 178 -39.59 -7.41 -11.17
N GLY D 179 -38.26 -7.31 -11.27
CA GLY D 179 -37.39 -8.29 -10.68
C GLY D 179 -37.18 -8.14 -9.20
N ARG D 180 -37.38 -6.95 -8.65
CA ARG D 180 -37.33 -6.74 -7.21
C ARG D 180 -38.35 -5.67 -6.86
N PRO D 181 -38.90 -5.69 -5.65
CA PRO D 181 -39.83 -4.63 -5.22
C PRO D 181 -39.09 -3.36 -4.84
N GLU D 182 -39.87 -2.30 -4.58
CA GLU D 182 -39.30 -0.97 -4.41
C GLU D 182 -38.45 -0.88 -3.14
N ASN D 183 -38.74 -1.69 -2.15
CA ASN D 183 -37.93 -1.69 -0.93
C ASN D 183 -36.52 -2.20 -1.20
N LYS D 184 -36.24 -2.66 -2.42
CA LYS D 184 -34.91 -3.07 -2.83
C LYS D 184 -34.37 -2.19 -3.95
N SER D 185 -34.93 -0.97 -4.10
CA SER D 185 -34.59 -0.15 -5.24
C SER D 185 -33.10 0.12 -5.32
N PHE D 186 -32.41 0.17 -4.18
CA PHE D 186 -31.00 0.54 -4.20
C PHE D 186 -30.16 -0.47 -5.00
N LEU D 187 -30.63 -1.72 -5.14
CA LEU D 187 -29.88 -2.68 -5.94
C LEU D 187 -29.70 -2.23 -7.39
N TYR D 188 -30.64 -1.46 -7.92
CA TYR D 188 -30.53 -0.99 -9.30
C TYR D 188 -29.54 0.15 -9.45
N GLU D 189 -28.84 0.53 -8.37
CA GLU D 189 -27.87 1.62 -8.43
C GLU D 189 -26.42 1.14 -8.34
N ILE D 190 -26.18 -0.16 -8.19
CA ILE D 190 -24.81 -0.62 -8.03
C ILE D 190 -24.08 -0.71 -9.36
N VAL D 191 -24.66 -1.42 -10.34
CA VAL D 191 -23.95 -1.69 -11.59
C VAL D 191 -23.99 -0.47 -12.51
N SER D 192 -25.18 0.07 -12.77
CA SER D 192 -25.31 1.28 -13.59
C SER D 192 -26.10 2.34 -12.83
N ASN D 193 -25.59 3.57 -12.84
CA ASN D 193 -26.32 4.67 -12.23
C ASN D 193 -26.08 5.94 -13.02
N LYS D 194 -27.16 6.68 -13.19
CA LYS D 194 -27.34 7.74 -14.16
C LYS D 194 -27.45 9.10 -13.49
N ARG D 195 -28.32 9.19 -12.48
CA ARG D 195 -28.49 10.38 -11.66
C ARG D 195 -27.14 11.02 -11.26
N ASN D 196 -26.31 10.23 -10.57
CA ASN D 196 -24.91 10.56 -10.37
C ASN D 196 -24.03 9.58 -11.16
N GLY D 197 -22.73 9.86 -11.15
CA GLY D 197 -21.82 9.00 -11.87
C GLY D 197 -21.10 8.06 -10.92
N ILE D 198 -21.84 7.38 -10.05
CA ILE D 198 -21.26 6.50 -9.05
C ILE D 198 -21.88 5.11 -9.23
N ASP D 199 -21.11 4.21 -9.81
CA ASP D 199 -21.47 2.80 -9.95
C ASP D 199 -20.16 2.03 -10.07
N VAL D 200 -20.24 0.71 -9.82
CA VAL D 200 -19.03 -0.12 -9.87
C VAL D 200 -18.49 -0.26 -11.30
N ASP D 201 -19.33 -0.10 -12.32
CA ASP D 201 -18.80 -0.12 -13.68
C ASP D 201 -17.75 0.98 -13.84
N LYS D 202 -18.14 2.20 -13.53
CA LYS D 202 -17.23 3.32 -13.69
C LYS D 202 -16.06 3.18 -12.73
N TRP D 203 -16.27 2.60 -11.53
CA TRP D 203 -15.13 2.39 -10.64
C TRP D 203 -14.06 1.55 -11.34
N ASP D 204 -14.46 0.40 -11.85
CA ASP D 204 -13.45 -0.49 -12.40
C ASP D 204 -12.79 0.13 -13.63
N TYR D 205 -13.58 0.70 -14.55
CA TYR D 205 -12.91 1.12 -15.78
C TYR D 205 -12.19 2.45 -15.59
N PHE D 206 -12.58 3.28 -14.62
CA PHE D 206 -11.72 4.40 -14.25
C PHE D 206 -10.34 3.88 -13.82
N ALA D 207 -10.32 2.93 -12.87
CA ALA D 207 -9.02 2.48 -12.35
C ALA D 207 -8.22 1.72 -13.40
N ARG D 208 -8.88 0.89 -14.21
CA ARG D 208 -8.19 0.08 -15.20
C ARG D 208 -7.70 0.92 -16.39
N ASP D 209 -8.50 1.86 -16.86
CA ASP D 209 -8.01 2.70 -17.96
C ASP D 209 -6.87 3.58 -17.48
N CYS D 210 -6.90 4.03 -16.20
CA CYS D 210 -5.76 4.77 -15.69
C CYS D 210 -4.53 3.89 -15.64
N HIS D 211 -4.71 2.65 -15.18
CA HIS D 211 -3.58 1.72 -15.06
C HIS D 211 -2.93 1.47 -16.41
N HIS D 212 -3.73 1.37 -17.48
CA HIS D 212 -3.18 1.04 -18.78
C HIS D 212 -2.77 2.27 -19.58
N LEU D 213 -3.27 3.45 -19.19
CA LEU D 213 -2.95 4.68 -19.90
C LEU D 213 -1.80 5.47 -19.31
N GLY D 214 -1.43 5.20 -18.05
CA GLY D 214 -0.40 5.98 -17.39
C GLY D 214 -0.90 7.17 -16.61
N ILE D 215 -2.21 7.29 -16.42
CA ILE D 215 -2.82 8.35 -15.63
C ILE D 215 -2.89 7.96 -14.15
N GLN D 216 -2.71 8.97 -13.29
CA GLN D 216 -2.83 8.79 -11.86
C GLN D 216 -4.30 8.79 -11.47
N ASN D 217 -4.67 7.84 -10.62
CA ASN D 217 -6.02 7.72 -10.11
C ASN D 217 -5.93 7.69 -8.58
N ASN D 218 -6.57 8.65 -7.93
CA ASN D 218 -6.53 8.72 -6.49
C ASN D 218 -7.81 8.26 -5.82
N PHE D 219 -8.83 7.88 -6.59
CA PHE D 219 -10.07 7.41 -5.99
C PHE D 219 -9.85 6.05 -5.35
N ASP D 220 -10.27 5.91 -4.11
CA ASP D 220 -10.13 4.67 -3.35
C ASP D 220 -11.52 4.05 -3.23
N TYR D 221 -11.84 3.11 -4.13
CA TYR D 221 -13.18 2.53 -4.17
C TYR D 221 -13.44 1.72 -2.91
N LYS D 222 -12.37 1.18 -2.30
CA LYS D 222 -12.57 0.38 -1.09
C LYS D 222 -13.02 1.26 0.07
N ARG D 223 -12.42 2.43 0.21
CA ARG D 223 -12.88 3.43 1.17
C ARG D 223 -14.36 3.71 0.98
N PHE D 224 -14.75 4.07 -0.25
CA PHE D 224 -16.15 4.39 -0.49
C PHE D 224 -17.07 3.26 -0.07
N ILE D 225 -16.76 2.04 -0.52
CA ILE D 225 -17.61 0.90 -0.16
C ILE D 225 -17.70 0.77 1.35
N LYS D 226 -16.57 0.98 2.05
CA LYS D 226 -16.54 0.83 3.50
C LYS D 226 -17.42 1.85 4.19
N PHE D 227 -17.54 3.06 3.64
CA PHE D 227 -18.31 4.13 4.27
C PHE D 227 -19.62 4.39 3.53
N ALA D 228 -20.07 3.46 2.71
CA ALA D 228 -21.33 3.63 2.03
C ALA D 228 -22.47 3.05 2.86
N ARG D 229 -23.66 3.59 2.65
CA ARG D 229 -24.84 3.05 3.32
C ARG D 229 -26.02 3.20 2.38
N VAL D 230 -27.20 2.73 2.83
CA VAL D 230 -28.47 3.02 2.16
C VAL D 230 -29.21 4.04 3.00
N CYS D 231 -29.64 5.12 2.37
CA CYS D 231 -30.30 6.23 3.04
C CYS D 231 -31.59 6.54 2.29
N GLU D 232 -32.45 7.33 2.90
CA GLU D 232 -33.68 7.81 2.28
C GLU D 232 -33.41 9.19 1.69
N VAL D 233 -33.88 9.42 0.46
CA VAL D 233 -33.87 10.76 -0.14
C VAL D 233 -35.26 11.00 -0.70
N ASP D 234 -35.77 12.20 -0.51
CA ASP D 234 -37.15 12.47 -0.96
C ASP D 234 -38.08 11.45 -0.33
N ASN D 235 -38.01 10.20 -0.77
CA ASN D 235 -38.75 9.06 -0.23
C ASN D 235 -38.34 7.81 -1.00
N GLU D 236 -37.05 7.72 -1.32
CA GLU D 236 -36.46 6.67 -2.14
C GLU D 236 -35.24 6.14 -1.42
N LEU D 237 -35.19 4.82 -1.27
CA LEU D 237 -34.00 4.16 -0.74
C LEU D 237 -32.90 4.24 -1.79
N ARG D 238 -31.77 4.82 -1.45
CA ARG D 238 -30.68 4.97 -2.42
C ARG D 238 -29.34 4.96 -1.70
N ILE D 239 -28.29 4.69 -2.48
CA ILE D 239 -26.94 4.60 -1.94
C ILE D 239 -26.43 5.99 -1.57
N CYS D 240 -25.97 6.12 -0.33
CA CYS D 240 -25.47 7.36 0.25
C CYS D 240 -24.04 7.17 0.71
N ALA D 241 -23.35 8.30 0.90
CA ALA D 241 -21.95 8.35 1.29
C ALA D 241 -21.79 9.16 2.58
N ARG D 242 -20.63 9.02 3.22
CA ARG D 242 -20.30 9.90 4.34
C ARG D 242 -20.07 11.32 3.85
N ASP D 243 -20.48 12.30 4.67
CA ASP D 243 -19.98 13.66 4.44
C ASP D 243 -18.46 13.64 4.33
N LYS D 244 -17.81 12.98 5.29
CA LYS D 244 -16.36 12.80 5.30
C LYS D 244 -15.81 12.39 3.95
N GLU D 245 -16.53 11.58 3.20
CA GLU D 245 -15.98 10.99 1.98
C GLU D 245 -15.94 11.96 0.81
N VAL D 246 -16.35 13.22 0.99
CA VAL D 246 -16.41 14.13 -0.15
C VAL D 246 -15.04 14.29 -0.78
N GLY D 247 -13.98 14.33 0.03
CA GLY D 247 -12.65 14.46 -0.56
C GLY D 247 -12.37 13.37 -1.57
N ASN D 248 -12.75 12.13 -1.25
CA ASN D 248 -12.50 11.05 -2.18
C ASN D 248 -13.27 11.31 -3.47
N LEU D 249 -14.54 11.73 -3.35
CA LEU D 249 -15.33 11.96 -4.55
C LEU D 249 -14.68 13.01 -5.44
N TYR D 250 -14.02 14.03 -4.86
CA TYR D 250 -13.37 14.99 -5.73
C TYR D 250 -12.41 14.25 -6.66
N ASP D 251 -11.54 13.43 -6.09
CA ASP D 251 -10.56 12.73 -6.90
C ASP D 251 -11.25 11.89 -7.97
N MET D 252 -12.37 11.27 -7.64
CA MET D 252 -13.00 10.41 -8.64
C MET D 252 -13.44 11.24 -9.84
N PHE D 253 -14.11 12.35 -9.58
CA PHE D 253 -14.55 13.18 -10.69
C PHE D 253 -13.36 13.75 -11.44
N HIS D 254 -12.27 14.04 -10.74
CA HIS D 254 -11.09 14.50 -11.46
C HIS D 254 -10.57 13.39 -12.38
N THR D 255 -10.55 12.14 -11.90
CA THR D 255 -10.18 11.04 -12.77
C THR D 255 -11.09 11.01 -13.97
N ARG D 256 -12.40 11.11 -13.73
CA ARG D 256 -13.34 11.13 -14.85
C ARG D 256 -12.93 12.19 -15.87
N ASN D 257 -12.61 13.41 -15.41
CA ASN D 257 -12.31 14.43 -16.40
C ASN D 257 -11.05 14.06 -17.15
N SER D 258 -10.00 13.63 -16.41
CA SER D 258 -8.75 13.30 -17.10
C SER D 258 -8.95 12.17 -18.09
N LEU D 259 -9.81 11.19 -17.79
CA LEU D 259 -9.99 10.12 -18.76
C LEU D 259 -10.75 10.64 -19.98
N HIS D 260 -11.75 11.47 -19.75
CA HIS D 260 -12.55 11.94 -20.88
C HIS D 260 -11.77 12.93 -21.72
N ARG D 261 -10.98 13.79 -21.08
CA ARG D 261 -10.32 14.88 -21.80
C ARG D 261 -9.06 14.43 -22.53
N ARG D 262 -8.31 13.48 -21.99
CA ARG D 262 -7.12 13.03 -22.70
C ARG D 262 -7.14 11.59 -23.20
N ALA D 263 -8.24 10.87 -23.02
CA ALA D 263 -8.31 9.55 -23.65
C ALA D 263 -9.58 9.33 -24.47
N TYR D 264 -10.74 9.42 -23.84
CA TYR D 264 -11.97 9.11 -24.55
C TYR D 264 -12.28 10.13 -25.63
N GLN D 265 -11.73 11.34 -25.55
CA GLN D 265 -11.94 12.39 -26.55
C GLN D 265 -10.65 12.76 -27.26
N HIS D 266 -9.61 11.93 -27.17
CA HIS D 266 -8.39 12.14 -27.93
C HIS D 266 -8.68 12.35 -29.41
N LYS D 267 -8.02 13.35 -30.00
CA LYS D 267 -8.30 13.71 -31.39
C LYS D 267 -7.93 12.59 -32.33
N VAL D 268 -6.65 12.18 -32.32
CA VAL D 268 -6.23 11.12 -33.23
C VAL D 268 -6.95 9.81 -32.92
N GLY D 269 -7.17 9.53 -31.63
CA GLY D 269 -7.93 8.34 -31.27
C GLY D 269 -9.29 8.29 -31.97
N ASN D 270 -10.08 9.35 -31.84
CA ASN D 270 -11.38 9.37 -32.50
C ASN D 270 -11.24 9.36 -34.02
N ILE D 271 -10.18 9.98 -34.55
CA ILE D 271 -9.95 9.92 -35.99
C ILE D 271 -9.79 8.47 -36.42
N ILE D 272 -8.96 7.73 -35.71
CA ILE D 272 -8.72 6.33 -36.08
C ILE D 272 -9.99 5.51 -35.93
N ASP D 273 -10.80 5.80 -34.89
CA ASP D 273 -12.08 5.12 -34.79
C ASP D 273 -12.92 5.33 -36.03
N THR D 274 -12.97 6.55 -36.54
CA THR D 274 -13.78 6.79 -37.72
C THR D 274 -13.18 6.11 -38.94
N MET D 275 -11.85 5.96 -38.97
CA MET D 275 -11.21 5.20 -40.06
C MET D 275 -11.60 3.73 -40.01
N ILE D 276 -11.60 3.16 -38.81
CA ILE D 276 -12.01 1.76 -38.68
C ILE D 276 -13.46 1.60 -39.11
N THR D 277 -14.33 2.51 -38.67
CA THR D 277 -15.71 2.49 -39.12
C THR D 277 -15.80 2.59 -40.64
N ASP D 278 -14.93 3.40 -41.25
CA ASP D 278 -15.01 3.59 -42.70
C ASP D 278 -14.67 2.29 -43.39
N ALA D 279 -13.66 1.61 -42.87
CA ALA D 279 -13.33 0.29 -43.39
C ALA D 279 -14.53 -0.63 -43.27
N PHE D 280 -15.11 -0.70 -42.07
CA PHE D 280 -16.20 -1.65 -41.84
C PHE D 280 -17.32 -1.38 -42.80
N LEU D 281 -17.68 -0.10 -42.97
CA LEU D 281 -18.73 0.26 -43.90
C LEU D 281 -18.39 -0.19 -45.31
N LYS D 282 -17.16 0.04 -45.75
CA LYS D 282 -16.73 -0.40 -47.07
C LYS D 282 -16.54 -1.90 -47.18
N ALA D 283 -16.70 -2.63 -46.07
CA ALA D 283 -16.58 -4.08 -46.09
C ALA D 283 -17.90 -4.78 -45.77
N ASP D 284 -18.90 -4.05 -45.24
CA ASP D 284 -20.13 -4.68 -44.78
C ASP D 284 -20.82 -5.52 -45.87
N ASP D 285 -20.62 -5.19 -47.14
CA ASP D 285 -21.32 -5.93 -48.17
C ASP D 285 -20.66 -7.26 -48.47
N TYR D 286 -19.41 -7.42 -48.09
CA TYR D 286 -18.60 -8.54 -48.56
C TYR D 286 -18.08 -9.47 -47.46
N ILE D 287 -18.30 -9.15 -46.20
CA ILE D 287 -17.85 -9.96 -45.08
C ILE D 287 -19.03 -10.79 -44.59
N GLU D 288 -18.81 -12.09 -44.38
CA GLU D 288 -19.87 -13.02 -44.00
C GLU D 288 -19.55 -13.61 -42.63
N ILE D 289 -20.55 -13.60 -41.76
CA ILE D 289 -20.48 -14.19 -40.42
C ILE D 289 -21.62 -15.19 -40.32
N THR D 290 -21.26 -16.46 -40.06
CA THR D 290 -22.27 -17.51 -40.07
C THR D 290 -23.01 -17.52 -38.74
N GLY D 291 -24.33 -17.52 -38.80
CA GLY D 291 -25.14 -17.50 -37.60
C GLY D 291 -26.01 -18.73 -37.45
N ALA D 292 -27.21 -18.54 -36.91
CA ALA D 292 -28.09 -19.66 -36.62
C ALA D 292 -28.57 -20.32 -37.91
N GLY D 293 -28.72 -21.64 -37.84
CA GLY D 293 -29.19 -22.37 -38.99
C GLY D 293 -28.32 -22.20 -40.21
N GLY D 294 -27.08 -21.75 -40.03
CA GLY D 294 -26.16 -21.56 -41.12
C GLY D 294 -26.43 -20.33 -41.94
N LYS D 295 -27.45 -19.54 -41.59
CA LYS D 295 -27.66 -18.29 -42.29
C LYS D 295 -26.43 -17.40 -42.16
N LYS D 296 -26.22 -16.54 -43.15
CA LYS D 296 -25.09 -15.63 -43.19
C LYS D 296 -25.51 -14.19 -42.89
N TYR D 297 -24.67 -13.50 -42.13
CA TYR D 297 -24.92 -12.12 -41.76
C TYR D 297 -23.72 -11.26 -42.14
N ARG D 298 -23.92 -9.97 -42.07
CA ARG D 298 -22.84 -9.01 -42.23
C ARG D 298 -22.57 -8.35 -40.88
N ILE D 299 -21.46 -7.61 -40.83
CA ILE D 299 -21.10 -6.85 -39.66
C ILE D 299 -22.30 -6.08 -39.14
N SER D 300 -23.07 -5.48 -40.05
CA SER D 300 -24.13 -4.58 -39.67
C SER D 300 -25.38 -5.32 -39.23
N THR D 301 -25.53 -6.60 -39.62
CA THR D 301 -26.71 -7.39 -39.28
C THR D 301 -26.46 -8.53 -38.31
N ALA D 302 -25.21 -8.81 -37.96
CA ALA D 302 -24.92 -9.81 -36.93
C ALA D 302 -25.59 -9.47 -35.59
N ILE D 303 -25.87 -8.18 -35.33
CA ILE D 303 -26.54 -7.82 -34.08
C ILE D 303 -27.93 -8.43 -34.01
N ASP D 304 -28.49 -8.83 -35.13
CA ASP D 304 -29.83 -9.40 -35.18
C ASP D 304 -29.84 -10.90 -34.94
N ASP D 305 -28.68 -11.50 -34.69
CA ASP D 305 -28.61 -12.94 -34.43
C ASP D 305 -27.45 -13.17 -33.46
N MET D 306 -27.76 -13.52 -32.21
CA MET D 306 -26.72 -13.65 -31.20
C MET D 306 -25.74 -14.79 -31.49
N GLU D 307 -26.12 -15.77 -32.32
CA GLU D 307 -25.17 -16.82 -32.66
C GLU D 307 -24.07 -16.28 -33.57
N ALA D 308 -24.42 -15.42 -34.51
CA ALA D 308 -23.42 -14.74 -35.32
C ALA D 308 -22.68 -13.67 -34.51
N TYR D 309 -23.42 -12.92 -33.70
CA TYR D 309 -22.81 -11.84 -32.92
C TYR D 309 -21.76 -12.38 -31.96
N THR D 310 -21.94 -13.63 -31.49
CA THR D 310 -20.91 -14.27 -30.69
C THR D 310 -19.55 -14.27 -31.40
N LYS D 311 -19.56 -14.29 -32.74
CA LYS D 311 -18.32 -14.34 -33.51
C LYS D 311 -17.98 -13.01 -34.19
N LEU D 312 -18.59 -11.89 -33.74
CA LEU D 312 -18.34 -10.54 -34.27
C LEU D 312 -17.49 -9.80 -33.25
N THR D 313 -16.23 -9.56 -33.59
CA THR D 313 -15.20 -9.22 -32.61
C THR D 313 -14.17 -8.33 -33.31
N ASP D 314 -13.20 -7.82 -32.54
CA ASP D 314 -12.16 -7.00 -33.16
C ASP D 314 -11.44 -7.77 -34.28
N ASN D 315 -11.56 -9.10 -34.26
CA ASN D 315 -11.01 -9.94 -35.31
C ASN D 315 -11.39 -9.46 -36.71
N ILE D 316 -12.61 -8.94 -36.87
CA ILE D 316 -13.10 -8.37 -38.11
C ILE D 316 -11.99 -7.54 -38.69
N PHE D 317 -11.42 -6.64 -37.89
CA PHE D 317 -10.36 -5.75 -38.35
C PHE D 317 -9.31 -6.54 -39.14
N LEU D 318 -8.75 -7.58 -38.54
CA LEU D 318 -7.68 -8.31 -39.21
C LEU D 318 -8.22 -9.17 -40.35
N GLU D 319 -9.43 -9.72 -40.22
CA GLU D 319 -10.03 -10.40 -41.37
C GLU D 319 -10.05 -9.49 -42.58
N ILE D 320 -10.27 -8.18 -42.35
CA ILE D 320 -10.16 -7.23 -43.45
C ILE D 320 -8.70 -7.01 -43.83
N LEU D 321 -7.85 -6.74 -42.83
CA LEU D 321 -6.49 -6.32 -43.13
C LEU D 321 -5.73 -7.39 -43.91
N TYR D 322 -6.00 -8.66 -43.60
CA TYR D 322 -5.31 -9.79 -44.24
C TYR D 322 -6.02 -10.29 -45.49
N SER D 323 -7.09 -9.63 -45.93
CA SER D 323 -7.92 -10.18 -46.99
C SER D 323 -7.24 -10.03 -48.35
N THR D 324 -7.64 -10.90 -49.27
CA THR D 324 -7.17 -10.83 -50.64
C THR D 324 -8.28 -10.57 -51.65
N ASP D 325 -9.54 -10.70 -51.27
CA ASP D 325 -10.63 -10.51 -52.21
C ASP D 325 -10.58 -9.10 -52.79
N PRO D 326 -10.60 -8.94 -54.12
CA PRO D 326 -10.57 -7.58 -54.68
C PRO D 326 -11.76 -6.73 -54.25
N LYS D 327 -12.92 -7.36 -54.01
CA LYS D 327 -14.09 -6.61 -53.55
C LYS D 327 -13.80 -5.86 -52.25
N LEU D 328 -12.83 -6.33 -51.47
CA LEU D 328 -12.49 -5.73 -50.19
C LEU D 328 -11.26 -4.83 -50.26
N LYS D 329 -10.63 -4.65 -51.43
CA LYS D 329 -9.43 -3.83 -51.46
C LYS D 329 -9.72 -2.46 -50.85
N ASP D 330 -10.87 -1.85 -51.21
CA ASP D 330 -11.24 -0.56 -50.63
C ASP D 330 -11.12 -0.59 -49.11
N ALA D 331 -11.80 -1.53 -48.46
CA ALA D 331 -11.75 -1.60 -47.00
C ALA D 331 -10.32 -1.82 -46.54
N ARG D 332 -9.63 -2.79 -47.15
CA ARG D 332 -8.27 -3.08 -46.73
C ARG D 332 -7.42 -1.84 -46.80
N GLU D 333 -7.58 -1.03 -47.86
CA GLU D 333 -6.67 0.09 -48.04
C GLU D 333 -6.77 1.06 -46.88
N ILE D 334 -7.99 1.30 -46.38
CA ILE D 334 -8.13 2.22 -45.24
C ILE D 334 -7.35 1.69 -44.06
N LEU D 335 -7.50 0.41 -43.75
CA LEU D 335 -6.78 -0.11 -42.60
C LEU D 335 -5.28 -0.01 -42.82
N LYS D 336 -4.83 -0.22 -44.06
CA LYS D 336 -3.39 -0.07 -44.27
C LYS D 336 -2.95 1.38 -44.04
N GLN D 337 -3.82 2.35 -44.36
CA GLN D 337 -3.50 3.73 -44.04
C GLN D 337 -3.22 3.86 -42.55
N ILE D 338 -4.07 3.24 -41.71
CA ILE D 338 -3.82 3.26 -40.28
C ILE D 338 -2.43 2.76 -39.97
N GLU D 339 -2.03 1.63 -40.58
CA GLU D 339 -0.73 1.06 -40.28
C GLU D 339 0.39 2.00 -40.71
N TYR D 340 0.19 2.73 -41.80
CA TYR D 340 1.20 3.68 -42.24
C TYR D 340 1.10 5.02 -41.52
N ARG D 341 0.08 5.20 -40.68
CA ARG D 341 -0.13 6.46 -40.01
C ARG D 341 -0.46 7.58 -40.99
N ASN D 342 -1.05 7.23 -42.14
CA ASN D 342 -1.62 8.23 -43.04
C ASN D 342 -3.08 8.33 -42.66
N LEU D 343 -3.37 9.19 -41.69
CA LEU D 343 -4.70 9.22 -41.12
C LEU D 343 -5.53 10.32 -41.77
N PHE D 344 -6.84 10.22 -41.60
CA PHE D 344 -7.70 11.36 -41.91
C PHE D 344 -7.18 12.59 -41.17
N LYS D 345 -7.43 13.76 -41.75
CA LYS D 345 -6.88 15.00 -41.25
C LYS D 345 -7.94 15.77 -40.50
N TYR D 346 -7.55 16.36 -39.37
CA TYR D 346 -8.46 17.13 -38.53
C TYR D 346 -8.74 18.49 -39.15
N VAL D 347 -10.00 18.89 -39.13
CA VAL D 347 -10.44 20.13 -39.72
C VAL D 347 -10.87 21.12 -38.66
N GLY D 348 -11.71 20.68 -37.73
CA GLY D 348 -12.18 21.57 -36.68
C GLY D 348 -13.19 20.89 -35.79
N GLU D 349 -13.56 21.62 -34.74
CA GLU D 349 -14.48 21.16 -33.71
C GLU D 349 -15.50 22.25 -33.47
N THR D 350 -16.73 21.83 -33.18
CA THR D 350 -17.81 22.77 -32.90
C THR D 350 -18.74 22.07 -31.93
N GLN D 351 -19.72 22.81 -31.41
CA GLN D 351 -20.72 22.26 -30.52
C GLN D 351 -22.10 22.78 -30.89
N PRO D 352 -23.13 22.00 -30.68
CA PRO D 352 -24.49 22.48 -30.93
C PRO D 352 -25.03 23.28 -29.76
N THR D 353 -24.21 24.15 -29.18
CA THR D 353 -24.64 24.88 -27.99
C THR D 353 -25.88 25.72 -28.27
N GLY D 354 -26.87 25.58 -27.40
CA GLY D 354 -28.13 26.24 -27.57
C GLY D 354 -29.01 25.69 -28.67
N GLN D 355 -28.53 24.70 -29.42
CA GLN D 355 -29.29 24.07 -30.48
C GLN D 355 -29.71 22.68 -30.04
N ILE D 356 -30.72 22.14 -30.74
CA ILE D 356 -31.05 20.72 -30.54
C ILE D 356 -29.84 19.89 -30.92
N LYS D 357 -29.55 18.89 -30.08
CA LYS D 357 -28.35 18.07 -30.29
C LYS D 357 -28.59 17.11 -31.45
N ILE D 358 -27.48 16.75 -32.13
CA ILE D 358 -27.54 15.82 -33.27
C ILE D 358 -27.88 14.41 -32.80
N LYS D 359 -28.90 13.83 -33.42
CA LYS D 359 -29.33 12.45 -33.18
C LYS D 359 -28.61 11.48 -34.12
N ARG D 360 -28.54 10.21 -33.70
CA ARG D 360 -27.83 9.18 -34.45
C ARG D 360 -28.45 8.95 -35.82
N GLU D 361 -29.78 8.96 -35.91
CA GLU D 361 -30.45 8.75 -37.18
C GLU D 361 -30.02 9.76 -38.24
N ASP D 362 -29.37 10.87 -37.84
CA ASP D 362 -28.95 11.87 -38.80
C ASP D 362 -27.46 11.80 -39.11
N TYR D 363 -26.70 10.94 -38.43
CA TYR D 363 -25.25 10.89 -38.65
C TYR D 363 -24.92 10.75 -40.14
N GLU D 364 -25.61 9.86 -40.85
CA GLU D 364 -25.25 9.60 -42.24
C GLU D 364 -25.38 10.84 -43.11
N SER D 365 -26.29 11.74 -42.76
CA SER D 365 -26.50 12.93 -43.56
C SER D 365 -25.44 14.01 -43.34
N LEU D 366 -24.62 13.94 -42.27
CA LEU D 366 -23.73 15.05 -41.93
C LEU D 366 -22.70 15.28 -43.03
N PRO D 367 -21.88 14.31 -43.43
CA PRO D 367 -21.15 14.50 -44.69
C PRO D 367 -22.21 14.68 -45.75
N LYS D 368 -22.03 15.67 -46.64
CA LYS D 368 -23.03 16.10 -47.62
C LYS D 368 -23.53 17.47 -47.20
N GLU D 369 -24.11 17.58 -45.99
CA GLU D 369 -24.45 18.90 -45.51
C GLU D 369 -23.19 19.76 -45.50
N VAL D 370 -22.10 19.20 -44.95
CA VAL D 370 -20.84 19.92 -44.92
C VAL D 370 -20.38 20.19 -46.35
N ALA D 371 -20.52 19.18 -47.23
CA ALA D 371 -20.08 19.34 -48.62
C ALA D 371 -21.01 20.26 -49.40
N SER D 372 -22.25 20.44 -48.96
CA SER D 372 -23.18 21.34 -49.62
C SER D 372 -23.08 22.77 -49.11
N ALA D 373 -22.41 22.98 -47.98
CA ALA D 373 -22.19 24.35 -47.50
C ALA D 373 -21.53 25.19 -48.59
N LYS D 374 -22.08 26.40 -48.79
CA LYS D 374 -21.58 27.37 -49.76
C LYS D 374 -20.71 28.44 -49.10
N PRO D 375 -19.38 28.26 -49.08
CA PRO D 375 -18.54 29.32 -48.54
C PRO D 375 -18.77 30.64 -49.26
N LYS D 376 -18.50 31.73 -48.55
CA LYS D 376 -18.66 33.04 -49.17
C LYS D 376 -17.66 33.23 -50.32
N VAL D 377 -16.40 32.85 -50.09
CA VAL D 377 -15.37 32.87 -51.13
C VAL D 377 -15.24 31.46 -51.67
N LEU D 378 -15.24 31.35 -53.00
CA LEU D 378 -15.24 30.05 -53.65
C LEU D 378 -13.81 29.56 -53.85
N LEU D 379 -13.60 28.27 -53.64
CA LEU D 379 -12.29 27.65 -53.70
C LEU D 379 -12.04 27.04 -55.07
N ASP D 380 -10.75 26.96 -55.43
CA ASP D 380 -10.35 26.07 -56.51
C ASP D 380 -11.00 24.70 -56.32
N VAL D 381 -10.61 24.02 -55.24
CA VAL D 381 -10.98 22.63 -54.99
C VAL D 381 -12.45 22.53 -54.60
N LYS D 382 -13.10 21.52 -55.18
CA LYS D 382 -14.44 21.10 -54.79
C LYS D 382 -14.31 19.75 -54.12
N LEU D 383 -15.07 19.54 -53.05
CA LEU D 383 -14.97 18.33 -52.23
C LEU D 383 -16.32 17.64 -52.17
N LYS D 384 -16.30 16.31 -52.10
CA LYS D 384 -17.50 15.49 -52.15
C LYS D 384 -17.75 14.97 -50.74
N ALA D 385 -18.97 14.51 -50.49
CA ALA D 385 -19.31 13.99 -49.17
C ALA D 385 -18.31 12.92 -48.71
N GLU D 386 -17.97 11.97 -49.59
CA GLU D 386 -17.06 10.89 -49.25
C GLU D 386 -15.75 11.42 -48.71
N ASP D 387 -15.39 12.66 -49.02
CA ASP D 387 -14.17 13.28 -48.53
C ASP D 387 -14.29 13.83 -47.11
N PHE D 388 -15.44 13.71 -46.47
CA PHE D 388 -15.67 14.27 -45.15
C PHE D 388 -16.09 13.20 -44.16
N ILE D 389 -15.60 13.34 -42.92
CA ILE D 389 -16.08 12.58 -41.76
C ILE D 389 -16.63 13.56 -40.74
N VAL D 390 -17.80 13.26 -40.19
CA VAL D 390 -18.44 14.10 -39.18
C VAL D 390 -18.59 13.24 -37.92
N ASP D 391 -17.75 13.49 -36.95
CA ASP D 391 -17.67 12.73 -35.71
C ASP D 391 -18.49 13.44 -34.64
N VAL D 392 -19.58 12.82 -34.21
CA VAL D 392 -20.39 13.32 -33.10
C VAL D 392 -19.95 12.60 -31.83
N ILE D 393 -19.39 13.36 -30.89
CA ILE D 393 -18.85 12.82 -29.66
C ILE D 393 -19.76 13.25 -28.53
N ASN D 394 -20.60 12.34 -28.03
CA ASN D 394 -21.46 12.60 -26.89
C ASN D 394 -20.79 12.18 -25.60
N MET D 395 -21.18 12.83 -24.49
CA MET D 395 -20.77 12.40 -23.17
C MET D 395 -21.85 12.75 -22.15
N ASP D 396 -21.81 12.04 -21.02
CA ASP D 396 -22.81 12.10 -19.98
C ASP D 396 -22.57 13.22 -18.96
N TYR D 397 -21.58 14.10 -19.21
CA TYR D 397 -21.20 15.16 -18.27
C TYR D 397 -20.24 14.59 -17.23
N ILE D 405 -22.27 19.37 -10.64
CA ILE D 405 -21.09 19.23 -9.80
C ILE D 405 -21.38 18.10 -8.79
N ASP D 406 -22.21 18.39 -7.77
CA ASP D 406 -22.65 17.37 -6.81
C ASP D 406 -24.13 17.08 -7.08
N HIS D 407 -24.39 15.97 -7.76
CA HIS D 407 -25.72 15.36 -7.81
C HIS D 407 -25.72 14.04 -7.01
N VAL D 408 -24.99 14.02 -5.90
CA VAL D 408 -24.79 12.83 -5.09
C VAL D 408 -25.42 13.05 -3.72
N SER D 409 -25.78 11.94 -3.07
CA SER D 409 -26.47 11.98 -1.79
C SER D 409 -25.50 11.61 -0.68
N PHE D 410 -25.61 12.33 0.44
CA PHE D 410 -24.71 12.16 1.56
C PHE D 410 -25.50 11.93 2.85
N TYR D 411 -24.82 11.40 3.87
CA TYR D 411 -25.40 11.33 5.20
C TYR D 411 -24.38 11.82 6.21
N CYS D 412 -24.82 12.75 7.07
CA CYS D 412 -24.06 13.09 8.27
C CYS D 412 -24.04 11.88 9.22
N LYS D 413 -22.96 11.77 9.99
CA LYS D 413 -22.76 10.56 10.78
C LYS D 413 -24.01 10.22 11.60
N THR D 414 -24.60 11.20 12.31
CA THR D 414 -25.70 10.94 13.23
C THR D 414 -27.04 10.87 12.52
N ALA D 415 -27.15 11.44 11.31
CA ALA D 415 -28.33 11.30 10.47
C ALA D 415 -28.06 10.22 9.45
N PRO D 416 -28.12 8.93 9.83
CA PRO D 416 -27.61 7.88 8.92
C PRO D 416 -28.58 7.47 7.82
N ASN D 417 -29.85 7.89 7.89
CA ASN D 417 -30.86 7.51 6.91
C ASN D 417 -31.54 8.74 6.29
N ARG D 418 -30.80 9.84 6.16
CA ARG D 418 -31.35 11.09 5.65
C ARG D 418 -30.26 11.87 4.94
N ALA D 419 -30.51 12.26 3.69
CA ALA D 419 -29.58 13.11 2.97
C ALA D 419 -29.29 14.39 3.77
N ILE D 420 -28.12 14.97 3.53
CA ILE D 420 -27.74 16.21 4.20
C ILE D 420 -28.38 17.45 3.58
N ARG D 421 -29.00 17.30 2.40
CA ARG D 421 -29.74 18.40 1.78
C ARG D 421 -28.82 19.52 1.34
N ILE D 422 -28.55 19.57 0.02
CA ILE D 422 -27.69 20.59 -0.57
C ILE D 422 -28.52 21.72 -1.19
N THR D 423 -29.80 21.83 -0.85
CA THR D 423 -30.71 22.81 -1.40
C THR D 423 -30.08 23.95 -2.18
N GLU D 433 -18.91 19.27 -14.89
CA GLU D 433 -18.13 20.47 -14.62
C GLU D 433 -17.98 21.29 -15.92
N LYS D 434 -16.75 21.42 -16.43
CA LYS D 434 -16.46 22.20 -17.63
C LYS D 434 -16.39 21.30 -18.86
N PHE D 435 -17.48 20.57 -19.10
CA PHE D 435 -17.56 19.64 -20.22
C PHE D 435 -18.86 19.83 -20.99
N ALA D 436 -18.76 19.95 -22.32
CA ALA D 436 -19.94 20.00 -23.16
C ALA D 436 -20.79 18.72 -22.99
N GLU D 437 -21.94 18.71 -23.61
CA GLU D 437 -22.71 17.48 -23.71
C GLU D 437 -22.70 16.89 -25.13
N GLN D 438 -22.25 17.66 -26.11
CA GLN D 438 -22.02 17.14 -27.46
C GLN D 438 -20.94 17.92 -28.18
N LEU D 439 -19.98 17.19 -28.76
CA LEU D 439 -18.94 17.72 -29.63
C LEU D 439 -19.15 17.24 -31.07
N ILE D 440 -18.77 18.07 -32.03
CA ILE D 440 -18.88 17.73 -33.45
C ILE D 440 -17.56 18.07 -34.10
N ARG D 441 -16.82 17.04 -34.47
CA ARG D 441 -15.56 17.21 -35.18
C ARG D 441 -15.70 16.83 -36.64
N VAL D 442 -14.90 17.45 -37.50
CA VAL D 442 -14.91 17.14 -38.93
C VAL D 442 -13.49 16.85 -39.38
N TYR D 443 -13.35 15.78 -40.16
CA TYR D 443 -12.07 15.37 -40.72
C TYR D 443 -12.21 15.26 -42.23
N CYS D 444 -11.09 15.39 -42.94
CA CYS D 444 -11.07 15.25 -44.38
C CYS D 444 -10.22 14.05 -44.78
N LYS D 445 -10.76 13.21 -45.68
CA LYS D 445 -9.99 12.08 -46.19
C LYS D 445 -8.95 12.53 -47.20
N LYS D 446 -9.19 13.63 -47.91
CA LYS D 446 -8.16 14.22 -48.74
C LYS D 446 -7.17 14.94 -47.85
N VAL D 447 -5.88 14.86 -48.17
CA VAL D 447 -4.84 15.26 -47.24
C VAL D 447 -3.92 16.34 -47.77
N ASP D 448 -4.04 16.74 -49.04
CA ASP D 448 -3.22 17.84 -49.54
C ASP D 448 -3.63 19.18 -48.92
N ARG D 449 -2.68 20.11 -48.90
CA ARG D 449 -2.95 21.42 -48.31
C ARG D 449 -4.16 22.11 -48.95
N LYS D 450 -4.25 22.09 -50.29
CA LYS D 450 -5.31 22.85 -50.93
C LYS D 450 -6.68 22.30 -50.55
N SER D 451 -6.81 20.97 -50.52
CA SER D 451 -8.07 20.34 -50.17
C SER D 451 -8.42 20.56 -48.71
N LEU D 452 -7.42 20.61 -47.84
CA LEU D 452 -7.67 20.79 -46.42
C LEU D 452 -8.17 22.21 -46.14
N TYR D 453 -7.56 23.18 -46.81
CA TYR D 453 -8.08 24.54 -46.76
C TYR D 453 -9.53 24.58 -47.20
N ALA D 454 -9.80 23.99 -48.38
CA ALA D 454 -11.18 23.94 -48.87
C ALA D 454 -12.09 23.38 -47.79
N ALA D 455 -11.64 22.30 -47.14
CA ALA D 455 -12.45 21.63 -46.13
C ALA D 455 -12.78 22.59 -45.00
N ARG D 456 -11.80 23.37 -44.57
CA ARG D 456 -12.06 24.32 -43.50
C ARG D 456 -13.15 25.32 -43.90
N GLN D 457 -13.12 25.76 -45.16
CA GLN D 457 -14.14 26.72 -45.59
C GLN D 457 -15.52 26.07 -45.52
N TYR D 458 -15.63 24.85 -46.06
CA TYR D 458 -16.90 24.13 -46.04
C TYR D 458 -17.38 23.95 -44.61
N PHE D 459 -16.45 23.64 -43.70
CA PHE D 459 -16.83 23.30 -42.33
C PHE D 459 -17.36 24.51 -41.59
N VAL D 460 -16.67 25.65 -41.69
CA VAL D 460 -17.17 26.83 -40.96
C VAL D 460 -18.53 27.24 -41.53
N GLN D 461 -18.70 27.21 -42.85
CA GLN D 461 -19.99 27.58 -43.41
C GLN D 461 -21.10 26.67 -42.89
N TRP D 462 -20.83 25.36 -42.82
CA TRP D 462 -21.82 24.45 -42.23
C TRP D 462 -22.15 24.86 -40.79
N CYS D 463 -21.11 25.17 -40.00
CA CYS D 463 -21.33 25.57 -38.62
C CYS D 463 -22.23 26.80 -38.55
N ALA D 464 -22.05 27.74 -39.48
CA ALA D 464 -22.90 28.93 -39.49
C ALA D 464 -24.33 28.58 -39.88
N ASP D 465 -24.50 27.71 -40.87
CA ASP D 465 -25.83 27.31 -41.31
C ASP D 465 -26.58 26.62 -40.18
N ARG D 466 -25.87 25.81 -39.39
CA ARG D 466 -26.45 25.10 -38.27
C ARG D 466 -26.46 25.93 -36.99
N ASN D 467 -25.89 27.12 -37.01
CA ASN D 467 -25.83 27.98 -35.84
C ASN D 467 -25.14 27.24 -34.69
N PHE D 468 -24.08 26.53 -35.05
CA PHE D 468 -23.20 25.87 -34.10
C PHE D 468 -22.08 26.83 -33.71
N THR D 469 -21.41 26.52 -32.59
CA THR D 469 -20.33 27.39 -32.14
C THR D 469 -19.37 27.66 -33.30
N LYS D 470 -18.81 28.85 -33.30
CA LYS D 470 -17.89 29.23 -34.37
C LYS D 470 -16.57 28.53 -34.14
N PRO D 471 -16.08 27.74 -35.10
CA PRO D 471 -14.90 26.92 -34.85
C PRO D 471 -13.66 27.75 -34.60
N GLN D 472 -12.71 27.12 -33.88
CA GLN D 472 -11.49 27.77 -33.37
C GLN D 472 -11.07 29.02 -34.13
#